data_5B4Y
# 
_entry.id   5B4Y 
# 
_audit_conform.dict_name       mmcif_pdbx.dic 
_audit_conform.dict_version    5.397 
_audit_conform.dict_location   http://mmcif.pdb.org/dictionaries/ascii/mmcif_pdbx.dic 
# 
loop_
_database_2.database_id 
_database_2.database_code 
_database_2.pdbx_database_accession 
_database_2.pdbx_DOI 
PDB   5B4Y         pdb_00005b4y 10.2210/pdb5b4y/pdb 
WWPDB D_1300000494 ?            ?                   
# 
loop_
_pdbx_audit_revision_history.ordinal 
_pdbx_audit_revision_history.data_content_type 
_pdbx_audit_revision_history.major_revision 
_pdbx_audit_revision_history.minor_revision 
_pdbx_audit_revision_history.revision_date 
1 'Structure model' 1 0 2017-04-26 
2 'Structure model' 1 1 2020-02-26 
3 'Structure model' 1 2 2023-11-08 
4 'Structure model' 1 3 2024-10-16 
# 
_pdbx_audit_revision_details.ordinal             1 
_pdbx_audit_revision_details.revision_ordinal    1 
_pdbx_audit_revision_details.data_content_type   'Structure model' 
_pdbx_audit_revision_details.provider            repository 
_pdbx_audit_revision_details.type                'Initial release' 
_pdbx_audit_revision_details.description         ? 
_pdbx_audit_revision_details.details             ? 
# 
loop_
_pdbx_audit_revision_group.ordinal 
_pdbx_audit_revision_group.revision_ordinal 
_pdbx_audit_revision_group.data_content_type 
_pdbx_audit_revision_group.group 
1 2 'Structure model' 'Data collection'        
2 3 'Structure model' 'Data collection'        
3 3 'Structure model' 'Database references'    
4 3 'Structure model' 'Refinement description' 
5 4 'Structure model' 'Structure summary'      
# 
loop_
_pdbx_audit_revision_category.ordinal 
_pdbx_audit_revision_category.revision_ordinal 
_pdbx_audit_revision_category.data_content_type 
_pdbx_audit_revision_category.category 
1 2 'Structure model' diffrn_source                 
2 3 'Structure model' chem_comp_atom                
3 3 'Structure model' chem_comp_bond                
4 3 'Structure model' database_2                    
5 3 'Structure model' pdbx_initial_refinement_model 
6 4 'Structure model' pdbx_entry_details            
7 4 'Structure model' pdbx_modification_feature     
# 
loop_
_pdbx_audit_revision_item.ordinal 
_pdbx_audit_revision_item.revision_ordinal 
_pdbx_audit_revision_item.data_content_type 
_pdbx_audit_revision_item.item 
1 2 'Structure model' '_diffrn_source.pdbx_synchrotron_site'         
2 3 'Structure model' '_database_2.pdbx_DOI'                         
3 3 'Structure model' '_database_2.pdbx_database_accession'          
4 4 'Structure model' '_pdbx_entry_details.has_protein_modification' 
# 
_pdbx_database_status.status_code                     REL 
_pdbx_database_status.status_code_sf                  REL 
_pdbx_database_status.status_code_mr                  ? 
_pdbx_database_status.entry_id                        5B4Y 
_pdbx_database_status.recvd_initial_deposition_date   2016-04-20 
_pdbx_database_status.SG_entry                        N 
_pdbx_database_status.deposit_site                    PDBJ 
_pdbx_database_status.process_site                    PDBJ 
_pdbx_database_status.status_code_cs                  ? 
_pdbx_database_status.methods_development_category    ? 
_pdbx_database_status.pdb_format_compatible           Y 
_pdbx_database_status.status_code_nmr_data            ? 
# 
_pdbx_database_related.content_type   unspecified 
_pdbx_database_related.db_id          5B4X 
_pdbx_database_related.db_name        PDB 
_pdbx_database_related.details        . 
# 
loop_
_audit_author.name 
_audit_author.pdbx_ordinal 
_audit_author.identifier_ORCID 
'Nogi, T.'   1 ? 
'Tabata, S.' 2 ? 
'Hirai, H.'  3 ? 
'Yasui, N.'  4 ? 
'Takagi, J.' 5 ? 
# 
_citation.abstract                  ? 
_citation.abstract_id_CAS           ? 
_citation.book_id_ISBN              ? 
_citation.book_publisher            ? 
_citation.book_publisher_city       ? 
_citation.book_title                ? 
_citation.coordinate_linkage        ? 
_citation.country                   ? 
_citation.database_id_Medline       ? 
_citation.details                   ? 
_citation.id                        primary 
_citation.journal_abbrev            'To Be Published' 
_citation.journal_id_ASTM           ? 
_citation.journal_id_CSD            0353 
_citation.journal_id_ISSN           ? 
_citation.journal_full              ? 
_citation.journal_issue             ? 
_citation.journal_volume            ? 
_citation.language                  ? 
_citation.page_first                ? 
_citation.page_last                 ? 
_citation.title                     
'Crystal structure of the ectodomain from a LDLR close homologue in complex with its physiological ligand.' 
_citation.year                      ? 
_citation.database_id_CSD           ? 
_citation.pdbx_database_id_DOI      ? 
_citation.pdbx_database_id_PubMed   ? 
_citation.unpublished_flag          ? 
# 
loop_
_citation_author.citation_id 
_citation_author.name 
_citation_author.ordinal 
_citation_author.identifier_ORCID 
primary 'Hirai, H.'     1 ? 
primary 'Yasui, N.'     2 ? 
primary 'Yamashita, K.' 3 ? 
primary 'Tabata, S.'    4 ? 
primary 'Yamamoto, M.'  5 ? 
primary 'Takagi, J.'    6 ? 
primary 'Nogi, T.'      7 ? 
# 
loop_
_entity.id 
_entity.type 
_entity.src_method 
_entity.pdbx_description 
_entity.formula_weight 
_entity.pdbx_number_of_molecules 
_entity.pdbx_ec 
_entity.pdbx_mutation 
_entity.pdbx_fragment 
_entity.details 
1 polymer     man 'Low-density lipoprotein receptor-related protein 8' 9624.260 1  ? ? 'UNP RESIDUES 42-124' ? 
2 non-polymer syn 'CALCIUM ION'                                        40.078   2  ? ? ?                     ? 
3 water       nat water                                                18.015   35 ? ? ?                     ? 
# 
_entity_name_com.entity_id   1 
_entity_name_com.name        'LRP-8,Apolipoprotein E receptor 2' 
# 
_entity_poly.entity_id                      1 
_entity_poly.type                           'polypeptide(L)' 
_entity_poly.nstd_linkage                   no 
_entity_poly.nstd_monomer                   no 
_entity_poly.pdbx_seq_one_letter_code       
;GSGPAKECEKDQFQCRNERCIPSVWRCDEDDDCLDHSDEDDCPKKTCADSDFTCDNGHCIHERWKCDGEEECPDGSDESE
ATCTK
;
_entity_poly.pdbx_seq_one_letter_code_can   
;GSGPAKECEKDQFQCRNERCIPSVWRCDEDDDCLDHSDEDDCPKKTCADSDFTCDNGHCIHERWKCDGEEECPDGSDESE
ATCTK
;
_entity_poly.pdbx_strand_id                 B 
_entity_poly.pdbx_target_identifier         ? 
# 
loop_
_pdbx_entity_nonpoly.entity_id 
_pdbx_entity_nonpoly.name 
_pdbx_entity_nonpoly.comp_id 
2 'CALCIUM ION' CA  
3 water         HOH 
# 
loop_
_entity_poly_seq.entity_id 
_entity_poly_seq.num 
_entity_poly_seq.mon_id 
_entity_poly_seq.hetero 
1 1  GLY n 
1 2  SER n 
1 3  GLY n 
1 4  PRO n 
1 5  ALA n 
1 6  LYS n 
1 7  GLU n 
1 8  CYS n 
1 9  GLU n 
1 10 LYS n 
1 11 ASP n 
1 12 GLN n 
1 13 PHE n 
1 14 GLN n 
1 15 CYS n 
1 16 ARG n 
1 17 ASN n 
1 18 GLU n 
1 19 ARG n 
1 20 CYS n 
1 21 ILE n 
1 22 PRO n 
1 23 SER n 
1 24 VAL n 
1 25 TRP n 
1 26 ARG n 
1 27 CYS n 
1 28 ASP n 
1 29 GLU n 
1 30 ASP n 
1 31 ASP n 
1 32 ASP n 
1 33 CYS n 
1 34 LEU n 
1 35 ASP n 
1 36 HIS n 
1 37 SER n 
1 38 ASP n 
1 39 GLU n 
1 40 ASP n 
1 41 ASP n 
1 42 CYS n 
1 43 PRO n 
1 44 LYS n 
1 45 LYS n 
1 46 THR n 
1 47 CYS n 
1 48 ALA n 
1 49 ASP n 
1 50 SER n 
1 51 ASP n 
1 52 PHE n 
1 53 THR n 
1 54 CYS n 
1 55 ASP n 
1 56 ASN n 
1 57 GLY n 
1 58 HIS n 
1 59 CYS n 
1 60 ILE n 
1 61 HIS n 
1 62 GLU n 
1 63 ARG n 
1 64 TRP n 
1 65 LYS n 
1 66 CYS n 
1 67 ASP n 
1 68 GLY n 
1 69 GLU n 
1 70 GLU n 
1 71 GLU n 
1 72 CYS n 
1 73 PRO n 
1 74 ASP n 
1 75 GLY n 
1 76 SER n 
1 77 ASP n 
1 78 GLU n 
1 79 SER n 
1 80 GLU n 
1 81 ALA n 
1 82 THR n 
1 83 CYS n 
1 84 THR n 
1 85 LYS n 
# 
_entity_src_gen.entity_id                          1 
_entity_src_gen.pdbx_src_id                        1 
_entity_src_gen.pdbx_alt_source_flag               sample 
_entity_src_gen.pdbx_seq_type                      'Biological sequence' 
_entity_src_gen.pdbx_beg_seq_num                   1 
_entity_src_gen.pdbx_end_seq_num                   85 
_entity_src_gen.gene_src_common_name               Human 
_entity_src_gen.gene_src_genus                     ? 
_entity_src_gen.pdbx_gene_src_gene                 'LRP8, APOER2' 
_entity_src_gen.gene_src_species                   ? 
_entity_src_gen.gene_src_strain                    ? 
_entity_src_gen.gene_src_tissue                    ? 
_entity_src_gen.gene_src_tissue_fraction           ? 
_entity_src_gen.gene_src_details                   ? 
_entity_src_gen.pdbx_gene_src_fragment             ? 
_entity_src_gen.pdbx_gene_src_scientific_name      'Homo sapiens' 
_entity_src_gen.pdbx_gene_src_ncbi_taxonomy_id     9606 
_entity_src_gen.pdbx_gene_src_variant              ? 
_entity_src_gen.pdbx_gene_src_cell_line            ? 
_entity_src_gen.pdbx_gene_src_atcc                 ? 
_entity_src_gen.pdbx_gene_src_organ                ? 
_entity_src_gen.pdbx_gene_src_organelle            ? 
_entity_src_gen.pdbx_gene_src_cell                 ? 
_entity_src_gen.pdbx_gene_src_cellular_location    ? 
_entity_src_gen.host_org_common_name               ? 
_entity_src_gen.pdbx_host_org_scientific_name      'Escherichia coli' 
_entity_src_gen.pdbx_host_org_ncbi_taxonomy_id     562 
_entity_src_gen.host_org_genus                     ? 
_entity_src_gen.pdbx_host_org_gene                 ? 
_entity_src_gen.pdbx_host_org_organ                ? 
_entity_src_gen.host_org_species                   ? 
_entity_src_gen.pdbx_host_org_tissue               ? 
_entity_src_gen.pdbx_host_org_tissue_fraction      ? 
_entity_src_gen.pdbx_host_org_strain               ? 
_entity_src_gen.pdbx_host_org_variant              ? 
_entity_src_gen.pdbx_host_org_cell_line            ? 
_entity_src_gen.pdbx_host_org_atcc                 ? 
_entity_src_gen.pdbx_host_org_culture_collection   ? 
_entity_src_gen.pdbx_host_org_cell                 ? 
_entity_src_gen.pdbx_host_org_organelle            ? 
_entity_src_gen.pdbx_host_org_cellular_location    ? 
_entity_src_gen.pdbx_host_org_vector_type          ? 
_entity_src_gen.pdbx_host_org_vector               ? 
_entity_src_gen.host_org_details                   ? 
_entity_src_gen.expression_system_id               ? 
_entity_src_gen.plasmid_name                       ? 
_entity_src_gen.plasmid_details                    ? 
_entity_src_gen.pdbx_description                   ? 
# 
loop_
_chem_comp.id 
_chem_comp.type 
_chem_comp.mon_nstd_flag 
_chem_comp.name 
_chem_comp.pdbx_synonyms 
_chem_comp.formula 
_chem_comp.formula_weight 
ALA 'L-peptide linking' y ALANINE         ? 'C3 H7 N O2'     89.093  
ARG 'L-peptide linking' y ARGININE        ? 'C6 H15 N4 O2 1' 175.209 
ASN 'L-peptide linking' y ASPARAGINE      ? 'C4 H8 N2 O3'    132.118 
ASP 'L-peptide linking' y 'ASPARTIC ACID' ? 'C4 H7 N O4'     133.103 
CA  non-polymer         . 'CALCIUM ION'   ? 'Ca 2'           40.078  
CYS 'L-peptide linking' y CYSTEINE        ? 'C3 H7 N O2 S'   121.158 
GLN 'L-peptide linking' y GLUTAMINE       ? 'C5 H10 N2 O3'   146.144 
GLU 'L-peptide linking' y 'GLUTAMIC ACID' ? 'C5 H9 N O4'     147.129 
GLY 'peptide linking'   y GLYCINE         ? 'C2 H5 N O2'     75.067  
HIS 'L-peptide linking' y HISTIDINE       ? 'C6 H10 N3 O2 1' 156.162 
HOH non-polymer         . WATER           ? 'H2 O'           18.015  
ILE 'L-peptide linking' y ISOLEUCINE      ? 'C6 H13 N O2'    131.173 
LEU 'L-peptide linking' y LEUCINE         ? 'C6 H13 N O2'    131.173 
LYS 'L-peptide linking' y LYSINE          ? 'C6 H15 N2 O2 1' 147.195 
PHE 'L-peptide linking' y PHENYLALANINE   ? 'C9 H11 N O2'    165.189 
PRO 'L-peptide linking' y PROLINE         ? 'C5 H9 N O2'     115.130 
SER 'L-peptide linking' y SERINE          ? 'C3 H7 N O3'     105.093 
THR 'L-peptide linking' y THREONINE       ? 'C4 H9 N O3'     119.119 
TRP 'L-peptide linking' y TRYPTOPHAN      ? 'C11 H12 N2 O2'  204.225 
VAL 'L-peptide linking' y VALINE          ? 'C5 H11 N O2'    117.146 
# 
loop_
_pdbx_poly_seq_scheme.asym_id 
_pdbx_poly_seq_scheme.entity_id 
_pdbx_poly_seq_scheme.seq_id 
_pdbx_poly_seq_scheme.mon_id 
_pdbx_poly_seq_scheme.ndb_seq_num 
_pdbx_poly_seq_scheme.pdb_seq_num 
_pdbx_poly_seq_scheme.auth_seq_num 
_pdbx_poly_seq_scheme.pdb_mon_id 
_pdbx_poly_seq_scheme.auth_mon_id 
_pdbx_poly_seq_scheme.pdb_strand_id 
_pdbx_poly_seq_scheme.pdb_ins_code 
_pdbx_poly_seq_scheme.hetero 
A 1 1  GLY 1  39  ?   ?   ?   B . n 
A 1 2  SER 2  40  ?   ?   ?   B . n 
A 1 3  GLY 3  41  ?   ?   ?   B . n 
A 1 4  PRO 4  42  ?   ?   ?   B . n 
A 1 5  ALA 5  43  ?   ?   ?   B . n 
A 1 6  LYS 6  44  44  LYS LYS B . n 
A 1 7  GLU 7  45  45  GLU GLU B . n 
A 1 8  CYS 8  46  46  CYS CYS B . n 
A 1 9  GLU 9  47  47  GLU GLU B . n 
A 1 10 LYS 10 48  48  LYS LYS B . n 
A 1 11 ASP 11 49  49  ASP ASP B . n 
A 1 12 GLN 12 50  50  GLN GLN B . n 
A 1 13 PHE 13 51  51  PHE PHE B . n 
A 1 14 GLN 14 52  52  GLN GLN B . n 
A 1 15 CYS 15 53  53  CYS CYS B . n 
A 1 16 ARG 16 54  54  ARG ARG B . n 
A 1 17 ASN 17 55  55  ASN ASN B . n 
A 1 18 GLU 18 56  56  GLU GLU B . n 
A 1 19 ARG 19 57  57  ARG ARG B . n 
A 1 20 CYS 20 58  58  CYS CYS B . n 
A 1 21 ILE 21 59  59  ILE ILE B . n 
A 1 22 PRO 22 60  60  PRO PRO B . n 
A 1 23 SER 23 61  61  SER SER B . n 
A 1 24 VAL 24 62  62  VAL VAL B . n 
A 1 25 TRP 25 63  63  TRP TRP B . n 
A 1 26 ARG 26 64  64  ARG ARG B . n 
A 1 27 CYS 27 65  65  CYS CYS B . n 
A 1 28 ASP 28 66  66  ASP ASP B . n 
A 1 29 GLU 29 67  67  GLU GLU B . n 
A 1 30 ASP 30 68  68  ASP ASP B . n 
A 1 31 ASP 31 69  69  ASP ASP B . n 
A 1 32 ASP 32 70  70  ASP ASP B . n 
A 1 33 CYS 33 71  71  CYS CYS B . n 
A 1 34 LEU 34 72  72  LEU LEU B . n 
A 1 35 ASP 35 73  73  ASP ASP B . n 
A 1 36 HIS 36 74  74  HIS HIS B . n 
A 1 37 SER 37 75  75  SER SER B . n 
A 1 38 ASP 38 76  76  ASP ASP B . n 
A 1 39 GLU 39 77  77  GLU GLU B . n 
A 1 40 ASP 40 78  78  ASP ASP B . n 
A 1 41 ASP 41 79  79  ASP ASP B . n 
A 1 42 CYS 42 80  80  CYS CYS B . n 
A 1 43 PRO 43 81  81  PRO PRO B . n 
A 1 44 LYS 44 82  82  LYS LYS B . n 
A 1 45 LYS 45 83  83  LYS LYS B . n 
A 1 46 THR 46 84  84  THR THR B . n 
A 1 47 CYS 47 85  85  CYS CYS B . n 
A 1 48 ALA 48 86  86  ALA ALA B . n 
A 1 49 ASP 49 87  87  ASP ASP B . n 
A 1 50 SER 50 88  88  SER SER B . n 
A 1 51 ASP 51 89  89  ASP ASP B . n 
A 1 52 PHE 52 90  90  PHE PHE B . n 
A 1 53 THR 53 91  91  THR THR B . n 
A 1 54 CYS 54 92  92  CYS CYS B . n 
A 1 55 ASP 55 93  93  ASP ASP B . n 
A 1 56 ASN 56 94  94  ASN ASN B . n 
A 1 57 GLY 57 95  95  GLY GLY B . n 
A 1 58 HIS 58 96  96  HIS HIS B . n 
A 1 59 CYS 59 97  97  CYS CYS B . n 
A 1 60 ILE 60 98  98  ILE ILE B . n 
A 1 61 HIS 61 99  99  HIS HIS B . n 
A 1 62 GLU 62 100 100 GLU GLU B . n 
A 1 63 ARG 63 101 101 ARG ARG B . n 
A 1 64 TRP 64 102 102 TRP TRP B . n 
A 1 65 LYS 65 103 103 LYS LYS B . n 
A 1 66 CYS 66 104 104 CYS CYS B . n 
A 1 67 ASP 67 105 105 ASP ASP B . n 
A 1 68 GLY 68 106 106 GLY GLY B . n 
A 1 69 GLU 69 107 107 GLU GLU B . n 
A 1 70 GLU 70 108 108 GLU GLU B . n 
A 1 71 GLU 71 109 109 GLU GLU B . n 
A 1 72 CYS 72 110 110 CYS CYS B . n 
A 1 73 PRO 73 111 111 PRO PRO B . n 
A 1 74 ASP 74 112 112 ASP ASP B . n 
A 1 75 GLY 75 113 113 GLY GLY B . n 
A 1 76 SER 76 114 114 SER SER B . n 
A 1 77 ASP 77 115 115 ASP ASP B . n 
A 1 78 GLU 78 116 116 GLU GLU B . n 
A 1 79 SER 79 117 117 SER SER B . n 
A 1 80 GLU 80 118 118 GLU GLU B . n 
A 1 81 ALA 81 119 119 ALA ALA B . n 
A 1 82 THR 82 120 120 THR THR B . n 
A 1 83 CYS 83 121 121 CYS CYS B . n 
A 1 84 THR 84 122 122 THR THR B . n 
A 1 85 LYS 85 123 ?   ?   ?   B . n 
# 
loop_
_pdbx_nonpoly_scheme.asym_id 
_pdbx_nonpoly_scheme.entity_id 
_pdbx_nonpoly_scheme.mon_id 
_pdbx_nonpoly_scheme.ndb_seq_num 
_pdbx_nonpoly_scheme.pdb_seq_num 
_pdbx_nonpoly_scheme.auth_seq_num 
_pdbx_nonpoly_scheme.pdb_mon_id 
_pdbx_nonpoly_scheme.auth_mon_id 
_pdbx_nonpoly_scheme.pdb_strand_id 
_pdbx_nonpoly_scheme.pdb_ins_code 
B 2 CA  1  3001 3001 CA  CA  B . 
C 2 CA  1  3002 3002 CA  CA  B . 
D 3 HOH 1  3101 4028 HOH HOH B . 
D 3 HOH 2  3102 4035 HOH HOH B . 
D 3 HOH 3  3103 4011 HOH HOH B . 
D 3 HOH 4  3104 4049 HOH HOH B . 
D 3 HOH 5  3105 4012 HOH HOH B . 
D 3 HOH 6  3106 4038 HOH HOH B . 
D 3 HOH 7  3107 4006 HOH HOH B . 
D 3 HOH 8  3108 4002 HOH HOH B . 
D 3 HOH 9  3109 4005 HOH HOH B . 
D 3 HOH 10 3110 4029 HOH HOH B . 
D 3 HOH 11 3111 4021 HOH HOH B . 
D 3 HOH 12 3112 4008 HOH HOH B . 
D 3 HOH 13 3113 4045 HOH HOH B . 
D 3 HOH 14 3114 4016 HOH HOH B . 
D 3 HOH 15 3115 4040 HOH HOH B . 
D 3 HOH 16 3116 4007 HOH HOH B . 
D 3 HOH 17 3117 4025 HOH HOH B . 
D 3 HOH 18 3118 4022 HOH HOH B . 
D 3 HOH 19 3119 4030 HOH HOH B . 
D 3 HOH 20 3120 4010 HOH HOH B . 
D 3 HOH 21 3121 4032 HOH HOH B . 
D 3 HOH 22 3122 4027 HOH HOH B . 
D 3 HOH 23 3123 4020 HOH HOH B . 
D 3 HOH 24 3124 4009 HOH HOH B . 
D 3 HOH 25 3125 4042 HOH HOH B . 
D 3 HOH 26 3126 4017 HOH HOH B . 
D 3 HOH 27 3127 4046 HOH HOH B . 
D 3 HOH 28 3128 4003 HOH HOH B . 
D 3 HOH 29 3129 4018 HOH HOH B . 
D 3 HOH 30 3130 4037 HOH HOH B . 
D 3 HOH 31 3131 4048 HOH HOH B . 
D 3 HOH 32 3132 4041 HOH HOH B . 
D 3 HOH 33 3133 4014 HOH HOH B . 
D 3 HOH 34 3134 4043 HOH HOH B . 
D 3 HOH 35 3135 4044 HOH HOH B . 
# 
loop_
_software.citation_id 
_software.classification 
_software.compiler_name 
_software.compiler_version 
_software.contact_author 
_software.contact_author_email 
_software.date 
_software.description 
_software.dependencies 
_software.hardware 
_software.language 
_software.location 
_software.mods 
_software.name 
_software.os 
_software.os_version 
_software.type 
_software.version 
_software.pdbx_ordinal 
? refinement       ? ? ? ? ? ? ? ? ? ? ? REFMAC  ? ? ? 5.7.0029 1 
? 'data reduction' ? ? ? ? ? ? ? ? ? ? ? XDS     ? ? ? .        2 
? 'data scaling'   ? ? ? ? ? ? ? ? ? ? ? Aimless ? ? ? .        3 
? phasing          ? ? ? ? ? ? ? ? ? ? ? MOLREP  ? ? ? .        4 
# 
_cell.angle_alpha                  90.00 
_cell.angle_alpha_esd              ? 
_cell.angle_beta                   90.00 
_cell.angle_beta_esd               ? 
_cell.angle_gamma                  90.00 
_cell.angle_gamma_esd              ? 
_cell.entry_id                     5B4Y 
_cell.details                      ? 
_cell.formula_units_Z              ? 
_cell.length_a                     31.162 
_cell.length_a_esd                 ? 
_cell.length_b                     41.780 
_cell.length_b_esd                 ? 
_cell.length_c                     55.063 
_cell.length_c_esd                 ? 
_cell.volume                       ? 
_cell.volume_esd                   ? 
_cell.Z_PDB                        4 
_cell.reciprocal_angle_alpha       ? 
_cell.reciprocal_angle_beta        ? 
_cell.reciprocal_angle_gamma       ? 
_cell.reciprocal_angle_alpha_esd   ? 
_cell.reciprocal_angle_beta_esd    ? 
_cell.reciprocal_angle_gamma_esd   ? 
_cell.reciprocal_length_a          ? 
_cell.reciprocal_length_b          ? 
_cell.reciprocal_length_c          ? 
_cell.reciprocal_length_a_esd      ? 
_cell.reciprocal_length_b_esd      ? 
_cell.reciprocal_length_c_esd      ? 
_cell.pdbx_unique_axis             ? 
# 
_symmetry.entry_id                         5B4Y 
_symmetry.cell_setting                     ? 
_symmetry.Int_Tables_number                19 
_symmetry.space_group_name_Hall            ? 
_symmetry.space_group_name_H-M             'P 21 21 21' 
_symmetry.pdbx_full_space_group_name_H-M   ? 
# 
_exptl.absorpt_coefficient_mu     ? 
_exptl.absorpt_correction_T_max   ? 
_exptl.absorpt_correction_T_min   ? 
_exptl.absorpt_correction_type    ? 
_exptl.absorpt_process_details    ? 
_exptl.entry_id                   5B4Y 
_exptl.crystals_number            1 
_exptl.details                    ? 
_exptl.method                     'X-RAY DIFFRACTION' 
_exptl.method_details             ? 
# 
_exptl_crystal.colour                      ? 
_exptl_crystal.density_diffrn              ? 
_exptl_crystal.density_Matthews            1.86 
_exptl_crystal.density_method              ? 
_exptl_crystal.density_percent_sol         33.95 
_exptl_crystal.description                 ? 
_exptl_crystal.F_000                       ? 
_exptl_crystal.id                          1 
_exptl_crystal.preparation                 ? 
_exptl_crystal.size_max                    ? 
_exptl_crystal.size_mid                    ? 
_exptl_crystal.size_min                    ? 
_exptl_crystal.size_rad                    ? 
_exptl_crystal.colour_lustre               ? 
_exptl_crystal.colour_modifier             ? 
_exptl_crystal.colour_primary              ? 
_exptl_crystal.density_meas                ? 
_exptl_crystal.density_meas_esd            ? 
_exptl_crystal.density_meas_gt             ? 
_exptl_crystal.density_meas_lt             ? 
_exptl_crystal.density_meas_temp           ? 
_exptl_crystal.density_meas_temp_esd       ? 
_exptl_crystal.density_meas_temp_gt        ? 
_exptl_crystal.density_meas_temp_lt        ? 
_exptl_crystal.pdbx_crystal_image_url      ? 
_exptl_crystal.pdbx_crystal_image_format   ? 
_exptl_crystal.pdbx_mosaicity              ? 
_exptl_crystal.pdbx_mosaicity_esd          ? 
# 
_exptl_crystal_grow.apparatus       ? 
_exptl_crystal_grow.atmosphere      ? 
_exptl_crystal_grow.crystal_id      1 
_exptl_crystal_grow.details         ? 
_exptl_crystal_grow.method          'VAPOR DIFFUSION, SITTING DROP' 
_exptl_crystal_grow.method_ref      ? 
_exptl_crystal_grow.pH              7.0 
_exptl_crystal_grow.pressure        ? 
_exptl_crystal_grow.pressure_esd    ? 
_exptl_crystal_grow.seeding         ? 
_exptl_crystal_grow.seeding_ref     ? 
_exptl_crystal_grow.temp            293 
_exptl_crystal_grow.temp_details    ? 
_exptl_crystal_grow.temp_esd        ? 
_exptl_crystal_grow.time            ? 
_exptl_crystal_grow.pdbx_details    '20%(wt./vol.) PEG monomethylether 2000, 100 mM Tris-Cl (pH 7.0)' 
_exptl_crystal_grow.pdbx_pH_range   ? 
# 
_diffrn.ambient_environment    ? 
_diffrn.ambient_temp           100 
_diffrn.ambient_temp_details   ? 
_diffrn.ambient_temp_esd       ? 
_diffrn.crystal_id             1 
_diffrn.crystal_support        ? 
_diffrn.crystal_treatment      ? 
_diffrn.details                ? 
_diffrn.id                     1 
_diffrn.ambient_pressure       ? 
_diffrn.ambient_pressure_esd   ? 
_diffrn.ambient_pressure_gt    ? 
_diffrn.ambient_pressure_lt    ? 
_diffrn.ambient_temp_gt        ? 
_diffrn.ambient_temp_lt        ? 
# 
_diffrn_detector.details                      ? 
_diffrn_detector.detector                     CCD 
_diffrn_detector.diffrn_id                    1 
_diffrn_detector.type                         'ADSC QUANTUM 315r' 
_diffrn_detector.area_resol_mean              ? 
_diffrn_detector.dtime                        ? 
_diffrn_detector.pdbx_frames_total            ? 
_diffrn_detector.pdbx_collection_time_total   ? 
_diffrn_detector.pdbx_collection_date         2010-10-04 
# 
_diffrn_radiation.collimation                      ? 
_diffrn_radiation.diffrn_id                        1 
_diffrn_radiation.filter_edge                      ? 
_diffrn_radiation.inhomogeneity                    ? 
_diffrn_radiation.monochromator                    ? 
_diffrn_radiation.polarisn_norm                    ? 
_diffrn_radiation.polarisn_ratio                   ? 
_diffrn_radiation.probe                            ? 
_diffrn_radiation.type                             ? 
_diffrn_radiation.xray_symbol                      ? 
_diffrn_radiation.wavelength_id                    1 
_diffrn_radiation.pdbx_monochromatic_or_laue_m_l   M 
_diffrn_radiation.pdbx_wavelength_list             ? 
_diffrn_radiation.pdbx_wavelength                  ? 
_diffrn_radiation.pdbx_diffrn_protocol             'SINGLE WAVELENGTH' 
_diffrn_radiation.pdbx_analyzer                    ? 
_diffrn_radiation.pdbx_scattering_type             x-ray 
# 
_diffrn_radiation_wavelength.id           1 
_diffrn_radiation_wavelength.wavelength   1.00000 
_diffrn_radiation_wavelength.wt           1.0 
# 
_diffrn_source.current                     ? 
_diffrn_source.details                     ? 
_diffrn_source.diffrn_id                   1 
_diffrn_source.power                       ? 
_diffrn_source.size                        ? 
_diffrn_source.source                      SYNCHROTRON 
_diffrn_source.target                      ? 
_diffrn_source.type                        'PHOTON FACTORY BEAMLINE BL-17A' 
_diffrn_source.voltage                     ? 
_diffrn_source.take-off_angle              ? 
_diffrn_source.pdbx_wavelength_list        1.00000 
_diffrn_source.pdbx_wavelength             ? 
_diffrn_source.pdbx_synchrotron_beamline   BL-17A 
_diffrn_source.pdbx_synchrotron_site       'Photon Factory' 
# 
_reflns.B_iso_Wilson_estimate            ? 
_reflns.entry_id                         5B4Y 
_reflns.data_reduction_details           ? 
_reflns.data_reduction_method            ? 
_reflns.d_resolution_high                1.90 
_reflns.d_resolution_low                 41.8 
_reflns.details                          ? 
_reflns.limit_h_max                      ? 
_reflns.limit_h_min                      ? 
_reflns.limit_k_max                      ? 
_reflns.limit_k_min                      ? 
_reflns.limit_l_max                      ? 
_reflns.limit_l_min                      ? 
_reflns.number_all                       ? 
_reflns.number_obs                       6043 
_reflns.observed_criterion               ? 
_reflns.observed_criterion_F_max         ? 
_reflns.observed_criterion_F_min         ? 
_reflns.observed_criterion_I_max         ? 
_reflns.observed_criterion_I_min         ? 
_reflns.observed_criterion_sigma_F       ? 
_reflns.observed_criterion_sigma_I       ? 
_reflns.percent_possible_obs             99.9 
_reflns.R_free_details                   ? 
_reflns.Rmerge_F_all                     ? 
_reflns.Rmerge_F_obs                     ? 
_reflns.Friedel_coverage                 ? 
_reflns.number_gt                        ? 
_reflns.threshold_expression             ? 
_reflns.pdbx_redundancy                  5.2 
_reflns.pdbx_Rmerge_I_obs                0.086 
_reflns.pdbx_Rmerge_I_all                ? 
_reflns.pdbx_Rsym_value                  ? 
_reflns.pdbx_netI_over_av_sigmaI         ? 
_reflns.pdbx_netI_over_sigmaI            9.5 
_reflns.pdbx_res_netI_over_av_sigmaI_2   ? 
_reflns.pdbx_res_netI_over_sigmaI_2      ? 
_reflns.pdbx_chi_squared                 ? 
_reflns.pdbx_scaling_rejects             ? 
_reflns.pdbx_d_res_high_opt              ? 
_reflns.pdbx_d_res_low_opt               ? 
_reflns.pdbx_d_res_opt_method            ? 
_reflns.phase_calculation_details        ? 
_reflns.pdbx_Rrim_I_all                  ? 
_reflns.pdbx_Rpim_I_all                  ? 
_reflns.pdbx_d_opt                       ? 
_reflns.pdbx_number_measured_all         ? 
_reflns.pdbx_diffrn_id                   1 
_reflns.pdbx_ordinal                     1 
_reflns.pdbx_CC_half                     0.995 
_reflns.pdbx_R_split                     ? 
# 
_reflns_shell.d_res_high                  1.90 
_reflns_shell.d_res_low                   1.94 
_reflns_shell.meanI_over_sigI_all         ? 
_reflns_shell.meanI_over_sigI_obs         ? 
_reflns_shell.number_measured_all         ? 
_reflns_shell.number_measured_obs         ? 
_reflns_shell.number_possible             ? 
_reflns_shell.number_unique_all           ? 
_reflns_shell.number_unique_obs           ? 
_reflns_shell.percent_possible_all        ? 
_reflns_shell.percent_possible_obs        ? 
_reflns_shell.Rmerge_F_all                ? 
_reflns_shell.Rmerge_F_obs                ? 
_reflns_shell.Rmerge_I_all                ? 
_reflns_shell.Rmerge_I_obs                ? 
_reflns_shell.meanI_over_sigI_gt          ? 
_reflns_shell.meanI_over_uI_all           ? 
_reflns_shell.meanI_over_uI_gt            ? 
_reflns_shell.number_measured_gt          ? 
_reflns_shell.number_unique_gt            ? 
_reflns_shell.percent_possible_gt         ? 
_reflns_shell.Rmerge_F_gt                 ? 
_reflns_shell.Rmerge_I_gt                 ? 
_reflns_shell.pdbx_redundancy             ? 
_reflns_shell.pdbx_Rsym_value             ? 
_reflns_shell.pdbx_chi_squared            ? 
_reflns_shell.pdbx_netI_over_sigmaI_all   ? 
_reflns_shell.pdbx_netI_over_sigmaI_obs   ? 
_reflns_shell.pdbx_Rrim_I_all             ? 
_reflns_shell.pdbx_Rpim_I_all             ? 
_reflns_shell.pdbx_rejects                ? 
_reflns_shell.pdbx_ordinal                1 
_reflns_shell.pdbx_diffrn_id              1 
_reflns_shell.pdbx_CC_half                ? 
_reflns_shell.pdbx_R_split                ? 
# 
_refine.aniso_B[1][1]                            -1.42 
_refine.aniso_B[1][2]                            0.00 
_refine.aniso_B[1][3]                            0.00 
_refine.aniso_B[2][2]                            2.18 
_refine.aniso_B[2][3]                            0.00 
_refine.aniso_B[3][3]                            -0.77 
_refine.B_iso_max                                ? 
_refine.B_iso_mean                               37.362 
_refine.B_iso_min                                ? 
_refine.correlation_coeff_Fo_to_Fc               0.942 
_refine.correlation_coeff_Fo_to_Fc_free          0.946 
_refine.details                                  'HYDROGENS HAVE BEEN USED IF PRESENT IN THE INPUT' 
_refine.diff_density_max                         ? 
_refine.diff_density_max_esd                     ? 
_refine.diff_density_min                         ? 
_refine.diff_density_min_esd                     ? 
_refine.diff_density_rms                         ? 
_refine.diff_density_rms_esd                     ? 
_refine.entry_id                                 5B4Y 
_refine.pdbx_refine_id                           'X-RAY DIFFRACTION' 
_refine.ls_abs_structure_details                 ? 
_refine.ls_abs_structure_Flack                   ? 
_refine.ls_abs_structure_Flack_esd               ? 
_refine.ls_abs_structure_Rogers                  ? 
_refine.ls_abs_structure_Rogers_esd              ? 
_refine.ls_d_res_high                            1.90 
_refine.ls_d_res_low                             33.28 
_refine.ls_extinction_coef                       ? 
_refine.ls_extinction_coef_esd                   ? 
_refine.ls_extinction_expression                 ? 
_refine.ls_extinction_method                     ? 
_refine.ls_goodness_of_fit_all                   ? 
_refine.ls_goodness_of_fit_all_esd               ? 
_refine.ls_goodness_of_fit_obs                   ? 
_refine.ls_goodness_of_fit_obs_esd               ? 
_refine.ls_hydrogen_treatment                    ? 
_refine.ls_matrix_type                           ? 
_refine.ls_number_constraints                    ? 
_refine.ls_number_parameters                     ? 
_refine.ls_number_reflns_all                     ? 
_refine.ls_number_reflns_obs                     5710 
_refine.ls_number_reflns_R_free                  302 
_refine.ls_number_reflns_R_work                  ? 
_refine.ls_number_restraints                     ? 
_refine.ls_percent_reflns_obs                    99.83 
_refine.ls_percent_reflns_R_free                 5.0 
_refine.ls_R_factor_all                          ? 
_refine.ls_R_factor_obs                          0.21197 
_refine.ls_R_factor_R_free                       0.24667 
_refine.ls_R_factor_R_free_error                 ? 
_refine.ls_R_factor_R_free_error_details         ? 
_refine.ls_R_factor_R_work                       0.21023 
_refine.ls_R_Fsqd_factor_obs                     ? 
_refine.ls_R_I_factor_obs                        ? 
_refine.ls_redundancy_reflns_all                 ? 
_refine.ls_redundancy_reflns_obs                 ? 
_refine.ls_restrained_S_all                      ? 
_refine.ls_restrained_S_obs                      ? 
_refine.ls_shift_over_esd_max                    ? 
_refine.ls_shift_over_esd_mean                   ? 
_refine.ls_structure_factor_coef                 ? 
_refine.ls_weighting_details                     ? 
_refine.ls_weighting_scheme                      ? 
_refine.ls_wR_factor_all                         ? 
_refine.ls_wR_factor_obs                         ? 
_refine.ls_wR_factor_R_free                      ? 
_refine.ls_wR_factor_R_work                      ? 
_refine.occupancy_max                            ? 
_refine.occupancy_min                            ? 
_refine.solvent_model_details                    ? 
_refine.solvent_model_param_bsol                 ? 
_refine.solvent_model_param_ksol                 ? 
_refine.ls_R_factor_gt                           ? 
_refine.ls_goodness_of_fit_gt                    ? 
_refine.ls_goodness_of_fit_ref                   ? 
_refine.ls_shift_over_su_max                     ? 
_refine.ls_shift_over_su_max_lt                  ? 
_refine.ls_shift_over_su_mean                    ? 
_refine.ls_shift_over_su_mean_lt                 ? 
_refine.pdbx_ls_sigma_I                          ? 
_refine.pdbx_ls_sigma_F                          ? 
_refine.pdbx_ls_sigma_Fsqd                       ? 
_refine.pdbx_data_cutoff_high_absF               ? 
_refine.pdbx_data_cutoff_high_rms_absF           ? 
_refine.pdbx_data_cutoff_low_absF                ? 
_refine.pdbx_isotropic_thermal_model             ? 
_refine.pdbx_ls_cross_valid_method               THROUGHOUT 
_refine.pdbx_method_to_determine_struct          'MOLECULAR REPLACEMENT' 
_refine.pdbx_starting_model                      3A7Q 
_refine.pdbx_stereochemistry_target_values       ? 
_refine.pdbx_R_Free_selection_details            RANDOM 
_refine.pdbx_stereochem_target_val_spec_case     ? 
_refine.pdbx_overall_ESU_R                       0.191 
_refine.pdbx_overall_ESU_R_Free                  0.163 
_refine.pdbx_solvent_vdw_probe_radii             1.20 
_refine.pdbx_solvent_ion_probe_radii             0.80 
_refine.pdbx_solvent_shrinkage_radii             0.80 
_refine.pdbx_real_space_R                        ? 
_refine.pdbx_density_correlation                 ? 
_refine.pdbx_pd_number_of_powder_patterns        ? 
_refine.pdbx_pd_number_of_points                 ? 
_refine.pdbx_pd_meas_number_of_points            ? 
_refine.pdbx_pd_proc_ls_prof_R_factor            ? 
_refine.pdbx_pd_proc_ls_prof_wR_factor           ? 
_refine.pdbx_pd_Marquardt_correlation_coeff      ? 
_refine.pdbx_pd_Fsqrd_R_factor                   ? 
_refine.pdbx_pd_ls_matrix_band_width             ? 
_refine.pdbx_overall_phase_error                 ? 
_refine.pdbx_overall_SU_R_free_Cruickshank_DPI   ? 
_refine.pdbx_overall_SU_R_free_Blow_DPI          ? 
_refine.pdbx_overall_SU_R_Blow_DPI               ? 
_refine.pdbx_TLS_residual_ADP_flag               ? 
_refine.pdbx_diffrn_id                           1 
_refine.overall_SU_B                             4.523 
_refine.overall_SU_ML                            0.121 
_refine.overall_SU_R_Cruickshank_DPI             ? 
_refine.overall_SU_R_free                        ? 
_refine.overall_FOM_free_R_set                   ? 
_refine.overall_FOM_work_R_set                   ? 
_refine.pdbx_average_fsc_overall                 ? 
_refine.pdbx_average_fsc_work                    ? 
_refine.pdbx_average_fsc_free                    ? 
# 
_refine_hist.pdbx_refine_id                   'X-RAY DIFFRACTION' 
_refine_hist.cycle_id                         1 
_refine_hist.pdbx_number_atoms_protein        626 
_refine_hist.pdbx_number_atoms_nucleic_acid   0 
_refine_hist.pdbx_number_atoms_ligand         2 
_refine_hist.number_atoms_solvent             35 
_refine_hist.number_atoms_total               663 
_refine_hist.d_res_high                       1.90 
_refine_hist.d_res_low                        33.28 
# 
loop_
_refine_ls_restr.pdbx_refine_id 
_refine_ls_restr.criterion 
_refine_ls_restr.dev_ideal 
_refine_ls_restr.dev_ideal_target 
_refine_ls_restr.number 
_refine_ls_restr.rejects 
_refine_ls_restr.type 
_refine_ls_restr.weight 
_refine_ls_restr.pdbx_restraint_function 
'X-RAY DIFFRACTION' ? 0.012  0.019  649 ? r_bond_refined_d             ? ? 
'X-RAY DIFFRACTION' ? ?      ?      ?   ? r_bond_other_d               ? ? 
'X-RAY DIFFRACTION' ? 1.674  1.929  880 ? r_angle_refined_deg          ? ? 
'X-RAY DIFFRACTION' ? ?      ?      ?   ? r_angle_other_deg            ? ? 
'X-RAY DIFFRACTION' ? 6.715  5.000  80  ? r_dihedral_angle_1_deg       ? ? 
'X-RAY DIFFRACTION' ? 36.981 26.429 42  ? r_dihedral_angle_2_deg       ? ? 
'X-RAY DIFFRACTION' ? 14.600 15.000 111 ? r_dihedral_angle_3_deg       ? ? 
'X-RAY DIFFRACTION' ? 23.663 15.000 4   ? r_dihedral_angle_4_deg       ? ? 
'X-RAY DIFFRACTION' ? 0.126  0.200  85  ? r_chiral_restr               ? ? 
'X-RAY DIFFRACTION' ? 0.007  0.021  524 ? r_gen_planes_refined         ? ? 
'X-RAY DIFFRACTION' ? ?      ?      ?   ? r_gen_planes_other           ? ? 
'X-RAY DIFFRACTION' ? ?      ?      ?   ? r_nbd_refined                ? ? 
'X-RAY DIFFRACTION' ? ?      ?      ?   ? r_nbd_other                  ? ? 
'X-RAY DIFFRACTION' ? ?      ?      ?   ? r_nbtor_refined              ? ? 
'X-RAY DIFFRACTION' ? ?      ?      ?   ? r_nbtor_other                ? ? 
'X-RAY DIFFRACTION' ? ?      ?      ?   ? r_xyhbond_nbd_refined        ? ? 
'X-RAY DIFFRACTION' ? ?      ?      ?   ? r_xyhbond_nbd_other          ? ? 
'X-RAY DIFFRACTION' ? ?      ?      ?   ? r_metal_ion_refined          ? ? 
'X-RAY DIFFRACTION' ? ?      ?      ?   ? r_metal_ion_other            ? ? 
'X-RAY DIFFRACTION' ? ?      ?      ?   ? r_symmetry_vdw_refined       ? ? 
'X-RAY DIFFRACTION' ? ?      ?      ?   ? r_symmetry_vdw_other         ? ? 
'X-RAY DIFFRACTION' ? ?      ?      ?   ? r_symmetry_hbond_refined     ? ? 
'X-RAY DIFFRACTION' ? ?      ?      ?   ? r_symmetry_hbond_other       ? ? 
'X-RAY DIFFRACTION' ? ?      ?      ?   ? r_symmetry_metal_ion_refined ? ? 
'X-RAY DIFFRACTION' ? ?      ?      ?   ? r_symmetry_metal_ion_other   ? ? 
'X-RAY DIFFRACTION' ? ?      ?      ?   ? r_mcbond_it                  ? ? 
'X-RAY DIFFRACTION' ? ?      ?      ?   ? r_mcbond_other               ? ? 
'X-RAY DIFFRACTION' ? ?      ?      ?   ? r_mcangle_it                 ? ? 
'X-RAY DIFFRACTION' ? ?      ?      ?   ? r_mcangle_other              ? ? 
'X-RAY DIFFRACTION' ? ?      ?      ?   ? r_scbond_it                  ? ? 
'X-RAY DIFFRACTION' ? ?      ?      ?   ? r_scbond_other               ? ? 
'X-RAY DIFFRACTION' ? ?      ?      ?   ? r_scangle_it                 ? ? 
'X-RAY DIFFRACTION' ? ?      ?      ?   ? r_scangle_other              ? ? 
'X-RAY DIFFRACTION' ? ?      ?      ?   ? r_long_range_B_refined       ? ? 
'X-RAY DIFFRACTION' ? ?      ?      ?   ? r_long_range_B_other         ? ? 
'X-RAY DIFFRACTION' ? ?      ?      ?   ? r_rigid_bond_restr           ? ? 
'X-RAY DIFFRACTION' ? ?      ?      ?   ? r_sphericity_free            ? ? 
'X-RAY DIFFRACTION' ? ?      ?      ?   ? r_sphericity_bonded          ? ? 
# 
_refine_ls_shell.pdbx_refine_id                   'X-RAY DIFFRACTION' 
_refine_ls_shell.d_res_high                       1.900 
_refine_ls_shell.d_res_low                        1.949 
_refine_ls_shell.number_reflns_all                ? 
_refine_ls_shell.number_reflns_obs                ? 
_refine_ls_shell.number_reflns_R_free             32 
_refine_ls_shell.number_reflns_R_work             390 
_refine_ls_shell.percent_reflns_obs               100.00 
_refine_ls_shell.percent_reflns_R_free            ? 
_refine_ls_shell.R_factor_all                     ? 
_refine_ls_shell.R_factor_obs                     ? 
_refine_ls_shell.R_factor_R_free                  0.282 
_refine_ls_shell.R_factor_R_free_error            ? 
_refine_ls_shell.R_factor_R_work                  0.315 
_refine_ls_shell.redundancy_reflns_all            ? 
_refine_ls_shell.redundancy_reflns_obs            ? 
_refine_ls_shell.wR_factor_all                    ? 
_refine_ls_shell.wR_factor_obs                    ? 
_refine_ls_shell.wR_factor_R_free                 ? 
_refine_ls_shell.wR_factor_R_work                 ? 
_refine_ls_shell.pdbx_total_number_of_bins_used   20 
_refine_ls_shell.pdbx_phase_error                 ? 
_refine_ls_shell.pdbx_fsc_work                    ? 
_refine_ls_shell.pdbx_fsc_free                    ? 
# 
_struct.entry_id                     5B4Y 
_struct.title                        'Crystal structure of the LA12 fragment of ApoER2' 
_struct.pdbx_model_details           ? 
_struct.pdbx_formula_weight          ? 
_struct.pdbx_formula_weight_method   ? 
_struct.pdbx_model_type_details      ? 
_struct.pdbx_CASP_flag               N 
# 
_struct_keywords.entry_id        5B4Y 
_struct_keywords.text            'signal transduction, SIGNALING PROTEIN' 
_struct_keywords.pdbx_keywords   'SIGNALING PROTEIN' 
# 
loop_
_struct_asym.id 
_struct_asym.pdbx_blank_PDB_chainid_flag 
_struct_asym.pdbx_modified 
_struct_asym.entity_id 
_struct_asym.details 
A N N 1 ? 
B N N 2 ? 
C N N 2 ? 
D N N 3 ? 
# 
_struct_ref.id                         1 
_struct_ref.db_name                    UNP 
_struct_ref.db_code                    LRP8_HUMAN 
_struct_ref.pdbx_db_accession          Q14114 
_struct_ref.pdbx_db_isoform            ? 
_struct_ref.entity_id                  1 
_struct_ref.pdbx_seq_one_letter_code   
;GPAKDCEKDQFQCRNERCIPSVWRCDEDDDCLDHSDEDDCPKKTCADSDFTCDNGHCIHERWKCDGEEECPDGSDESEAT
CTK
;
_struct_ref.pdbx_align_begin           42 
# 
_struct_ref_seq.align_id                      1 
_struct_ref_seq.ref_id                        1 
_struct_ref_seq.pdbx_PDB_id_code              5B4Y 
_struct_ref_seq.pdbx_strand_id                B 
_struct_ref_seq.seq_align_beg                 3 
_struct_ref_seq.pdbx_seq_align_beg_ins_code   ? 
_struct_ref_seq.seq_align_end                 85 
_struct_ref_seq.pdbx_seq_align_end_ins_code   ? 
_struct_ref_seq.pdbx_db_accession             Q14114 
_struct_ref_seq.db_align_beg                  42 
_struct_ref_seq.pdbx_db_align_beg_ins_code    ? 
_struct_ref_seq.db_align_end                  124 
_struct_ref_seq.pdbx_db_align_end_ins_code    ? 
_struct_ref_seq.pdbx_auth_seq_align_beg       41 
_struct_ref_seq.pdbx_auth_seq_align_end       123 
# 
loop_
_struct_ref_seq_dif.align_id 
_struct_ref_seq_dif.pdbx_pdb_id_code 
_struct_ref_seq_dif.mon_id 
_struct_ref_seq_dif.pdbx_pdb_strand_id 
_struct_ref_seq_dif.seq_num 
_struct_ref_seq_dif.pdbx_pdb_ins_code 
_struct_ref_seq_dif.pdbx_seq_db_name 
_struct_ref_seq_dif.pdbx_seq_db_accession_code 
_struct_ref_seq_dif.db_mon_id 
_struct_ref_seq_dif.pdbx_seq_db_seq_num 
_struct_ref_seq_dif.details 
_struct_ref_seq_dif.pdbx_auth_seq_num 
_struct_ref_seq_dif.pdbx_ordinal 
1 5B4Y GLY B 1 ? UNP Q14114 ?   ?  'expression tag'       39 1 
1 5B4Y SER B 2 ? UNP Q14114 ?   ?  'expression tag'       40 2 
1 5B4Y GLU B 7 ? UNP Q14114 ASP 46 'see sequence details' 45 3 
# 
_pdbx_struct_assembly.id                   1 
_pdbx_struct_assembly.details              author_defined_assembly 
_pdbx_struct_assembly.method_details       ? 
_pdbx_struct_assembly.oligomeric_details   monomeric 
_pdbx_struct_assembly.oligomeric_count     1 
# 
_pdbx_struct_assembly_gen.assembly_id       1 
_pdbx_struct_assembly_gen.oper_expression   1 
_pdbx_struct_assembly_gen.asym_id_list      A,B,C,D 
# 
_pdbx_struct_oper_list.id                   1 
_pdbx_struct_oper_list.type                 'identity operation' 
_pdbx_struct_oper_list.name                 1_555 
_pdbx_struct_oper_list.symmetry_operation   x,y,z 
_pdbx_struct_oper_list.matrix[1][1]         1.0000000000 
_pdbx_struct_oper_list.matrix[1][2]         0.0000000000 
_pdbx_struct_oper_list.matrix[1][3]         0.0000000000 
_pdbx_struct_oper_list.vector[1]            0.0000000000 
_pdbx_struct_oper_list.matrix[2][1]         0.0000000000 
_pdbx_struct_oper_list.matrix[2][2]         1.0000000000 
_pdbx_struct_oper_list.matrix[2][3]         0.0000000000 
_pdbx_struct_oper_list.vector[2]            0.0000000000 
_pdbx_struct_oper_list.matrix[3][1]         0.0000000000 
_pdbx_struct_oper_list.matrix[3][2]         0.0000000000 
_pdbx_struct_oper_list.matrix[3][3]         1.0000000000 
_pdbx_struct_oper_list.vector[3]            0.0000000000 
# 
loop_
_struct_conf.conf_type_id 
_struct_conf.id 
_struct_conf.pdbx_PDB_helix_id 
_struct_conf.beg_label_comp_id 
_struct_conf.beg_label_asym_id 
_struct_conf.beg_label_seq_id 
_struct_conf.pdbx_beg_PDB_ins_code 
_struct_conf.end_label_comp_id 
_struct_conf.end_label_asym_id 
_struct_conf.end_label_seq_id 
_struct_conf.pdbx_end_PDB_ins_code 
_struct_conf.beg_auth_comp_id 
_struct_conf.beg_auth_asym_id 
_struct_conf.beg_auth_seq_id 
_struct_conf.end_auth_comp_id 
_struct_conf.end_auth_asym_id 
_struct_conf.end_auth_seq_id 
_struct_conf.pdbx_PDB_helix_class 
_struct_conf.details 
_struct_conf.pdbx_PDB_helix_length 
HELX_P HELX_P1 AA1 VAL A 24 ? ARG A 26 ? VAL B 62  ARG B 64  5 ? 3 
HELX_P HELX_P2 AA2 HIS A 36 ? ASP A 40 ? HIS B 74  ASP B 78  5 ? 5 
HELX_P HELX_P3 AA3 ARG A 63 ? LYS A 65 ? ARG B 101 LYS B 103 5 ? 3 
# 
_struct_conf_type.id          HELX_P 
_struct_conf_type.criteria    ? 
_struct_conf_type.reference   ? 
# 
loop_
_struct_conn.id 
_struct_conn.conn_type_id 
_struct_conn.pdbx_leaving_atom_flag 
_struct_conn.pdbx_PDB_id 
_struct_conn.ptnr1_label_asym_id 
_struct_conn.ptnr1_label_comp_id 
_struct_conn.ptnr1_label_seq_id 
_struct_conn.ptnr1_label_atom_id 
_struct_conn.pdbx_ptnr1_label_alt_id 
_struct_conn.pdbx_ptnr1_PDB_ins_code 
_struct_conn.pdbx_ptnr1_standard_comp_id 
_struct_conn.ptnr1_symmetry 
_struct_conn.ptnr2_label_asym_id 
_struct_conn.ptnr2_label_comp_id 
_struct_conn.ptnr2_label_seq_id 
_struct_conn.ptnr2_label_atom_id 
_struct_conn.pdbx_ptnr2_label_alt_id 
_struct_conn.pdbx_ptnr2_PDB_ins_code 
_struct_conn.ptnr1_auth_asym_id 
_struct_conn.ptnr1_auth_comp_id 
_struct_conn.ptnr1_auth_seq_id 
_struct_conn.ptnr2_auth_asym_id 
_struct_conn.ptnr2_auth_comp_id 
_struct_conn.ptnr2_auth_seq_id 
_struct_conn.ptnr2_symmetry 
_struct_conn.pdbx_ptnr3_label_atom_id 
_struct_conn.pdbx_ptnr3_label_seq_id 
_struct_conn.pdbx_ptnr3_label_comp_id 
_struct_conn.pdbx_ptnr3_label_asym_id 
_struct_conn.pdbx_ptnr3_label_alt_id 
_struct_conn.pdbx_ptnr3_PDB_ins_code 
_struct_conn.details 
_struct_conn.pdbx_dist_value 
_struct_conn.pdbx_value_order 
_struct_conn.pdbx_role 
disulf1  disulf ? ? A CYS 8  SG  ? ? ? 1_555 A CYS 20 SG ? ? B CYS 46  B CYS 58   1_555 ? ? ? ? ? ? ? 2.030 ? ? 
disulf2  disulf ? ? A CYS 15 SG  ? ? ? 1_555 A CYS 33 SG ? ? B CYS 53  B CYS 71   1_555 ? ? ? ? ? ? ? 1.978 ? ? 
disulf3  disulf ? ? A CYS 27 SG  ? ? ? 1_555 A CYS 42 SG ? ? B CYS 65  B CYS 80   1_555 ? ? ? ? ? ? ? 2.000 ? ? 
disulf4  disulf ? ? A CYS 47 SG  ? ? ? 1_555 A CYS 59 SG ? ? B CYS 85  B CYS 97   1_555 ? ? ? ? ? ? ? 2.026 ? ? 
disulf5  disulf ? ? A CYS 54 SG  ? ? ? 1_555 A CYS 72 SG ? ? B CYS 92  B CYS 110  1_555 ? ? ? ? ? ? ? 2.020 ? ? 
disulf6  disulf ? ? A CYS 66 SG  ? ? ? 1_555 A CYS 83 SG ? ? B CYS 104 B CYS 121  1_555 ? ? ? ? ? ? ? 2.035 ? ? 
metalc1  metalc ? ? A TRP 25 O   ? ? ? 1_555 B CA  .  CA ? ? B TRP 63  B CA  3001 1_555 ? ? ? ? ? ? ? 2.311 ? ? 
metalc2  metalc ? ? A ASP 28 OD2 ? ? ? 1_555 B CA  .  CA ? ? B ASP 66  B CA  3001 1_555 ? ? ? ? ? ? ? 2.226 ? ? 
metalc3  metalc ? ? A ASP 30 O   ? ? ? 1_555 B CA  .  CA ? ? B ASP 68  B CA  3001 1_555 ? ? ? ? ? ? ? 2.203 ? ? 
metalc4  metalc ? ? A ASP 32 OD2 ? ? ? 1_555 B CA  .  CA ? ? B ASP 70  B CA  3001 1_555 ? ? ? ? ? ? ? 2.238 ? ? 
metalc5  metalc ? ? A ASP 38 OD2 ? ? ? 1_555 B CA  .  CA ? ? B ASP 76  B CA  3001 1_555 ? ? ? ? ? ? ? 2.327 ? ? 
metalc6  metalc ? ? A GLU 39 OE2 ? ? ? 1_555 B CA  .  CA ? ? B GLU 77  B CA  3001 1_555 ? ? ? ? ? ? ? 2.333 ? ? 
metalc7  metalc ? ? A TRP 64 O   ? ? ? 1_555 C CA  .  CA ? ? B TRP 102 B CA  3002 1_555 ? ? ? ? ? ? ? 2.272 ? ? 
metalc8  metalc ? ? A ASP 67 OD2 ? ? ? 1_555 C CA  .  CA ? ? B ASP 105 B CA  3002 1_555 ? ? ? ? ? ? ? 2.748 ? ? 
metalc9  metalc ? ? A GLU 69 O   ? ? ? 1_555 C CA  .  CA ? ? B GLU 107 B CA  3002 1_555 ? ? ? ? ? ? ? 2.027 ? ? 
metalc10 metalc ? ? A GLU 71 OE1 ? ? ? 1_555 C CA  .  CA ? ? B GLU 109 B CA  3002 1_555 ? ? ? ? ? ? ? 2.289 ? ? 
metalc11 metalc ? ? A ASP 77 OD2 ? ? ? 1_555 C CA  .  CA ? ? B ASP 115 B CA  3002 1_555 ? ? ? ? ? ? ? 2.445 ? ? 
metalc12 metalc ? ? A GLU 78 OE2 ? ? ? 1_555 C CA  .  CA ? ? B GLU 116 B CA  3002 1_555 ? ? ? ? ? ? ? 2.089 ? ? 
# 
loop_
_struct_conn_type.id 
_struct_conn_type.criteria 
_struct_conn_type.reference 
disulf ? ? 
metalc ? ? 
# 
loop_
_pdbx_struct_conn_angle.id 
_pdbx_struct_conn_angle.ptnr1_label_atom_id 
_pdbx_struct_conn_angle.ptnr1_label_alt_id 
_pdbx_struct_conn_angle.ptnr1_label_asym_id 
_pdbx_struct_conn_angle.ptnr1_label_comp_id 
_pdbx_struct_conn_angle.ptnr1_label_seq_id 
_pdbx_struct_conn_angle.ptnr1_auth_atom_id 
_pdbx_struct_conn_angle.ptnr1_auth_asym_id 
_pdbx_struct_conn_angle.ptnr1_auth_comp_id 
_pdbx_struct_conn_angle.ptnr1_auth_seq_id 
_pdbx_struct_conn_angle.ptnr1_PDB_ins_code 
_pdbx_struct_conn_angle.ptnr1_symmetry 
_pdbx_struct_conn_angle.ptnr2_label_atom_id 
_pdbx_struct_conn_angle.ptnr2_label_alt_id 
_pdbx_struct_conn_angle.ptnr2_label_asym_id 
_pdbx_struct_conn_angle.ptnr2_label_comp_id 
_pdbx_struct_conn_angle.ptnr2_label_seq_id 
_pdbx_struct_conn_angle.ptnr2_auth_atom_id 
_pdbx_struct_conn_angle.ptnr2_auth_asym_id 
_pdbx_struct_conn_angle.ptnr2_auth_comp_id 
_pdbx_struct_conn_angle.ptnr2_auth_seq_id 
_pdbx_struct_conn_angle.ptnr2_PDB_ins_code 
_pdbx_struct_conn_angle.ptnr2_symmetry 
_pdbx_struct_conn_angle.ptnr3_label_atom_id 
_pdbx_struct_conn_angle.ptnr3_label_alt_id 
_pdbx_struct_conn_angle.ptnr3_label_asym_id 
_pdbx_struct_conn_angle.ptnr3_label_comp_id 
_pdbx_struct_conn_angle.ptnr3_label_seq_id 
_pdbx_struct_conn_angle.ptnr3_auth_atom_id 
_pdbx_struct_conn_angle.ptnr3_auth_asym_id 
_pdbx_struct_conn_angle.ptnr3_auth_comp_id 
_pdbx_struct_conn_angle.ptnr3_auth_seq_id 
_pdbx_struct_conn_angle.ptnr3_PDB_ins_code 
_pdbx_struct_conn_angle.ptnr3_symmetry 
_pdbx_struct_conn_angle.value 
_pdbx_struct_conn_angle.value_esd 
1  O   ? A TRP 25 ? B TRP 63  ? 1_555 CA ? B CA . ? B CA 3001 ? 1_555 OD2 ? A ASP 28 ? B ASP 66  ? 1_555 84.9  ? 
2  O   ? A TRP 25 ? B TRP 63  ? 1_555 CA ? B CA . ? B CA 3001 ? 1_555 O   ? A ASP 30 ? B ASP 68  ? 1_555 174.1 ? 
3  OD2 ? A ASP 28 ? B ASP 66  ? 1_555 CA ? B CA . ? B CA 3001 ? 1_555 O   ? A ASP 30 ? B ASP 68  ? 1_555 91.8  ? 
4  O   ? A TRP 25 ? B TRP 63  ? 1_555 CA ? B CA . ? B CA 3001 ? 1_555 OD2 ? A ASP 32 ? B ASP 70  ? 1_555 98.0  ? 
5  OD2 ? A ASP 28 ? B ASP 66  ? 1_555 CA ? B CA . ? B CA 3001 ? 1_555 OD2 ? A ASP 32 ? B ASP 70  ? 1_555 98.6  ? 
6  O   ? A ASP 30 ? B ASP 68  ? 1_555 CA ? B CA . ? B CA 3001 ? 1_555 OD2 ? A ASP 32 ? B ASP 70  ? 1_555 87.3  ? 
7  O   ? A TRP 25 ? B TRP 63  ? 1_555 CA ? B CA . ? B CA 3001 ? 1_555 OD2 ? A ASP 38 ? B ASP 76  ? 1_555 100.6 ? 
8  OD2 ? A ASP 28 ? B ASP 66  ? 1_555 CA ? B CA . ? B CA 3001 ? 1_555 OD2 ? A ASP 38 ? B ASP 76  ? 1_555 173.3 ? 
9  O   ? A ASP 30 ? B ASP 68  ? 1_555 CA ? B CA . ? B CA 3001 ? 1_555 OD2 ? A ASP 38 ? B ASP 76  ? 1_555 82.4  ? 
10 OD2 ? A ASP 32 ? B ASP 70  ? 1_555 CA ? B CA . ? B CA 3001 ? 1_555 OD2 ? A ASP 38 ? B ASP 76  ? 1_555 84.6  ? 
11 O   ? A TRP 25 ? B TRP 63  ? 1_555 CA ? B CA . ? B CA 3001 ? 1_555 OE2 ? A GLU 39 ? B GLU 77  ? 1_555 88.8  ? 
12 OD2 ? A ASP 28 ? B ASP 66  ? 1_555 CA ? B CA . ? B CA 3001 ? 1_555 OE2 ? A GLU 39 ? B GLU 77  ? 1_555 80.5  ? 
13 O   ? A ASP 30 ? B ASP 68  ? 1_555 CA ? B CA . ? B CA 3001 ? 1_555 OE2 ? A GLU 39 ? B GLU 77  ? 1_555 85.9  ? 
14 OD2 ? A ASP 32 ? B ASP 70  ? 1_555 CA ? B CA . ? B CA 3001 ? 1_555 OE2 ? A GLU 39 ? B GLU 77  ? 1_555 173.1 ? 
15 OD2 ? A ASP 38 ? B ASP 76  ? 1_555 CA ? B CA . ? B CA 3001 ? 1_555 OE2 ? A GLU 39 ? B GLU 77  ? 1_555 95.7  ? 
16 O   ? A TRP 64 ? B TRP 102 ? 1_555 CA ? C CA . ? B CA 3002 ? 1_555 OD2 ? A ASP 67 ? B ASP 105 ? 1_555 81.5  ? 
17 O   ? A TRP 64 ? B TRP 102 ? 1_555 CA ? C CA . ? B CA 3002 ? 1_555 O   ? A GLU 69 ? B GLU 107 ? 1_555 170.9 ? 
18 OD2 ? A ASP 67 ? B ASP 105 ? 1_555 CA ? C CA . ? B CA 3002 ? 1_555 O   ? A GLU 69 ? B GLU 107 ? 1_555 96.5  ? 
19 O   ? A TRP 64 ? B TRP 102 ? 1_555 CA ? C CA . ? B CA 3002 ? 1_555 OE1 ? A GLU 71 ? B GLU 109 ? 1_555 83.8  ? 
20 OD2 ? A ASP 67 ? B ASP 105 ? 1_555 CA ? C CA . ? B CA 3002 ? 1_555 OE1 ? A GLU 71 ? B GLU 109 ? 1_555 92.7  ? 
21 O   ? A GLU 69 ? B GLU 107 ? 1_555 CA ? C CA . ? B CA 3002 ? 1_555 OE1 ? A GLU 71 ? B GLU 109 ? 1_555 87.5  ? 
22 O   ? A TRP 64 ? B TRP 102 ? 1_555 CA ? C CA . ? B CA 3002 ? 1_555 OD2 ? A ASP 77 ? B ASP 115 ? 1_555 92.4  ? 
23 OD2 ? A ASP 67 ? B ASP 105 ? 1_555 CA ? C CA . ? B CA 3002 ? 1_555 OD2 ? A ASP 77 ? B ASP 115 ? 1_555 172.4 ? 
24 O   ? A GLU 69 ? B GLU 107 ? 1_555 CA ? C CA . ? B CA 3002 ? 1_555 OD2 ? A ASP 77 ? B ASP 115 ? 1_555 88.9  ? 
25 OE1 ? A GLU 71 ? B GLU 109 ? 1_555 CA ? C CA . ? B CA 3002 ? 1_555 OD2 ? A ASP 77 ? B ASP 115 ? 1_555 82.1  ? 
26 O   ? A TRP 64 ? B TRP 102 ? 1_555 CA ? C CA . ? B CA 3002 ? 1_555 OE2 ? A GLU 78 ? B GLU 116 ? 1_555 102.2 ? 
27 OD2 ? A ASP 67 ? B ASP 105 ? 1_555 CA ? C CA . ? B CA 3002 ? 1_555 OE2 ? A GLU 78 ? B GLU 116 ? 1_555 89.2  ? 
28 O   ? A GLU 69 ? B GLU 107 ? 1_555 CA ? C CA . ? B CA 3002 ? 1_555 OE2 ? A GLU 78 ? B GLU 116 ? 1_555 86.6  ? 
29 OE1 ? A GLU 71 ? B GLU 109 ? 1_555 CA ? C CA . ? B CA 3002 ? 1_555 OE2 ? A GLU 78 ? B GLU 116 ? 1_555 174.0 ? 
30 OD2 ? A ASP 77 ? B ASP 115 ? 1_555 CA ? C CA . ? B CA 3002 ? 1_555 OE2 ? A GLU 78 ? B GLU 116 ? 1_555 96.5  ? 
# 
loop_
_pdbx_modification_feature.ordinal 
_pdbx_modification_feature.label_comp_id 
_pdbx_modification_feature.label_asym_id 
_pdbx_modification_feature.label_seq_id 
_pdbx_modification_feature.label_alt_id 
_pdbx_modification_feature.modified_residue_label_comp_id 
_pdbx_modification_feature.modified_residue_label_asym_id 
_pdbx_modification_feature.modified_residue_label_seq_id 
_pdbx_modification_feature.modified_residue_label_alt_id 
_pdbx_modification_feature.auth_comp_id 
_pdbx_modification_feature.auth_asym_id 
_pdbx_modification_feature.auth_seq_id 
_pdbx_modification_feature.PDB_ins_code 
_pdbx_modification_feature.symmetry 
_pdbx_modification_feature.modified_residue_auth_comp_id 
_pdbx_modification_feature.modified_residue_auth_asym_id 
_pdbx_modification_feature.modified_residue_auth_seq_id 
_pdbx_modification_feature.modified_residue_PDB_ins_code 
_pdbx_modification_feature.modified_residue_symmetry 
_pdbx_modification_feature.comp_id_linking_atom 
_pdbx_modification_feature.modified_residue_id_linking_atom 
_pdbx_modification_feature.modified_residue_id 
_pdbx_modification_feature.ref_pcm_id 
_pdbx_modification_feature.ref_comp_id 
_pdbx_modification_feature.type 
_pdbx_modification_feature.category 
1 CYS A 8  ? CYS A 20 ? CYS B 46  ? 1_555 CYS B 58  ? 1_555 SG SG . . . None 'Disulfide bridge' 
2 CYS A 15 ? CYS A 33 ? CYS B 53  ? 1_555 CYS B 71  ? 1_555 SG SG . . . None 'Disulfide bridge' 
3 CYS A 27 ? CYS A 42 ? CYS B 65  ? 1_555 CYS B 80  ? 1_555 SG SG . . . None 'Disulfide bridge' 
4 CYS A 47 ? CYS A 59 ? CYS B 85  ? 1_555 CYS B 97  ? 1_555 SG SG . . . None 'Disulfide bridge' 
5 CYS A 54 ? CYS A 72 ? CYS B 92  ? 1_555 CYS B 110 ? 1_555 SG SG . . . None 'Disulfide bridge' 
6 CYS A 66 ? CYS A 83 ? CYS B 104 ? 1_555 CYS B 121 ? 1_555 SG SG . . . None 'Disulfide bridge' 
# 
loop_
_struct_sheet.id 
_struct_sheet.type 
_struct_sheet.number_strands 
_struct_sheet.details 
AA1 ? 2 ? 
AA2 ? 2 ? 
# 
loop_
_struct_sheet_order.sheet_id 
_struct_sheet_order.range_id_1 
_struct_sheet_order.range_id_2 
_struct_sheet_order.offset 
_struct_sheet_order.sense 
AA1 1 2 ? anti-parallel 
AA2 1 2 ? anti-parallel 
# 
loop_
_struct_sheet_range.sheet_id 
_struct_sheet_range.id 
_struct_sheet_range.beg_label_comp_id 
_struct_sheet_range.beg_label_asym_id 
_struct_sheet_range.beg_label_seq_id 
_struct_sheet_range.pdbx_beg_PDB_ins_code 
_struct_sheet_range.end_label_comp_id 
_struct_sheet_range.end_label_asym_id 
_struct_sheet_range.end_label_seq_id 
_struct_sheet_range.pdbx_end_PDB_ins_code 
_struct_sheet_range.beg_auth_comp_id 
_struct_sheet_range.beg_auth_asym_id 
_struct_sheet_range.beg_auth_seq_id 
_struct_sheet_range.end_auth_comp_id 
_struct_sheet_range.end_auth_asym_id 
_struct_sheet_range.end_auth_seq_id 
AA1 1 GLN A 12 ? GLN A 14 ? GLN B 50 GLN B 52 
AA1 2 CYS A 20 ? PRO A 22 ? CYS B 58 PRO B 60 
AA2 1 ASP A 51 ? THR A 53 ? ASP B 89 THR B 91 
AA2 2 CYS A 59 ? HIS A 61 ? CYS B 97 HIS B 99 
# 
loop_
_pdbx_struct_sheet_hbond.sheet_id 
_pdbx_struct_sheet_hbond.range_id_1 
_pdbx_struct_sheet_hbond.range_id_2 
_pdbx_struct_sheet_hbond.range_1_label_atom_id 
_pdbx_struct_sheet_hbond.range_1_label_comp_id 
_pdbx_struct_sheet_hbond.range_1_label_asym_id 
_pdbx_struct_sheet_hbond.range_1_label_seq_id 
_pdbx_struct_sheet_hbond.range_1_PDB_ins_code 
_pdbx_struct_sheet_hbond.range_1_auth_atom_id 
_pdbx_struct_sheet_hbond.range_1_auth_comp_id 
_pdbx_struct_sheet_hbond.range_1_auth_asym_id 
_pdbx_struct_sheet_hbond.range_1_auth_seq_id 
_pdbx_struct_sheet_hbond.range_2_label_atom_id 
_pdbx_struct_sheet_hbond.range_2_label_comp_id 
_pdbx_struct_sheet_hbond.range_2_label_asym_id 
_pdbx_struct_sheet_hbond.range_2_label_seq_id 
_pdbx_struct_sheet_hbond.range_2_PDB_ins_code 
_pdbx_struct_sheet_hbond.range_2_auth_atom_id 
_pdbx_struct_sheet_hbond.range_2_auth_comp_id 
_pdbx_struct_sheet_hbond.range_2_auth_asym_id 
_pdbx_struct_sheet_hbond.range_2_auth_seq_id 
AA1 1 2 N PHE A 13 ? N PHE B 51 O ILE A 21 ? O ILE B 59 
AA2 1 2 N PHE A 52 ? N PHE B 90 O ILE A 60 ? O ILE B 98 
# 
loop_
_struct_site.id 
_struct_site.pdbx_evidence_code 
_struct_site.pdbx_auth_asym_id 
_struct_site.pdbx_auth_comp_id 
_struct_site.pdbx_auth_seq_id 
_struct_site.pdbx_auth_ins_code 
_struct_site.pdbx_num_residues 
_struct_site.details 
AC1 Software B CA 3001 ? 6 'binding site for residue CA B 3001' 
AC2 Software B CA 3002 ? 6 'binding site for residue CA B 3002' 
# 
loop_
_struct_site_gen.id 
_struct_site_gen.site_id 
_struct_site_gen.pdbx_num_res 
_struct_site_gen.label_comp_id 
_struct_site_gen.label_asym_id 
_struct_site_gen.label_seq_id 
_struct_site_gen.pdbx_auth_ins_code 
_struct_site_gen.auth_comp_id 
_struct_site_gen.auth_asym_id 
_struct_site_gen.auth_seq_id 
_struct_site_gen.label_atom_id 
_struct_site_gen.label_alt_id 
_struct_site_gen.symmetry 
_struct_site_gen.details 
1  AC1 6 TRP A 25 ? TRP B 63  . ? 1_555 ? 
2  AC1 6 ASP A 28 ? ASP B 66  . ? 1_555 ? 
3  AC1 6 ASP A 30 ? ASP B 68  . ? 1_555 ? 
4  AC1 6 ASP A 32 ? ASP B 70  . ? 1_555 ? 
5  AC1 6 ASP A 38 ? ASP B 76  . ? 1_555 ? 
6  AC1 6 GLU A 39 ? GLU B 77  . ? 1_555 ? 
7  AC2 6 TRP A 64 ? TRP B 102 . ? 1_555 ? 
8  AC2 6 ASP A 67 ? ASP B 105 . ? 1_555 ? 
9  AC2 6 GLU A 69 ? GLU B 107 . ? 1_555 ? 
10 AC2 6 GLU A 71 ? GLU B 109 . ? 1_555 ? 
11 AC2 6 ASP A 77 ? ASP B 115 . ? 1_555 ? 
12 AC2 6 GLU A 78 ? GLU B 116 . ? 1_555 ? 
# 
_pdbx_entry_details.compound_details           ? 
_pdbx_entry_details.entry_id                   5B4Y 
_pdbx_entry_details.nonpolymer_details         ? 
_pdbx_entry_details.sequence_details           'UNP Q14114 shows Natural variant at this position' 
_pdbx_entry_details.source_details             ? 
_pdbx_entry_details.has_ligand_of_interest     ? 
_pdbx_entry_details.has_protein_modification   Y 
# 
_pdbx_validate_close_contact.id               1 
_pdbx_validate_close_contact.PDB_model_num    1 
_pdbx_validate_close_contact.auth_atom_id_1   O 
_pdbx_validate_close_contact.auth_asym_id_1   B 
_pdbx_validate_close_contact.auth_comp_id_1   HOH 
_pdbx_validate_close_contact.auth_seq_id_1    3120 
_pdbx_validate_close_contact.PDB_ins_code_1   ? 
_pdbx_validate_close_contact.label_alt_id_1   ? 
_pdbx_validate_close_contact.auth_atom_id_2   O 
_pdbx_validate_close_contact.auth_asym_id_2   B 
_pdbx_validate_close_contact.auth_comp_id_2   HOH 
_pdbx_validate_close_contact.auth_seq_id_2    3135 
_pdbx_validate_close_contact.PDB_ins_code_2   ? 
_pdbx_validate_close_contact.label_alt_id_2   ? 
_pdbx_validate_close_contact.dist             2.12 
# 
_pdbx_validate_torsion.id              1 
_pdbx_validate_torsion.PDB_model_num   1 
_pdbx_validate_torsion.auth_comp_id    LEU 
_pdbx_validate_torsion.auth_asym_id    B 
_pdbx_validate_torsion.auth_seq_id     72 
_pdbx_validate_torsion.PDB_ins_code    ? 
_pdbx_validate_torsion.label_alt_id    ? 
_pdbx_validate_torsion.phi             84.34 
_pdbx_validate_torsion.psi             -15.15 
# 
loop_
_pdbx_unobs_or_zero_occ_residues.id 
_pdbx_unobs_or_zero_occ_residues.PDB_model_num 
_pdbx_unobs_or_zero_occ_residues.polymer_flag 
_pdbx_unobs_or_zero_occ_residues.occupancy_flag 
_pdbx_unobs_or_zero_occ_residues.auth_asym_id 
_pdbx_unobs_or_zero_occ_residues.auth_comp_id 
_pdbx_unobs_or_zero_occ_residues.auth_seq_id 
_pdbx_unobs_or_zero_occ_residues.PDB_ins_code 
_pdbx_unobs_or_zero_occ_residues.label_asym_id 
_pdbx_unobs_or_zero_occ_residues.label_comp_id 
_pdbx_unobs_or_zero_occ_residues.label_seq_id 
1 1 Y 1 B GLY 39  ? A GLY 1  
2 1 Y 1 B SER 40  ? A SER 2  
3 1 Y 1 B GLY 41  ? A GLY 3  
4 1 Y 1 B PRO 42  ? A PRO 4  
5 1 Y 1 B ALA 43  ? A ALA 5  
6 1 Y 1 B LYS 123 ? A LYS 85 
# 
loop_
_chem_comp_atom.comp_id 
_chem_comp_atom.atom_id 
_chem_comp_atom.type_symbol 
_chem_comp_atom.pdbx_aromatic_flag 
_chem_comp_atom.pdbx_stereo_config 
_chem_comp_atom.pdbx_ordinal 
ALA N    N  N N 1   
ALA CA   C  N S 2   
ALA C    C  N N 3   
ALA O    O  N N 4   
ALA CB   C  N N 5   
ALA OXT  O  N N 6   
ALA H    H  N N 7   
ALA H2   H  N N 8   
ALA HA   H  N N 9   
ALA HB1  H  N N 10  
ALA HB2  H  N N 11  
ALA HB3  H  N N 12  
ALA HXT  H  N N 13  
ARG N    N  N N 14  
ARG CA   C  N S 15  
ARG C    C  N N 16  
ARG O    O  N N 17  
ARG CB   C  N N 18  
ARG CG   C  N N 19  
ARG CD   C  N N 20  
ARG NE   N  N N 21  
ARG CZ   C  N N 22  
ARG NH1  N  N N 23  
ARG NH2  N  N N 24  
ARG OXT  O  N N 25  
ARG H    H  N N 26  
ARG H2   H  N N 27  
ARG HA   H  N N 28  
ARG HB2  H  N N 29  
ARG HB3  H  N N 30  
ARG HG2  H  N N 31  
ARG HG3  H  N N 32  
ARG HD2  H  N N 33  
ARG HD3  H  N N 34  
ARG HE   H  N N 35  
ARG HH11 H  N N 36  
ARG HH12 H  N N 37  
ARG HH21 H  N N 38  
ARG HH22 H  N N 39  
ARG HXT  H  N N 40  
ASN N    N  N N 41  
ASN CA   C  N S 42  
ASN C    C  N N 43  
ASN O    O  N N 44  
ASN CB   C  N N 45  
ASN CG   C  N N 46  
ASN OD1  O  N N 47  
ASN ND2  N  N N 48  
ASN OXT  O  N N 49  
ASN H    H  N N 50  
ASN H2   H  N N 51  
ASN HA   H  N N 52  
ASN HB2  H  N N 53  
ASN HB3  H  N N 54  
ASN HD21 H  N N 55  
ASN HD22 H  N N 56  
ASN HXT  H  N N 57  
ASP N    N  N N 58  
ASP CA   C  N S 59  
ASP C    C  N N 60  
ASP O    O  N N 61  
ASP CB   C  N N 62  
ASP CG   C  N N 63  
ASP OD1  O  N N 64  
ASP OD2  O  N N 65  
ASP OXT  O  N N 66  
ASP H    H  N N 67  
ASP H2   H  N N 68  
ASP HA   H  N N 69  
ASP HB2  H  N N 70  
ASP HB3  H  N N 71  
ASP HD2  H  N N 72  
ASP HXT  H  N N 73  
CA  CA   CA N N 74  
CYS N    N  N N 75  
CYS CA   C  N R 76  
CYS C    C  N N 77  
CYS O    O  N N 78  
CYS CB   C  N N 79  
CYS SG   S  N N 80  
CYS OXT  O  N N 81  
CYS H    H  N N 82  
CYS H2   H  N N 83  
CYS HA   H  N N 84  
CYS HB2  H  N N 85  
CYS HB3  H  N N 86  
CYS HG   H  N N 87  
CYS HXT  H  N N 88  
GLN N    N  N N 89  
GLN CA   C  N S 90  
GLN C    C  N N 91  
GLN O    O  N N 92  
GLN CB   C  N N 93  
GLN CG   C  N N 94  
GLN CD   C  N N 95  
GLN OE1  O  N N 96  
GLN NE2  N  N N 97  
GLN OXT  O  N N 98  
GLN H    H  N N 99  
GLN H2   H  N N 100 
GLN HA   H  N N 101 
GLN HB2  H  N N 102 
GLN HB3  H  N N 103 
GLN HG2  H  N N 104 
GLN HG3  H  N N 105 
GLN HE21 H  N N 106 
GLN HE22 H  N N 107 
GLN HXT  H  N N 108 
GLU N    N  N N 109 
GLU CA   C  N S 110 
GLU C    C  N N 111 
GLU O    O  N N 112 
GLU CB   C  N N 113 
GLU CG   C  N N 114 
GLU CD   C  N N 115 
GLU OE1  O  N N 116 
GLU OE2  O  N N 117 
GLU OXT  O  N N 118 
GLU H    H  N N 119 
GLU H2   H  N N 120 
GLU HA   H  N N 121 
GLU HB2  H  N N 122 
GLU HB3  H  N N 123 
GLU HG2  H  N N 124 
GLU HG3  H  N N 125 
GLU HE2  H  N N 126 
GLU HXT  H  N N 127 
GLY N    N  N N 128 
GLY CA   C  N N 129 
GLY C    C  N N 130 
GLY O    O  N N 131 
GLY OXT  O  N N 132 
GLY H    H  N N 133 
GLY H2   H  N N 134 
GLY HA2  H  N N 135 
GLY HA3  H  N N 136 
GLY HXT  H  N N 137 
HIS N    N  N N 138 
HIS CA   C  N S 139 
HIS C    C  N N 140 
HIS O    O  N N 141 
HIS CB   C  N N 142 
HIS CG   C  Y N 143 
HIS ND1  N  Y N 144 
HIS CD2  C  Y N 145 
HIS CE1  C  Y N 146 
HIS NE2  N  Y N 147 
HIS OXT  O  N N 148 
HIS H    H  N N 149 
HIS H2   H  N N 150 
HIS HA   H  N N 151 
HIS HB2  H  N N 152 
HIS HB3  H  N N 153 
HIS HD1  H  N N 154 
HIS HD2  H  N N 155 
HIS HE1  H  N N 156 
HIS HE2  H  N N 157 
HIS HXT  H  N N 158 
HOH O    O  N N 159 
HOH H1   H  N N 160 
HOH H2   H  N N 161 
ILE N    N  N N 162 
ILE CA   C  N S 163 
ILE C    C  N N 164 
ILE O    O  N N 165 
ILE CB   C  N S 166 
ILE CG1  C  N N 167 
ILE CG2  C  N N 168 
ILE CD1  C  N N 169 
ILE OXT  O  N N 170 
ILE H    H  N N 171 
ILE H2   H  N N 172 
ILE HA   H  N N 173 
ILE HB   H  N N 174 
ILE HG12 H  N N 175 
ILE HG13 H  N N 176 
ILE HG21 H  N N 177 
ILE HG22 H  N N 178 
ILE HG23 H  N N 179 
ILE HD11 H  N N 180 
ILE HD12 H  N N 181 
ILE HD13 H  N N 182 
ILE HXT  H  N N 183 
LEU N    N  N N 184 
LEU CA   C  N S 185 
LEU C    C  N N 186 
LEU O    O  N N 187 
LEU CB   C  N N 188 
LEU CG   C  N N 189 
LEU CD1  C  N N 190 
LEU CD2  C  N N 191 
LEU OXT  O  N N 192 
LEU H    H  N N 193 
LEU H2   H  N N 194 
LEU HA   H  N N 195 
LEU HB2  H  N N 196 
LEU HB3  H  N N 197 
LEU HG   H  N N 198 
LEU HD11 H  N N 199 
LEU HD12 H  N N 200 
LEU HD13 H  N N 201 
LEU HD21 H  N N 202 
LEU HD22 H  N N 203 
LEU HD23 H  N N 204 
LEU HXT  H  N N 205 
LYS N    N  N N 206 
LYS CA   C  N S 207 
LYS C    C  N N 208 
LYS O    O  N N 209 
LYS CB   C  N N 210 
LYS CG   C  N N 211 
LYS CD   C  N N 212 
LYS CE   C  N N 213 
LYS NZ   N  N N 214 
LYS OXT  O  N N 215 
LYS H    H  N N 216 
LYS H2   H  N N 217 
LYS HA   H  N N 218 
LYS HB2  H  N N 219 
LYS HB3  H  N N 220 
LYS HG2  H  N N 221 
LYS HG3  H  N N 222 
LYS HD2  H  N N 223 
LYS HD3  H  N N 224 
LYS HE2  H  N N 225 
LYS HE3  H  N N 226 
LYS HZ1  H  N N 227 
LYS HZ2  H  N N 228 
LYS HZ3  H  N N 229 
LYS HXT  H  N N 230 
PHE N    N  N N 231 
PHE CA   C  N S 232 
PHE C    C  N N 233 
PHE O    O  N N 234 
PHE CB   C  N N 235 
PHE CG   C  Y N 236 
PHE CD1  C  Y N 237 
PHE CD2  C  Y N 238 
PHE CE1  C  Y N 239 
PHE CE2  C  Y N 240 
PHE CZ   C  Y N 241 
PHE OXT  O  N N 242 
PHE H    H  N N 243 
PHE H2   H  N N 244 
PHE HA   H  N N 245 
PHE HB2  H  N N 246 
PHE HB3  H  N N 247 
PHE HD1  H  N N 248 
PHE HD2  H  N N 249 
PHE HE1  H  N N 250 
PHE HE2  H  N N 251 
PHE HZ   H  N N 252 
PHE HXT  H  N N 253 
PRO N    N  N N 254 
PRO CA   C  N S 255 
PRO C    C  N N 256 
PRO O    O  N N 257 
PRO CB   C  N N 258 
PRO CG   C  N N 259 
PRO CD   C  N N 260 
PRO OXT  O  N N 261 
PRO H    H  N N 262 
PRO HA   H  N N 263 
PRO HB2  H  N N 264 
PRO HB3  H  N N 265 
PRO HG2  H  N N 266 
PRO HG3  H  N N 267 
PRO HD2  H  N N 268 
PRO HD3  H  N N 269 
PRO HXT  H  N N 270 
SER N    N  N N 271 
SER CA   C  N S 272 
SER C    C  N N 273 
SER O    O  N N 274 
SER CB   C  N N 275 
SER OG   O  N N 276 
SER OXT  O  N N 277 
SER H    H  N N 278 
SER H2   H  N N 279 
SER HA   H  N N 280 
SER HB2  H  N N 281 
SER HB3  H  N N 282 
SER HG   H  N N 283 
SER HXT  H  N N 284 
THR N    N  N N 285 
THR CA   C  N S 286 
THR C    C  N N 287 
THR O    O  N N 288 
THR CB   C  N R 289 
THR OG1  O  N N 290 
THR CG2  C  N N 291 
THR OXT  O  N N 292 
THR H    H  N N 293 
THR H2   H  N N 294 
THR HA   H  N N 295 
THR HB   H  N N 296 
THR HG1  H  N N 297 
THR HG21 H  N N 298 
THR HG22 H  N N 299 
THR HG23 H  N N 300 
THR HXT  H  N N 301 
TRP N    N  N N 302 
TRP CA   C  N S 303 
TRP C    C  N N 304 
TRP O    O  N N 305 
TRP CB   C  N N 306 
TRP CG   C  Y N 307 
TRP CD1  C  Y N 308 
TRP CD2  C  Y N 309 
TRP NE1  N  Y N 310 
TRP CE2  C  Y N 311 
TRP CE3  C  Y N 312 
TRP CZ2  C  Y N 313 
TRP CZ3  C  Y N 314 
TRP CH2  C  Y N 315 
TRP OXT  O  N N 316 
TRP H    H  N N 317 
TRP H2   H  N N 318 
TRP HA   H  N N 319 
TRP HB2  H  N N 320 
TRP HB3  H  N N 321 
TRP HD1  H  N N 322 
TRP HE1  H  N N 323 
TRP HE3  H  N N 324 
TRP HZ2  H  N N 325 
TRP HZ3  H  N N 326 
TRP HH2  H  N N 327 
TRP HXT  H  N N 328 
VAL N    N  N N 329 
VAL CA   C  N S 330 
VAL C    C  N N 331 
VAL O    O  N N 332 
VAL CB   C  N N 333 
VAL CG1  C  N N 334 
VAL CG2  C  N N 335 
VAL OXT  O  N N 336 
VAL H    H  N N 337 
VAL H2   H  N N 338 
VAL HA   H  N N 339 
VAL HB   H  N N 340 
VAL HG11 H  N N 341 
VAL HG12 H  N N 342 
VAL HG13 H  N N 343 
VAL HG21 H  N N 344 
VAL HG22 H  N N 345 
VAL HG23 H  N N 346 
VAL HXT  H  N N 347 
# 
loop_
_chem_comp_bond.comp_id 
_chem_comp_bond.atom_id_1 
_chem_comp_bond.atom_id_2 
_chem_comp_bond.value_order 
_chem_comp_bond.pdbx_aromatic_flag 
_chem_comp_bond.pdbx_stereo_config 
_chem_comp_bond.pdbx_ordinal 
ALA N   CA   sing N N 1   
ALA N   H    sing N N 2   
ALA N   H2   sing N N 3   
ALA CA  C    sing N N 4   
ALA CA  CB   sing N N 5   
ALA CA  HA   sing N N 6   
ALA C   O    doub N N 7   
ALA C   OXT  sing N N 8   
ALA CB  HB1  sing N N 9   
ALA CB  HB2  sing N N 10  
ALA CB  HB3  sing N N 11  
ALA OXT HXT  sing N N 12  
ARG N   CA   sing N N 13  
ARG N   H    sing N N 14  
ARG N   H2   sing N N 15  
ARG CA  C    sing N N 16  
ARG CA  CB   sing N N 17  
ARG CA  HA   sing N N 18  
ARG C   O    doub N N 19  
ARG C   OXT  sing N N 20  
ARG CB  CG   sing N N 21  
ARG CB  HB2  sing N N 22  
ARG CB  HB3  sing N N 23  
ARG CG  CD   sing N N 24  
ARG CG  HG2  sing N N 25  
ARG CG  HG3  sing N N 26  
ARG CD  NE   sing N N 27  
ARG CD  HD2  sing N N 28  
ARG CD  HD3  sing N N 29  
ARG NE  CZ   sing N N 30  
ARG NE  HE   sing N N 31  
ARG CZ  NH1  sing N N 32  
ARG CZ  NH2  doub N N 33  
ARG NH1 HH11 sing N N 34  
ARG NH1 HH12 sing N N 35  
ARG NH2 HH21 sing N N 36  
ARG NH2 HH22 sing N N 37  
ARG OXT HXT  sing N N 38  
ASN N   CA   sing N N 39  
ASN N   H    sing N N 40  
ASN N   H2   sing N N 41  
ASN CA  C    sing N N 42  
ASN CA  CB   sing N N 43  
ASN CA  HA   sing N N 44  
ASN C   O    doub N N 45  
ASN C   OXT  sing N N 46  
ASN CB  CG   sing N N 47  
ASN CB  HB2  sing N N 48  
ASN CB  HB3  sing N N 49  
ASN CG  OD1  doub N N 50  
ASN CG  ND2  sing N N 51  
ASN ND2 HD21 sing N N 52  
ASN ND2 HD22 sing N N 53  
ASN OXT HXT  sing N N 54  
ASP N   CA   sing N N 55  
ASP N   H    sing N N 56  
ASP N   H2   sing N N 57  
ASP CA  C    sing N N 58  
ASP CA  CB   sing N N 59  
ASP CA  HA   sing N N 60  
ASP C   O    doub N N 61  
ASP C   OXT  sing N N 62  
ASP CB  CG   sing N N 63  
ASP CB  HB2  sing N N 64  
ASP CB  HB3  sing N N 65  
ASP CG  OD1  doub N N 66  
ASP CG  OD2  sing N N 67  
ASP OD2 HD2  sing N N 68  
ASP OXT HXT  sing N N 69  
CYS N   CA   sing N N 70  
CYS N   H    sing N N 71  
CYS N   H2   sing N N 72  
CYS CA  C    sing N N 73  
CYS CA  CB   sing N N 74  
CYS CA  HA   sing N N 75  
CYS C   O    doub N N 76  
CYS C   OXT  sing N N 77  
CYS CB  SG   sing N N 78  
CYS CB  HB2  sing N N 79  
CYS CB  HB3  sing N N 80  
CYS SG  HG   sing N N 81  
CYS OXT HXT  sing N N 82  
GLN N   CA   sing N N 83  
GLN N   H    sing N N 84  
GLN N   H2   sing N N 85  
GLN CA  C    sing N N 86  
GLN CA  CB   sing N N 87  
GLN CA  HA   sing N N 88  
GLN C   O    doub N N 89  
GLN C   OXT  sing N N 90  
GLN CB  CG   sing N N 91  
GLN CB  HB2  sing N N 92  
GLN CB  HB3  sing N N 93  
GLN CG  CD   sing N N 94  
GLN CG  HG2  sing N N 95  
GLN CG  HG3  sing N N 96  
GLN CD  OE1  doub N N 97  
GLN CD  NE2  sing N N 98  
GLN NE2 HE21 sing N N 99  
GLN NE2 HE22 sing N N 100 
GLN OXT HXT  sing N N 101 
GLU N   CA   sing N N 102 
GLU N   H    sing N N 103 
GLU N   H2   sing N N 104 
GLU CA  C    sing N N 105 
GLU CA  CB   sing N N 106 
GLU CA  HA   sing N N 107 
GLU C   O    doub N N 108 
GLU C   OXT  sing N N 109 
GLU CB  CG   sing N N 110 
GLU CB  HB2  sing N N 111 
GLU CB  HB3  sing N N 112 
GLU CG  CD   sing N N 113 
GLU CG  HG2  sing N N 114 
GLU CG  HG3  sing N N 115 
GLU CD  OE1  doub N N 116 
GLU CD  OE2  sing N N 117 
GLU OE2 HE2  sing N N 118 
GLU OXT HXT  sing N N 119 
GLY N   CA   sing N N 120 
GLY N   H    sing N N 121 
GLY N   H2   sing N N 122 
GLY CA  C    sing N N 123 
GLY CA  HA2  sing N N 124 
GLY CA  HA3  sing N N 125 
GLY C   O    doub N N 126 
GLY C   OXT  sing N N 127 
GLY OXT HXT  sing N N 128 
HIS N   CA   sing N N 129 
HIS N   H    sing N N 130 
HIS N   H2   sing N N 131 
HIS CA  C    sing N N 132 
HIS CA  CB   sing N N 133 
HIS CA  HA   sing N N 134 
HIS C   O    doub N N 135 
HIS C   OXT  sing N N 136 
HIS CB  CG   sing N N 137 
HIS CB  HB2  sing N N 138 
HIS CB  HB3  sing N N 139 
HIS CG  ND1  sing Y N 140 
HIS CG  CD2  doub Y N 141 
HIS ND1 CE1  doub Y N 142 
HIS ND1 HD1  sing N N 143 
HIS CD2 NE2  sing Y N 144 
HIS CD2 HD2  sing N N 145 
HIS CE1 NE2  sing Y N 146 
HIS CE1 HE1  sing N N 147 
HIS NE2 HE2  sing N N 148 
HIS OXT HXT  sing N N 149 
HOH O   H1   sing N N 150 
HOH O   H2   sing N N 151 
ILE N   CA   sing N N 152 
ILE N   H    sing N N 153 
ILE N   H2   sing N N 154 
ILE CA  C    sing N N 155 
ILE CA  CB   sing N N 156 
ILE CA  HA   sing N N 157 
ILE C   O    doub N N 158 
ILE C   OXT  sing N N 159 
ILE CB  CG1  sing N N 160 
ILE CB  CG2  sing N N 161 
ILE CB  HB   sing N N 162 
ILE CG1 CD1  sing N N 163 
ILE CG1 HG12 sing N N 164 
ILE CG1 HG13 sing N N 165 
ILE CG2 HG21 sing N N 166 
ILE CG2 HG22 sing N N 167 
ILE CG2 HG23 sing N N 168 
ILE CD1 HD11 sing N N 169 
ILE CD1 HD12 sing N N 170 
ILE CD1 HD13 sing N N 171 
ILE OXT HXT  sing N N 172 
LEU N   CA   sing N N 173 
LEU N   H    sing N N 174 
LEU N   H2   sing N N 175 
LEU CA  C    sing N N 176 
LEU CA  CB   sing N N 177 
LEU CA  HA   sing N N 178 
LEU C   O    doub N N 179 
LEU C   OXT  sing N N 180 
LEU CB  CG   sing N N 181 
LEU CB  HB2  sing N N 182 
LEU CB  HB3  sing N N 183 
LEU CG  CD1  sing N N 184 
LEU CG  CD2  sing N N 185 
LEU CG  HG   sing N N 186 
LEU CD1 HD11 sing N N 187 
LEU CD1 HD12 sing N N 188 
LEU CD1 HD13 sing N N 189 
LEU CD2 HD21 sing N N 190 
LEU CD2 HD22 sing N N 191 
LEU CD2 HD23 sing N N 192 
LEU OXT HXT  sing N N 193 
LYS N   CA   sing N N 194 
LYS N   H    sing N N 195 
LYS N   H2   sing N N 196 
LYS CA  C    sing N N 197 
LYS CA  CB   sing N N 198 
LYS CA  HA   sing N N 199 
LYS C   O    doub N N 200 
LYS C   OXT  sing N N 201 
LYS CB  CG   sing N N 202 
LYS CB  HB2  sing N N 203 
LYS CB  HB3  sing N N 204 
LYS CG  CD   sing N N 205 
LYS CG  HG2  sing N N 206 
LYS CG  HG3  sing N N 207 
LYS CD  CE   sing N N 208 
LYS CD  HD2  sing N N 209 
LYS CD  HD3  sing N N 210 
LYS CE  NZ   sing N N 211 
LYS CE  HE2  sing N N 212 
LYS CE  HE3  sing N N 213 
LYS NZ  HZ1  sing N N 214 
LYS NZ  HZ2  sing N N 215 
LYS NZ  HZ3  sing N N 216 
LYS OXT HXT  sing N N 217 
PHE N   CA   sing N N 218 
PHE N   H    sing N N 219 
PHE N   H2   sing N N 220 
PHE CA  C    sing N N 221 
PHE CA  CB   sing N N 222 
PHE CA  HA   sing N N 223 
PHE C   O    doub N N 224 
PHE C   OXT  sing N N 225 
PHE CB  CG   sing N N 226 
PHE CB  HB2  sing N N 227 
PHE CB  HB3  sing N N 228 
PHE CG  CD1  doub Y N 229 
PHE CG  CD2  sing Y N 230 
PHE CD1 CE1  sing Y N 231 
PHE CD1 HD1  sing N N 232 
PHE CD2 CE2  doub Y N 233 
PHE CD2 HD2  sing N N 234 
PHE CE1 CZ   doub Y N 235 
PHE CE1 HE1  sing N N 236 
PHE CE2 CZ   sing Y N 237 
PHE CE2 HE2  sing N N 238 
PHE CZ  HZ   sing N N 239 
PHE OXT HXT  sing N N 240 
PRO N   CA   sing N N 241 
PRO N   CD   sing N N 242 
PRO N   H    sing N N 243 
PRO CA  C    sing N N 244 
PRO CA  CB   sing N N 245 
PRO CA  HA   sing N N 246 
PRO C   O    doub N N 247 
PRO C   OXT  sing N N 248 
PRO CB  CG   sing N N 249 
PRO CB  HB2  sing N N 250 
PRO CB  HB3  sing N N 251 
PRO CG  CD   sing N N 252 
PRO CG  HG2  sing N N 253 
PRO CG  HG3  sing N N 254 
PRO CD  HD2  sing N N 255 
PRO CD  HD3  sing N N 256 
PRO OXT HXT  sing N N 257 
SER N   CA   sing N N 258 
SER N   H    sing N N 259 
SER N   H2   sing N N 260 
SER CA  C    sing N N 261 
SER CA  CB   sing N N 262 
SER CA  HA   sing N N 263 
SER C   O    doub N N 264 
SER C   OXT  sing N N 265 
SER CB  OG   sing N N 266 
SER CB  HB2  sing N N 267 
SER CB  HB3  sing N N 268 
SER OG  HG   sing N N 269 
SER OXT HXT  sing N N 270 
THR N   CA   sing N N 271 
THR N   H    sing N N 272 
THR N   H2   sing N N 273 
THR CA  C    sing N N 274 
THR CA  CB   sing N N 275 
THR CA  HA   sing N N 276 
THR C   O    doub N N 277 
THR C   OXT  sing N N 278 
THR CB  OG1  sing N N 279 
THR CB  CG2  sing N N 280 
THR CB  HB   sing N N 281 
THR OG1 HG1  sing N N 282 
THR CG2 HG21 sing N N 283 
THR CG2 HG22 sing N N 284 
THR CG2 HG23 sing N N 285 
THR OXT HXT  sing N N 286 
TRP N   CA   sing N N 287 
TRP N   H    sing N N 288 
TRP N   H2   sing N N 289 
TRP CA  C    sing N N 290 
TRP CA  CB   sing N N 291 
TRP CA  HA   sing N N 292 
TRP C   O    doub N N 293 
TRP C   OXT  sing N N 294 
TRP CB  CG   sing N N 295 
TRP CB  HB2  sing N N 296 
TRP CB  HB3  sing N N 297 
TRP CG  CD1  doub Y N 298 
TRP CG  CD2  sing Y N 299 
TRP CD1 NE1  sing Y N 300 
TRP CD1 HD1  sing N N 301 
TRP CD2 CE2  doub Y N 302 
TRP CD2 CE3  sing Y N 303 
TRP NE1 CE2  sing Y N 304 
TRP NE1 HE1  sing N N 305 
TRP CE2 CZ2  sing Y N 306 
TRP CE3 CZ3  doub Y N 307 
TRP CE3 HE3  sing N N 308 
TRP CZ2 CH2  doub Y N 309 
TRP CZ2 HZ2  sing N N 310 
TRP CZ3 CH2  sing Y N 311 
TRP CZ3 HZ3  sing N N 312 
TRP CH2 HH2  sing N N 313 
TRP OXT HXT  sing N N 314 
VAL N   CA   sing N N 315 
VAL N   H    sing N N 316 
VAL N   H2   sing N N 317 
VAL CA  C    sing N N 318 
VAL CA  CB   sing N N 319 
VAL CA  HA   sing N N 320 
VAL C   O    doub N N 321 
VAL C   OXT  sing N N 322 
VAL CB  CG1  sing N N 323 
VAL CB  CG2  sing N N 324 
VAL CB  HB   sing N N 325 
VAL CG1 HG11 sing N N 326 
VAL CG1 HG12 sing N N 327 
VAL CG1 HG13 sing N N 328 
VAL CG2 HG21 sing N N 329 
VAL CG2 HG22 sing N N 330 
VAL CG2 HG23 sing N N 331 
VAL OXT HXT  sing N N 332 
# 
_pdbx_initial_refinement_model.id               1 
_pdbx_initial_refinement_model.entity_id_list   ? 
_pdbx_initial_refinement_model.type             'experimental model' 
_pdbx_initial_refinement_model.source_name      PDB 
_pdbx_initial_refinement_model.accession_code   3A7Q 
_pdbx_initial_refinement_model.details          ? 
# 
_atom_sites.entry_id                    5B4Y 
_atom_sites.fract_transf_matrix[1][1]   -0.00922772 
_atom_sites.fract_transf_matrix[1][2]   -0.00707245 
_atom_sites.fract_transf_matrix[1][3]   0.02990983 
_atom_sites.fract_transf_matrix[2][1]   0.01522281 
_atom_sites.fract_transf_matrix[2][2]   -0.01846731 
_atom_sites.fract_transf_matrix[2][3]   0.00032974 
_atom_sites.fract_transf_matrix[3][1]   0.01300519 
_atom_sites.fract_transf_matrix[3][2]   0.01083772 
_atom_sites.fract_transf_matrix[3][3]   0.00657501 
_atom_sites.fract_transf_vector[1]      -0.575200 
_atom_sites.fract_transf_vector[2]      0.279327 
_atom_sites.fract_transf_vector[3]      -0.216583 
# 
loop_
_atom_type.symbol 
C  
CA 
N  
O  
S  
# 
loop_
_atom_site.group_PDB 
_atom_site.id 
_atom_site.type_symbol 
_atom_site.label_atom_id 
_atom_site.label_alt_id 
_atom_site.label_comp_id 
_atom_site.label_asym_id 
_atom_site.label_entity_id 
_atom_site.label_seq_id 
_atom_site.pdbx_PDB_ins_code 
_atom_site.Cartn_x 
_atom_site.Cartn_y 
_atom_site.Cartn_z 
_atom_site.occupancy 
_atom_site.B_iso_or_equiv 
_atom_site.pdbx_formal_charge 
_atom_site.auth_seq_id 
_atom_site.auth_comp_id 
_atom_site.auth_asym_id 
_atom_site.auth_atom_id 
_atom_site.pdbx_PDB_model_num 
ATOM   1   N  N   . LYS A 1 6  ? -8.204  -2.582  27.355  1.00 32.97 ? 44   LYS B N   1 
ATOM   2   C  CA  . LYS A 1 6  ? -7.678  -1.239  26.930  1.00 30.82 ? 44   LYS B CA  1 
ATOM   3   C  C   . LYS A 1 6  ? -7.879  -1.133  25.447  1.00 31.03 ? 44   LYS B C   1 
ATOM   4   O  O   . LYS A 1 6  ? -7.612  -2.080  24.716  1.00 32.63 ? 44   LYS B O   1 
ATOM   5   C  CB  . LYS A 1 6  ? -6.190  -1.060  27.227  1.00 27.44 ? 44   LYS B CB  1 
ATOM   6   C  CG  . LYS A 1 6  ? -5.611  0.229   26.638  1.00 24.68 ? 44   LYS B CG  1 
ATOM   7   C  CD  . LYS A 1 6  ? -4.200  0.572   27.141  1.00 23.31 ? 44   LYS B CD  1 
ATOM   8   C  CE  . LYS A 1 6  ? -3.670  1.818   26.395  1.00 22.12 ? 44   LYS B CE  1 
ATOM   9   N  NZ  . LYS A 1 6  ? -2.321  2.312   26.802  1.00 22.25 ? 44   LYS B NZ  1 
ATOM   10  N  N   . GLU A 1 7  ? -8.326  0.024   24.988  1.00 31.01 ? 45   GLU B N   1 
ATOM   11  C  CA  . GLU A 1 7  ? -8.511  0.211   23.560  1.00 32.67 ? 45   GLU B CA  1 
ATOM   12  C  C   . GLU A 1 7  ? -8.036  1.618   23.187  1.00 31.68 ? 45   GLU B C   1 
ATOM   13  O  O   . GLU A 1 7  ? -8.341  2.587   23.874  1.00 33.81 ? 45   GLU B O   1 
ATOM   14  C  CB  . GLU A 1 7  ? -9.966  -0.130  23.201  1.00 33.53 ? 45   GLU B CB  1 
ATOM   15  C  CG  . GLU A 1 7  ? -10.658 0.766   22.202  1.00 35.88 ? 45   GLU B CG  1 
ATOM   16  C  CD  . GLU A 1 7  ? -11.900 0.128   21.619  1.00 37.00 ? 45   GLU B CD  1 
ATOM   17  O  OE1 . GLU A 1 7  ? -12.343 -0.949  22.126  1.00 35.32 ? 45   GLU B OE1 1 
ATOM   18  O  OE2 . GLU A 1 7  ? -12.403 0.701   20.616  1.00 39.87 ? 45   GLU B OE2 1 
ATOM   19  N  N   . CYS A 1 8  ? -7.237  1.724   22.131  1.00 28.99 ? 46   CYS B N   1 
ATOM   20  C  CA  . CYS A 1 8  ? -6.639  3.000   21.756  1.00 27.37 ? 46   CYS B CA  1 
ATOM   21  C  C   . CYS A 1 8  ? -7.633  3.855   20.948  1.00 27.49 ? 46   CYS B C   1 
ATOM   22  O  O   . CYS A 1 8  ? -8.693  3.364   20.558  1.00 27.96 ? 46   CYS B O   1 
ATOM   23  C  CB  . CYS A 1 8  ? -5.323  2.759   20.982  1.00 26.69 ? 46   CYS B CB  1 
ATOM   24  S  SG  . CYS A 1 8  ? -4.048  1.852   21.882  1.00 25.14 ? 46   CYS B SG  1 
ATOM   25  N  N   . GLU A 1 9  ? -7.292  5.123   20.698  1.00 30.07 ? 47   GLU B N   1 
ATOM   26  C  CA  . GLU A 1 9  ? -8.132  5.989   19.848  1.00 31.53 ? 47   GLU B CA  1 
ATOM   27  C  C   . GLU A 1 9  ? -8.168  5.413   18.450  1.00 31.73 ? 47   GLU B C   1 
ATOM   28  O  O   . GLU A 1 9  ? -7.258  4.668   18.059  1.00 29.00 ? 47   GLU B O   1 
ATOM   29  C  CB  . GLU A 1 9  ? -7.613  7.433   19.779  1.00 34.56 ? 47   GLU B CB  1 
ATOM   30  C  CG  . GLU A 1 9  ? -7.365  8.104   21.115  1.00 40.04 ? 47   GLU B CG  1 
ATOM   31  C  CD  . GLU A 1 9  ? -8.642  8.369   21.888  1.00 46.09 ? 47   GLU B CD  1 
ATOM   32  O  OE1 . GLU A 1 9  ? -8.553  8.731   23.088  1.00 50.25 ? 47   GLU B OE1 1 
ATOM   33  O  OE2 . GLU A 1 9  ? -9.736  8.215   21.297  1.00 46.22 ? 47   GLU B OE2 1 
ATOM   34  N  N   . LYS A 1 10 ? -9.214  5.753   17.701  1.00 31.08 ? 48   LYS B N   1 
ATOM   35  C  CA  . LYS A 1 10 ? -9.352  5.288   16.336  1.00 32.51 ? 48   LYS B CA  1 
ATOM   36  C  C   . LYS A 1 10 ? -8.210  5.729   15.410  1.00 31.34 ? 48   LYS B C   1 
ATOM   37  O  O   . LYS A 1 10 ? -8.014  5.128   14.352  1.00 31.99 ? 48   LYS B O   1 
ATOM   38  C  CB  . LYS A 1 10 ? -10.773 5.550   15.764  1.00 35.46 ? 48   LYS B CB  1 
ATOM   39  C  CG  . LYS A 1 10 ? -11.169 6.936   15.249  1.00 40.73 ? 48   LYS B CG  1 
ATOM   40  C  CD  . LYS A 1 10 ? -12.492 6.818   14.460  1.00 41.80 ? 48   LYS B CD  1 
ATOM   41  C  CE  . LYS A 1 10 ? -13.427 8.039   14.486  1.00 45.80 ? 48   LYS B CE  1 
ATOM   42  N  NZ  . LYS A 1 10 ? -13.038 9.285   13.737  1.00 43.81 ? 48   LYS B NZ  1 
ATOM   43  N  N   . ASP A 1 11 ? -7.458  6.763   15.818  1.00 29.99 ? 49   ASP B N   1 
ATOM   44  C  CA  . ASP A 1 11 ? -6.258  7.192   15.112  1.00 29.01 ? 49   ASP B CA  1 
ATOM   45  C  C   . ASP A 1 11 ? -4.938  6.611   15.715  1.00 25.61 ? 49   ASP B C   1 
ATOM   46  O  O   . ASP A 1 11 ? -3.843  7.176   15.581  1.00 26.01 ? 49   ASP B O   1 
ATOM   47  C  CB  . ASP A 1 11 ? -6.226  8.728   14.975  1.00 32.34 ? 49   ASP B CB  1 
ATOM   48  C  CG  . ASP A 1 11 ? -5.959  9.453   16.299  1.00 35.06 ? 49   ASP B CG  1 
ATOM   49  O  OD1 . ASP A 1 11 ? -6.135  8.858   17.374  1.00 34.46 ? 49   ASP B OD1 1 
ATOM   50  O  OD2 . ASP A 1 11 ? -5.576  10.650  16.254  1.00 39.43 ? 49   ASP B OD2 1 
ATOM   51  N  N   . GLN A 1 12 ? -5.048  5.455   16.355  1.00 24.10 ? 50   GLN B N   1 
ATOM   52  C  CA  . GLN A 1 12 ? -3.901  4.875   17.026  1.00 22.36 ? 50   GLN B CA  1 
ATOM   53  C  C   . GLN A 1 12 ? -3.817  3.407   16.714  1.00 22.48 ? 50   GLN B C   1 
ATOM   54  O  O   . GLN A 1 12 ? -4.823  2.760   16.459  1.00 22.96 ? 50   GLN B O   1 
ATOM   55  C  CB  . GLN A 1 12 ? -4.039  5.065   18.542  1.00 22.97 ? 50   GLN B CB  1 
ATOM   56  C  CG  . GLN A 1 12 ? -3.801  6.486   19.020  1.00 22.88 ? 50   GLN B CG  1 
ATOM   57  C  CD  . GLN A 1 12 ? -4.009  6.668   20.515  1.00 25.28 ? 50   GLN B CD  1 
ATOM   58  O  OE1 . GLN A 1 12 ? -4.881  6.058   21.107  1.00 25.09 ? 50   GLN B OE1 1 
ATOM   59  N  NE2 . GLN A 1 12 ? -3.201  7.538   21.123  1.00 27.13 ? 50   GLN B NE2 1 
ATOM   60  N  N   . PHE A 1 13 ? -2.584  2.896   16.742  1.00 22.85 ? 51   PHE B N   1 
ATOM   61  C  CA  . PHE A 1 13 ? -2.291  1.488   16.683  1.00 20.76 ? 51   PHE B CA  1 
ATOM   62  C  C   . PHE A 1 13 ? -1.952  1.013   18.065  1.00 19.83 ? 51   PHE B C   1 
ATOM   63  O  O   . PHE A 1 13 ? -1.135  1.628   18.767  1.00 20.76 ? 51   PHE B O   1 
ATOM   64  C  CB  . PHE A 1 13 ? -1.061  1.236   15.812  1.00 21.08 ? 51   PHE B CB  1 
ATOM   65  C  CG  . PHE A 1 13 ? -0.648  -0.210  15.772  1.00 20.70 ? 51   PHE B CG  1 
ATOM   66  C  CD1 . PHE A 1 13 ? -1.396  -1.132  15.049  1.00 22.28 ? 51   PHE B CD1 1 
ATOM   67  C  CD2 . PHE A 1 13 ? 0.447   -0.646  16.487  1.00 19.51 ? 51   PHE B CD2 1 
ATOM   68  C  CE1 . PHE A 1 13 ? -1.049  -2.464  15.026  1.00 22.96 ? 51   PHE B CE1 1 
ATOM   69  C  CE2 . PHE A 1 13 ? 0.811   -1.970  16.447  1.00 21.11 ? 51   PHE B CE2 1 
ATOM   70  C  CZ  . PHE A 1 13 ? 0.063   -2.878  15.731  1.00 22.16 ? 51   PHE B CZ  1 
ATOM   71  N  N   . GLN A 1 14 ? -2.549  -0.100  18.450  1.00 21.11 ? 52   GLN B N   1 
ATOM   72  C  CA  . GLN A 1 14 ? -2.219  -0.712  19.719  1.00 21.08 ? 52   GLN B CA  1 
ATOM   73  C  C   . GLN A 1 14 ? -1.184  -1.794  19.594  1.00 21.94 ? 52   GLN B C   1 
ATOM   74  O  O   . GLN A 1 14 ? -1.381  -2.789  18.901  1.00 22.13 ? 52   GLN B O   1 
ATOM   75  C  CB  . GLN A 1 14 ? -3.460  -1.272  20.387  1.00 23.59 ? 52   GLN B CB  1 
ATOM   76  C  CG  . GLN A 1 14 ? -3.151  -1.745  21.802  1.00 27.55 ? 52   GLN B CG  1 
ATOM   77  C  CD  . GLN A 1 14 ? -4.365  -2.298  22.511  1.00 29.33 ? 52   GLN B CD  1 
ATOM   78  O  OE1 . GLN A 1 14 ? -4.667  -3.492  22.438  1.00 31.10 ? 52   GLN B OE1 1 
ATOM   79  N  NE2 . GLN A 1 14 ? -5.062  -1.433  23.199  1.00 28.69 ? 52   GLN B NE2 1 
ATOM   80  N  N   . CYS A 1 15 ? -0.066  -1.592  20.286  1.00 23.59 ? 53   CYS B N   1 
ATOM   81  C  CA  . CYS A 1 15 ? 1.028   -2.553  20.325  1.00 23.73 ? 53   CYS B CA  1 
ATOM   82  C  C   . CYS A 1 15 ? 0.580   -3.784  21.089  1.00 25.52 ? 53   CYS B C   1 
ATOM   83  O  O   . CYS A 1 15 ? -0.340  -3.676  21.882  1.00 26.73 ? 53   CYS B O   1 
ATOM   84  C  CB  . CYS A 1 15 ? 2.210   -1.925  21.052  1.00 23.57 ? 53   CYS B CB  1 
ATOM   85  S  SG  . CYS A 1 15 ? 2.876   -0.395  20.340  1.00 26.81 ? 53   CYS B SG  1 
ATOM   86  N  N   . ARG A 1 16 ? 1.230   -4.944  20.906  1.00 23.55 ? 54   ARG B N   1 
ATOM   87  C  CA  . ARG A 1 16 ? 0.889   -6.122  21.720  1.00 24.54 ? 54   ARG B CA  1 
ATOM   88  C  C   . ARG A 1 16 ? 1.084   -5.921  23.211  1.00 25.11 ? 54   ARG B C   1 
ATOM   89  O  O   . ARG A 1 16 ? 0.311   -6.465  23.989  1.00 25.92 ? 54   ARG B O   1 
ATOM   90  C  CB  . ARG A 1 16 ? 1.578   -7.403  21.248  1.00 24.20 ? 54   ARG B CB  1 
ATOM   91  C  CG  . ARG A 1 16 ? 0.851   -8.082  20.097  1.00 25.18 ? 54   ARG B CG  1 
ATOM   92  C  CD  . ARG A 1 16 ? 1.553   -9.377  19.720  1.00 25.73 ? 54   ARG B CD  1 
ATOM   93  N  NE  . ARG A 1 16 ? 2.918   -9.122  19.292  1.00 28.31 ? 54   ARG B NE  1 
ATOM   94  C  CZ  . ARG A 1 16 ? 3.327   -9.035  18.026  1.00 27.18 ? 54   ARG B CZ  1 
ATOM   95  N  NH1 . ARG A 1 16 ? 2.484   -9.157  17.000  1.00 30.41 ? 54   ARG B NH1 1 
ATOM   96  N  NH2 . ARG A 1 16 ? 4.590   -8.772  17.779  1.00 26.49 ? 54   ARG B NH2 1 
ATOM   97  N  N   . ASN A 1 17 ? 2.072   -5.128  23.617  1.00 24.47 ? 55   ASN B N   1 
ATOM   98  C  CA  . ASN A 1 17 ? 2.186   -4.715  25.019  1.00 24.06 ? 55   ASN B CA  1 
ATOM   99  C  C   . ASN A 1 17 ? 1.142   -3.664  25.444  1.00 26.09 ? 55   ASN B C   1 
ATOM   100 O  O   . ASN A 1 17 ? 1.190   -3.142  26.556  1.00 25.58 ? 55   ASN B O   1 
ATOM   101 C  CB  . ASN A 1 17 ? 3.593   -4.205  25.343  1.00 23.36 ? 55   ASN B CB  1 
ATOM   102 C  CG  . ASN A 1 17 ? 4.052   -3.051  24.432  1.00 25.57 ? 55   ASN B CG  1 
ATOM   103 O  OD1 . ASN A 1 17 ? 3.288   -2.144  24.050  1.00 26.27 ? 55   ASN B OD1 1 
ATOM   104 N  ND2 . ASN A 1 17 ? 5.308   -3.090  24.073  1.00 25.20 ? 55   ASN B ND2 1 
ATOM   105 N  N   . GLU A 1 18 ? 0.241   -3.328  24.527  1.00 25.74 ? 56   GLU B N   1 
ATOM   106 C  CA  . GLU A 1 18 ? -0.850  -2.392  24.746  1.00 25.08 ? 56   GLU B CA  1 
ATOM   107 C  C   . GLU A 1 18 ? -0.506  -0.907  24.857  1.00 24.65 ? 56   GLU B C   1 
ATOM   108 O  O   . GLU A 1 18 ? -1.387  -0.129  25.125  1.00 25.05 ? 56   GLU B O   1 
ATOM   109 C  CB  . GLU A 1 18 ? -1.753  -2.867  25.889  1.00 27.64 ? 56   GLU B CB  1 
ATOM   110 C  CG  . GLU A 1 18 ? -2.368  -4.228  25.600  1.00 31.48 ? 56   GLU B CG  1 
ATOM   111 C  CD  . GLU A 1 18 ? -3.552  -4.501  26.495  1.00 36.06 ? 56   GLU B CD  1 
ATOM   112 O  OE1 . GLU A 1 18 ? -4.655  -4.756  25.970  1.00 43.85 ? 56   GLU B OE1 1 
ATOM   113 O  OE2 . GLU A 1 18 ? -3.368  -4.455  27.717  1.00 34.45 ? 56   GLU B OE2 1 
ATOM   114 N  N   . ARG A 1 19 ? 0.751   -0.508  24.631  1.00 23.22 ? 57   ARG B N   1 
ATOM   115 C  CA  . ARG A 1 19 ? 1.076   0.892   24.305  1.00 23.35 ? 57   ARG B CA  1 
ATOM   116 C  C   . ARG A 1 19 ? 0.318   1.364   23.058  1.00 23.20 ? 57   ARG B C   1 
ATOM   117 O  O   . ARG A 1 19 ? 0.131   0.596   22.128  1.00 23.67 ? 57   ARG B O   1 
ATOM   118 C  CB  . ARG A 1 19 ? 2.576   1.040   24.062  1.00 24.70 ? 57   ARG B CB  1 
ATOM   119 C  CG  . ARG A 1 19 ? 2.941   2.446   23.602  1.00 27.83 ? 57   ARG B CG  1 
ATOM   120 C  CD  . ARG A 1 19 ? 4.332   2.554   23.050  1.00 32.18 ? 57   ARG B CD  1 
ATOM   121 N  NE  . ARG A 1 19 ? 5.269   3.080   24.018  1.00 38.65 ? 57   ARG B NE  1 
ATOM   122 C  CZ  . ARG A 1 19 ? 6.589   2.891   23.958  1.00 45.79 ? 57   ARG B CZ  1 
ATOM   123 N  NH1 . ARG A 1 19 ? 7.127   2.173   22.964  1.00 45.77 ? 57   ARG B NH1 1 
ATOM   124 N  NH2 . ARG A 1 19 ? 7.374   3.407   24.908  1.00 44.95 ? 57   ARG B NH2 1 
ATOM   125 N  N   . CYS A 1 20 ? -0.177  2.597   23.075  1.00 23.09 ? 58   CYS B N   1 
ATOM   126 C  CA  . CYS A 1 20 ? -0.802  3.210   21.911  1.00 22.65 ? 58   CYS B CA  1 
ATOM   127 C  C   . CYS A 1 20 ? 0.172   4.099   21.228  1.00 22.87 ? 58   CYS B C   1 
ATOM   128 O  O   . CYS A 1 20 ? 0.878   4.872   21.876  1.00 24.77 ? 58   CYS B O   1 
ATOM   129 C  CB  . CYS A 1 20 ? -1.997  4.077   22.296  1.00 23.06 ? 58   CYS B CB  1 
ATOM   130 S  SG  . CYS A 1 20 ? -3.331  3.234   23.185  1.00 26.05 ? 58   CYS B SG  1 
ATOM   131 N  N   . ILE A 1 21 ? 0.233   3.986   19.907  1.00 22.80 ? 59   ILE B N   1 
ATOM   132 C  CA  . ILE A 1 21 ? 1.125   4.853   19.122  1.00 21.68 ? 59   ILE B CA  1 
ATOM   133 C  C   . ILE A 1 21 ? 0.267   5.516   18.069  1.00 20.70 ? 59   ILE B C   1 
ATOM   134 O  O   . ILE A 1 21 ? -0.833  5.059   17.803  1.00 20.92 ? 59   ILE B O   1 
ATOM   135 C  CB  . ILE A 1 21 ? 2.339   4.076   18.506  1.00 21.28 ? 59   ILE B CB  1 
ATOM   136 C  CG1 . ILE A 1 21 ? 1.871   2.948   17.577  1.00 20.73 ? 59   ILE B CG1 1 
ATOM   137 C  CG2 . ILE A 1 21 ? 3.295   3.570   19.592  1.00 21.49 ? 59   ILE B CG2 1 
ATOM   138 C  CD1 . ILE A 1 21 ? 2.965   2.440   16.665  1.00 20.82 ? 59   ILE B CD1 1 
ATOM   139 N  N   . PRO A 1 22 ? 0.750   6.611   17.483  1.00 20.60 ? 60   PRO B N   1 
ATOM   140 C  CA  . PRO A 1 22 ? -0.009  7.088   16.350  1.00 22.30 ? 60   PRO B CA  1 
ATOM   141 C  C   . PRO A 1 22 ? -0.066  6.023   15.249  1.00 21.18 ? 60   PRO B C   1 
ATOM   142 O  O   . PRO A 1 22 ? 0.946   5.367   14.973  1.00 20.13 ? 60   PRO B O   1 
ATOM   143 C  CB  . PRO A 1 22 ? 0.800   8.299   15.904  1.00 22.00 ? 60   PRO B CB  1 
ATOM   144 C  CG  . PRO A 1 22 ? 1.372   8.820   17.165  1.00 21.40 ? 60   PRO B CG  1 
ATOM   145 C  CD  . PRO A 1 22 ? 1.767   7.577   17.916  1.00 19.39 ? 60   PRO B CD  1 
ATOM   146 N  N   . SER A 1 23 ? -1.254  5.832   14.661  1.00 21.19 ? 61   SER B N   1 
ATOM   147 C  CA  . SER A 1 23 ? -1.400  4.884   13.591  1.00 22.62 ? 61   SER B CA  1 
ATOM   148 C  C   . SER A 1 23 ? -0.452  5.206   12.415  1.00 21.56 ? 61   SER B C   1 
ATOM   149 O  O   . SER A 1 23 ? -0.008  4.302   11.731  1.00 22.57 ? 61   SER B O   1 
ATOM   150 C  CB  . SER A 1 23 ? -2.875  4.717   13.155  1.00 23.89 ? 61   SER B CB  1 
ATOM   151 O  OG  . SER A 1 23 ? -3.414  5.948   12.739  1.00 27.39 ? 61   SER B OG  1 
ATOM   152 N  N   . VAL A 1 24 ? -0.095  6.475   12.247  1.00 21.12 ? 62   VAL B N   1 
ATOM   153 C  CA  . VAL A 1 24 ? 0.913   6.849   11.279  1.00 23.44 ? 62   VAL B CA  1 
ATOM   154 C  C   . VAL A 1 24 ? 2.303   6.226   11.536  1.00 24.33 ? 62   VAL B C   1 
ATOM   155 O  O   . VAL A 1 24 ? 3.152   6.245   10.664  1.00 21.46 ? 62   VAL B O   1 
ATOM   156 C  CB  . VAL A 1 24 ? 1.006   8.372   11.072  1.00 24.23 ? 62   VAL B CB  1 
ATOM   157 C  CG1 . VAL A 1 24 ? -0.272  8.885   10.413  1.00 25.90 ? 62   VAL B CG1 1 
ATOM   158 C  CG2 . VAL A 1 24 ? 1.318   9.135   12.356  1.00 25.02 ? 62   VAL B CG2 1 
ATOM   159 N  N   . TRP A 1 25 ? 2.498   5.617   12.706  1.00 22.57 ? 63   TRP B N   1 
ATOM   160 C  CA  . TRP A 1 25 ? 3.736   4.922   13.017  1.00 22.54 ? 63   TRP B CA  1 
ATOM   161 C  C   . TRP A 1 25 ? 3.661   3.435   12.703  1.00 23.37 ? 63   TRP B C   1 
ATOM   162 O  O   . TRP A 1 25 ? 4.664   2.702   12.789  1.00 21.96 ? 63   TRP B O   1 
ATOM   163 C  CB  . TRP A 1 25 ? 4.045   5.066   14.489  1.00 23.84 ? 63   TRP B CB  1 
ATOM   164 C  CG  . TRP A 1 25 ? 4.396   6.470   14.946  1.00 22.90 ? 63   TRP B CG  1 
ATOM   165 C  CD1 . TRP A 1 25 ? 4.302   7.642   14.244  1.00 23.67 ? 63   TRP B CD1 1 
ATOM   166 C  CD2 . TRP A 1 25 ? 4.892   6.806   16.227  1.00 23.26 ? 63   TRP B CD2 1 
ATOM   167 N  NE1 . TRP A 1 25 ? 4.718   8.702   15.034  1.00 23.10 ? 63   TRP B NE1 1 
ATOM   168 C  CE2 . TRP A 1 25 ? 5.055   8.211   16.267  1.00 23.55 ? 63   TRP B CE2 1 
ATOM   169 C  CE3 . TRP A 1 25 ? 5.187   6.054   17.373  1.00 24.23 ? 63   TRP B CE3 1 
ATOM   170 C  CZ2 . TRP A 1 25 ? 5.511   8.874   17.414  1.00 25.50 ? 63   TRP B CZ2 1 
ATOM   171 C  CZ3 . TRP A 1 25 ? 5.641   6.702   18.499  1.00 24.18 ? 63   TRP B CZ3 1 
ATOM   172 C  CH2 . TRP A 1 25 ? 5.799   8.099   18.520  1.00 25.81 ? 63   TRP B CH2 1 
ATOM   173 N  N   . ARG A 1 26 ? 2.471   2.992   12.337  1.00 24.58 ? 64   ARG B N   1 
ATOM   174 C  CA  . ARG A 1 26 ? 2.261   1.614   11.922  1.00 27.94 ? 64   ARG B CA  1 
ATOM   175 C  C   . ARG A 1 26 ? 2.948   1.414   10.579  1.00 26.73 ? 64   ARG B C   1 
ATOM   176 O  O   . ARG A 1 26 ? 2.768   2.221   9.658   1.00 27.06 ? 64   ARG B O   1 
ATOM   177 C  CB  . ARG A 1 26 ? 0.740   1.356   11.846  1.00 29.72 ? 64   ARG B CB  1 
ATOM   178 C  CG  . ARG A 1 26 ? 0.292   0.071   11.210  1.00 30.75 ? 64   ARG B CG  1 
ATOM   179 C  CD  . ARG A 1 26 ? 0.547   -1.120  12.099  1.00 32.39 ? 64   ARG B CD  1 
ATOM   180 N  NE  . ARG A 1 26 ? 0.145   -2.299  11.354  1.00 35.52 ? 64   ARG B NE  1 
ATOM   181 C  CZ  . ARG A 1 26 ? 0.757   -3.483  11.398  1.00 36.67 ? 64   ARG B CZ  1 
ATOM   182 N  NH1 . ARG A 1 26 ? 1.801   -3.685  12.172  1.00 38.63 ? 64   ARG B NH1 1 
ATOM   183 N  NH2 . ARG A 1 26 ? 0.322   -4.483  10.643  1.00 43.56 ? 64   ARG B NH2 1 
ATOM   184 N  N   . CYS A 1 27 ? 3.777   0.368   10.498  1.00 28.25 ? 65   CYS B N   1 
ATOM   185 C  CA  . CYS A 1 27 ? 4.453   -0.027  9.265   1.00 28.70 ? 65   CYS B CA  1 
ATOM   186 C  C   . CYS A 1 27 ? 5.307   1.119   8.664   1.00 28.83 ? 65   CYS B C   1 
ATOM   187 O  O   . CYS A 1 27 ? 5.252   1.396   7.466   1.00 29.28 ? 65   CYS B O   1 
ATOM   188 C  CB  . CYS A 1 27 ? 3.440   -0.555  8.232   1.00 26.22 ? 65   CYS B CB  1 
ATOM   189 S  SG  . CYS A 1 27 ? 2.556   -2.044  8.745   1.00 27.95 ? 65   CYS B SG  1 
ATOM   190 N  N   . ASP A 1 28 ? 6.076   1.795   9.506   1.00 28.03 ? 66   ASP B N   1 
ATOM   191 C  CA  . ASP A 1 28 ? 6.906   2.885   9.035   1.00 26.58 ? 66   ASP B CA  1 
ATOM   192 C  C   . ASP A 1 28 ? 8.362   2.430   9.135   1.00 29.09 ? 66   ASP B C   1 
ATOM   193 O  O   . ASP A 1 28 ? 9.286   3.244   9.016   1.00 29.95 ? 66   ASP B O   1 
ATOM   194 C  CB  . ASP A 1 28 ? 6.631   4.170   9.827   1.00 24.83 ? 66   ASP B CB  1 
ATOM   195 C  CG  . ASP A 1 28 ? 7.247   4.171   11.232  1.00 24.59 ? 66   ASP B CG  1 
ATOM   196 O  OD1 . ASP A 1 28 ? 7.408   5.273   11.801  1.00 23.98 ? 66   ASP B OD1 1 
ATOM   197 O  OD2 . ASP A 1 28 ? 7.538   3.090   11.803  1.00 24.56 ? 66   ASP B OD2 1 
ATOM   198 N  N   . GLU A 1 29 ? 8.539   1.127   9.405   1.00 30.14 ? 67   GLU B N   1 
ATOM   199 C  CA  . GLU A 1 29 ? 9.836   0.429   9.421   1.00 30.82 ? 67   GLU B CA  1 
ATOM   200 C  C   . GLU A 1 29 ? 10.751  0.804   10.561  1.00 32.85 ? 67   GLU B C   1 
ATOM   201 O  O   . GLU A 1 29 ? 11.984  0.649   10.497  1.00 35.81 ? 67   GLU B O   1 
ATOM   202 C  CB  . GLU A 1 29 ? 10.518  0.496   8.049   1.00 35.12 ? 67   GLU B CB  1 
ATOM   203 C  CG  . GLU A 1 29 ? 9.618   -0.112  6.987   1.00 42.85 ? 67   GLU B CG  1 
ATOM   204 C  CD  . GLU A 1 29 ? 9.968   0.298   5.587   1.00 52.42 ? 67   GLU B CD  1 
ATOM   205 O  OE1 . GLU A 1 29 ? 11.178  0.471   5.297   1.00 59.21 ? 67   GLU B OE1 1 
ATOM   206 O  OE2 . GLU A 1 29 ? 9.028   0.430   4.775   1.00 58.44 ? 67   GLU B OE2 1 
ATOM   207 N  N   . ASP A 1 30 ? 10.117  1.296   11.612  1.00 30.05 ? 68   ASP B N   1 
ATOM   208 C  CA  A ASP A 1 30 ? 10.753  1.617   12.875  0.38 29.95 ? 68   ASP B CA  1 
ATOM   209 C  CA  C ASP A 1 30 ? 10.794  1.467   12.886  0.62 31.38 ? 68   ASP B CA  1 
ATOM   210 C  C   . ASP A 1 30 ? 9.928   0.899   13.956  1.00 29.71 ? 68   ASP B C   1 
ATOM   211 O  O   . ASP A 1 30 ? 8.706   1.126   14.013  1.00 30.54 ? 68   ASP B O   1 
ATOM   212 C  CB  A ASP A 1 30 ? 10.664  3.138   13.078  0.38 29.15 ? 68   ASP B CB  1 
ATOM   213 C  CB  C ASP A 1 30 ? 11.091  2.923   13.218  0.62 33.55 ? 68   ASP B CB  1 
ATOM   214 C  CG  A ASP A 1 30 ? 11.869  3.718   13.777  0.38 27.91 ? 68   ASP B CG  1 
ATOM   215 C  CG  C ASP A 1 30 ? 11.992  3.538   12.234  0.62 34.05 ? 68   ASP B CG  1 
ATOM   216 O  OD1 A ASP A 1 30 ? 11.700  4.412   14.795  0.38 27.13 ? 68   ASP B OD1 1 
ATOM   217 O  OD1 C ASP A 1 30 ? 13.155  3.837   12.566  0.62 35.71 ? 68   ASP B OD1 1 
ATOM   218 O  OD2 A ASP A 1 30 ? 12.991  3.506   13.293  0.38 29.66 ? 68   ASP B OD2 1 
ATOM   219 O  OD2 C ASP A 1 30 ? 11.534  3.685   11.098  0.62 37.52 ? 68   ASP B OD2 1 
ATOM   220 N  N   . ASP A 1 31 ? 10.559  0.104   14.797  1.00 28.92 ? 69   ASP B N   1 
ATOM   221 C  CA  . ASP A 1 31 ? 9.855   -0.538  15.892  1.00 31.56 ? 69   ASP B CA  1 
ATOM   222 C  C   . ASP A 1 31 ? 9.595   0.472   17.020  1.00 29.25 ? 69   ASP B C   1 
ATOM   223 O  O   . ASP A 1 31 ? 10.459  0.782   17.833  1.00 29.47 ? 69   ASP B O   1 
ATOM   224 C  CB  . ASP A 1 31 ? 10.650  -1.774  16.357  1.00 35.18 ? 69   ASP B CB  1 
ATOM   225 C  CG  . ASP A 1 31 ? 10.010  -2.515  17.561  1.00 38.69 ? 69   ASP B CG  1 
ATOM   226 O  OD1 . ASP A 1 31 ? 8.915   -2.181  18.081  1.00 37.84 ? 69   ASP B OD1 1 
ATOM   227 O  OD2 . ASP A 1 31 ? 10.654  -3.485  17.996  1.00 46.95 ? 69   ASP B OD2 1 
ATOM   228 N  N   . ASP A 1 32 ? 8.378   0.972   17.067  1.00 27.45 ? 70   ASP B N   1 
ATOM   229 C  CA  . ASP A 1 32 ? 8.001   1.935   18.064  1.00 27.16 ? 70   ASP B CA  1 
ATOM   230 C  C   . ASP A 1 32 ? 7.365   1.238   19.243  1.00 27.84 ? 70   ASP B C   1 
ATOM   231 O  O   . ASP A 1 32 ? 7.161   1.829   20.300  1.00 29.11 ? 70   ASP B O   1 
ATOM   232 C  CB  . ASP A 1 32 ? 7.009   2.908   17.441  1.00 25.89 ? 70   ASP B CB  1 
ATOM   233 C  CG  . ASP A 1 32 ? 7.586   3.582   16.245  1.00 25.83 ? 70   ASP B CG  1 
ATOM   234 O  OD1 . ASP A 1 32 ? 8.640   4.191   16.426  1.00 29.77 ? 70   ASP B OD1 1 
ATOM   235 O  OD2 . ASP A 1 32 ? 7.057   3.455   15.131  1.00 24.47 ? 70   ASP B OD2 1 
ATOM   236 N  N   . CYS A 1 33 ? 7.000   -0.017  19.049  1.00 27.88 ? 71   CYS B N   1 
ATOM   237 C  CA  . CYS A 1 33 ? 6.243   -0.715  20.075  1.00 28.84 ? 71   CYS B CA  1 
ATOM   238 C  C   . CYS A 1 33 ? 7.158   -1.273  21.134  1.00 33.34 ? 71   CYS B C   1 
ATOM   239 O  O   . CYS A 1 33 ? 6.821   -1.230  22.347  1.00 40.84 ? 71   CYS B O   1 
ATOM   240 C  CB  . CYS A 1 33 ? 5.353   -1.786  19.453  1.00 27.66 ? 71   CYS B CB  1 
ATOM   241 S  SG  . CYS A 1 33 ? 3.865   -1.015  18.744  1.00 24.50 ? 71   CYS B SG  1 
ATOM   242 N  N   . LEU A 1 34 ? 8.344   -1.682  20.672  1.00 33.20 ? 72   LEU B N   1 
ATOM   243 C  CA  . LEU A 1 34 ? 9.374   -2.393  21.444  1.00 35.04 ? 72   LEU B CA  1 
ATOM   244 C  C   . LEU A 1 34 ? 9.073   -3.876  21.449  1.00 34.42 ? 72   LEU B C   1 
ATOM   245 O  O   . LEU A 1 34 ? 9.940   -4.650  21.784  1.00 37.92 ? 72   LEU B O   1 
ATOM   246 C  CB  . LEU A 1 34 ? 9.570   -1.892  22.888  1.00 37.89 ? 72   LEU B CB  1 
ATOM   247 C  CG  . LEU A 1 34 ? 9.655   -0.380  23.157  1.00 40.06 ? 72   LEU B CG  1 
ATOM   248 C  CD1 . LEU A 1 34 ? 9.736   -0.154  24.656  1.00 39.87 ? 72   LEU B CD1 1 
ATOM   249 C  CD2 . LEU A 1 34 ? 10.756  0.346   22.376  1.00 40.20 ? 72   LEU B CD2 1 
ATOM   250 N  N   . ASP A 1 35 ? 7.862   -4.276  21.077  1.00 29.67 ? 73   ASP B N   1 
ATOM   251 C  CA  . ASP A 1 35 ? 7.600   -5.677  20.722  1.00 29.35 ? 73   ASP B CA  1 
ATOM   252 C  C   . ASP A 1 35 ? 7.567   -5.985  19.203  1.00 31.52 ? 73   ASP B C   1 
ATOM   253 O  O   . ASP A 1 35 ? 7.232   -7.113  18.800  1.00 31.60 ? 73   ASP B O   1 
ATOM   254 C  CB  . ASP A 1 35 ? 6.345   -6.210  21.418  1.00 27.14 ? 73   ASP B CB  1 
ATOM   255 C  CG  . ASP A 1 35 ? 5.078   -5.412  21.108  1.00 26.85 ? 73   ASP B CG  1 
ATOM   256 O  OD1 . ASP A 1 35 ? 4.951   -4.758  20.057  1.00 27.29 ? 73   ASP B OD1 1 
ATOM   257 O  OD2 . ASP A 1 35 ? 4.179   -5.464  21.946  1.00 26.62 ? 73   ASP B OD2 1 
ATOM   258 N  N   . HIS A 1 36 ? 7.902   -4.975  18.382  1.00 30.77 ? 74   HIS B N   1 
ATOM   259 C  CA  . HIS A 1 36 ? 7.870   -5.018  16.908  1.00 30.16 ? 74   HIS B CA  1 
ATOM   260 C  C   . HIS A 1 36 ? 6.464   -5.170  16.303  1.00 27.85 ? 74   HIS B C   1 
ATOM   261 O  O   . HIS A 1 36 ? 6.354   -5.341  15.100  1.00 25.78 ? 74   HIS B O   1 
ATOM   262 C  CB  . HIS A 1 36 ? 8.829   -6.101  16.371  1.00 35.71 ? 74   HIS B CB  1 
ATOM   263 C  CG  . HIS A 1 36 ? 9.278   -5.914  14.937  1.00 38.27 ? 74   HIS B CG  1 
ATOM   264 N  ND1 . HIS A 1 36 ? 8.579   -6.423  13.854  1.00 39.58 ? 74   HIS B ND1 1 
ATOM   265 C  CD2 . HIS A 1 36 ? 10.400  -5.348  14.420  1.00 38.46 ? 74   HIS B CD2 1 
ATOM   266 C  CE1 . HIS A 1 36 ? 9.238   -6.159  12.737  1.00 38.08 ? 74   HIS B CE1 1 
ATOM   267 N  NE2 . HIS A 1 36 ? 10.337  -5.494  13.050  1.00 37.34 ? 74   HIS B NE2 1 
ATOM   268 N  N   . SER A 1 37 ? 5.404   -5.096  17.115  1.00 25.39 ? 75   SER B N   1 
ATOM   269 C  CA  . SER A 1 37 ? 4.067   -5.389  16.613  1.00 25.61 ? 75   SER B CA  1 
ATOM   270 C  C   . SER A 1 37 ? 3.553   -4.384  15.586  1.00 23.46 ? 75   SER B C   1 
ATOM   271 O  O   . SER A 1 37 ? 2.787   -4.754  14.705  1.00 22.89 ? 75   SER B O   1 
ATOM   272 C  CB  . SER A 1 37 ? 3.071   -5.596  17.757  1.00 25.54 ? 75   SER B CB  1 
ATOM   273 O  OG  . SER A 1 37 ? 3.023   -4.529  18.671  1.00 27.52 ? 75   SER B OG  1 
ATOM   274 N  N   . ASP A 1 38 ? 3.958   -3.121  15.715  1.00 22.83 ? 76   ASP B N   1 
ATOM   275 C  CA  . ASP A 1 38 ? 3.668   -2.070  14.716  1.00 22.17 ? 76   ASP B CA  1 
ATOM   276 C  C   . ASP A 1 38 ? 4.312   -2.309  13.358  1.00 22.99 ? 76   ASP B C   1 
ATOM   277 O  O   . ASP A 1 38 ? 3.981   -1.667  12.392  1.00 24.72 ? 76   ASP B O   1 
ATOM   278 C  CB  . ASP A 1 38 ? 3.996   -0.655  15.264  1.00 22.31 ? 76   ASP B CB  1 
ATOM   279 C  CG  . ASP A 1 38 ? 5.462   -0.466  15.685  1.00 22.74 ? 76   ASP B CG  1 
ATOM   280 O  OD1 . ASP A 1 38 ? 6.041   -1.269  16.453  1.00 24.29 ? 76   ASP B OD1 1 
ATOM   281 O  OD2 . ASP A 1 38 ? 6.060   0.552   15.273  1.00 23.87 ? 76   ASP B OD2 1 
ATOM   282 N  N   . GLU A 1 39 ? 5.219   -3.268  13.288  1.00 23.37 ? 77   GLU B N   1 
ATOM   283 C  CA  . GLU A 1 39 ? 5.912   -3.573  12.058  1.00 25.84 ? 77   GLU B CA  1 
ATOM   284 C  C   . GLU A 1 39 ? 5.724   -5.040  11.596  1.00 28.18 ? 77   GLU B C   1 
ATOM   285 O  O   . GLU A 1 39 ? 6.418   -5.498  10.694  1.00 28.45 ? 77   GLU B O   1 
ATOM   286 C  CB  . GLU A 1 39 ? 7.413   -3.229  12.229  1.00 27.67 ? 77   GLU B CB  1 
ATOM   287 C  CG  . GLU A 1 39 ? 7.712   -1.764  12.565  1.00 26.31 ? 77   GLU B CG  1 
ATOM   288 C  CD  . GLU A 1 39 ? 7.124   -0.817  11.534  1.00 26.72 ? 77   GLU B CD  1 
ATOM   289 O  OE1 . GLU A 1 39 ? 7.121   -1.189  10.350  1.00 27.24 ? 77   GLU B OE1 1 
ATOM   290 O  OE2 . GLU A 1 39 ? 6.635   0.286   11.876  1.00 28.49 ? 77   GLU B OE2 1 
ATOM   291 N  N   . ASP A 1 40 ? 4.789   -5.763  12.215  1.00 31.69 ? 78   ASP B N   1 
ATOM   292 C  CA  . ASP A 1 40 ? 4.419   -7.131  11.778  1.00 33.18 ? 78   ASP B CA  1 
ATOM   293 C  C   . ASP A 1 40 ? 3.318   -7.122  10.739  1.00 35.13 ? 78   ASP B C   1 
ATOM   294 O  O   . ASP A 1 40 ? 2.397   -6.297  10.792  1.00 35.77 ? 78   ASP B O   1 
ATOM   295 C  CB  . ASP A 1 40 ? 3.875   -7.963  12.936  1.00 33.28 ? 78   ASP B CB  1 
ATOM   296 C  CG  . ASP A 1 40 ? 4.908   -8.318  13.970  1.00 33.51 ? 78   ASP B CG  1 
ATOM   297 O  OD1 . ASP A 1 40 ? 4.467   -8.595  15.105  1.00 36.36 ? 78   ASP B OD1 1 
ATOM   298 O  OD2 . ASP A 1 40 ? 6.121   -8.359  13.679  1.00 34.51 ? 78   ASP B OD2 1 
ATOM   299 N  N   . ASP A 1 41 ? 3.376   -8.096  9.834   1.00 41.22 ? 79   ASP B N   1 
ATOM   300 C  CA  . ASP A 1 41 ? 2.350   -8.300  8.801   1.00 44.72 ? 79   ASP B CA  1 
ATOM   301 C  C   . ASP A 1 41 ? 1.971   -7.012  8.124   1.00 41.87 ? 79   ASP B C   1 
ATOM   302 O  O   . ASP A 1 41 ? 0.795   -6.696  7.942   1.00 45.60 ? 79   ASP B O   1 
ATOM   303 C  CB  . ASP A 1 41 ? 1.119   -9.010  9.364   1.00 52.84 ? 79   ASP B CB  1 
ATOM   304 C  CG  . ASP A 1 41 ? 1.443   -10.406 9.859   1.00 66.90 ? 79   ASP B CG  1 
ATOM   305 O  OD1 . ASP A 1 41 ? 1.115   -10.699 11.037  1.00 70.59 ? 79   ASP B OD1 1 
ATOM   306 O  OD2 . ASP A 1 41 ? 2.061   -11.190 9.085   1.00 68.50 ? 79   ASP B OD2 1 
ATOM   307 N  N   . CYS A 1 42 ? 2.992   -6.255  7.758   1.00 39.64 ? 80   CYS B N   1 
ATOM   308 C  CA  . CYS A 1 42 ? 2.768   -5.036  7.040   1.00 37.26 ? 80   CYS B CA  1 
ATOM   309 C  C   . CYS A 1 42 ? 2.485   -5.356  5.576   1.00 40.80 ? 80   CYS B C   1 
ATOM   310 O  O   . CYS A 1 42 ? 3.111   -6.254  4.990   1.00 40.05 ? 80   CYS B O   1 
ATOM   311 C  CB  . CYS A 1 42 ? 3.974   -4.119  7.201   1.00 32.02 ? 80   CYS B CB  1 
ATOM   312 S  SG  . CYS A 1 42 ? 4.017   -3.406  8.840   1.00 29.07 ? 80   CYS B SG  1 
ATOM   313 N  N   . PRO A 1 43 ? 1.535   -4.621  4.981   1.00 43.14 ? 81   PRO B N   1 
ATOM   314 C  CA  . PRO A 1 43 ? 1.216   -4.886  3.589   1.00 45.67 ? 81   PRO B CA  1 
ATOM   315 C  C   . PRO A 1 43 ? 2.424   -4.603  2.673   1.00 48.97 ? 81   PRO B C   1 
ATOM   316 O  O   . PRO A 1 43 ? 3.307   -3.804  3.006   1.00 44.69 ? 81   PRO B O   1 
ATOM   317 C  CB  . PRO A 1 43 ? 0.054   -3.921  3.314   1.00 45.03 ? 81   PRO B CB  1 
ATOM   318 C  CG  . PRO A 1 43 ? 0.266   -2.789  4.261   1.00 41.66 ? 81   PRO B CG  1 
ATOM   319 C  CD  . PRO A 1 43 ? 0.863   -3.408  5.490   1.00 42.28 ? 81   PRO B CD  1 
ATOM   320 N  N   . LYS A 1 44 ? 2.467   -5.295  1.545   1.00 55.15 ? 82   LYS B N   1 
ATOM   321 C  CA  . LYS A 1 44 ? 3.398   -4.990  0.467   1.00 57.73 ? 82   LYS B CA  1 
ATOM   322 C  C   . LYS A 1 44 ? 3.282   -3.498  0.181   1.00 58.71 ? 82   LYS B C   1 
ATOM   323 O  O   . LYS A 1 44 ? 2.170   -2.968  0.060   1.00 55.89 ? 82   LYS B O   1 
ATOM   324 C  CB  . LYS A 1 44 ? 2.995   -5.802  -0.766  1.00 57.16 ? 82   LYS B CB  1 
ATOM   325 C  CG  . LYS A 1 44 ? 3.965   -5.791  -1.927  1.00 57.64 ? 82   LYS B CG  1 
ATOM   326 C  CD  . LYS A 1 44 ? 3.672   -6.999  -2.800  1.00 57.72 ? 82   LYS B CD  1 
ATOM   327 C  CE  . LYS A 1 44 ? 4.679   -7.138  -3.920  1.00 57.21 ? 82   LYS B CE  1 
ATOM   328 N  NZ  . LYS A 1 44 ? 4.433   -6.058  -4.911  1.00 59.53 ? 82   LYS B NZ  1 
ATOM   329 N  N   . LYS A 1 45 ? 4.416   -2.814  0.094   1.00 60.45 ? 83   LYS B N   1 
ATOM   330 C  CA  . LYS A 1 45 ? 4.379   -1.377  -0.164  1.00 64.70 ? 83   LYS B CA  1 
ATOM   331 C  C   . LYS A 1 45 ? 3.759   -1.078  -1.541  1.00 68.63 ? 83   LYS B C   1 
ATOM   332 O  O   . LYS A 1 45 ? 3.044   -0.086  -1.694  1.00 73.72 ? 83   LYS B O   1 
ATOM   333 C  CB  . LYS A 1 45 ? 5.766   -0.728  -0.030  1.00 64.60 ? 83   LYS B CB  1 
ATOM   334 C  CG  . LYS A 1 45 ? 6.616   -1.182  1.160   1.00 67.66 ? 83   LYS B CG  1 
ATOM   335 C  CD  . LYS A 1 45 ? 6.028   -0.858  2.530   1.00 65.88 ? 83   LYS B CD  1 
ATOM   336 C  CE  . LYS A 1 45 ? 6.682   -1.715  3.615   1.00 65.93 ? 83   LYS B CE  1 
ATOM   337 N  NZ  . LYS A 1 45 ? 6.222   -1.388  4.996   1.00 64.21 ? 83   LYS B NZ  1 
ATOM   338 N  N   . THR A 1 46 ? 3.984   -1.964  -2.514  1.00 62.82 ? 84   THR B N   1 
ATOM   339 C  CA  . THR A 1 46 ? 3.562   -1.726  -3.903  1.00 59.03 ? 84   THR B CA  1 
ATOM   340 C  C   . THR A 1 46 ? 2.293   -2.501  -4.314  1.00 53.85 ? 84   THR B C   1 
ATOM   341 O  O   . THR A 1 46 ? 1.679   -3.180  -3.475  1.00 50.30 ? 84   THR B O   1 
ATOM   342 C  CB  . THR A 1 46 ? 4.714   -2.028  -4.890  1.00 61.90 ? 84   THR B CB  1 
ATOM   343 O  OG1 . THR A 1 46 ? 5.358   -3.254  -4.509  1.00 61.52 ? 84   THR B OG1 1 
ATOM   344 C  CG2 . THR A 1 46 ? 5.741   -0.892  -4.903  1.00 61.28 ? 84   THR B CG2 1 
ATOM   345 N  N   . CYS A 1 47 ? 1.918   -2.370  -5.603  1.00 47.51 ? 85   CYS B N   1 
ATOM   346 C  CA  . CYS A 1 47 ? 0.820   -3.116  -6.239  1.00 42.13 ? 85   CYS B CA  1 
ATOM   347 C  C   . CYS A 1 47 ? 1.019   -4.619  -6.169  1.00 41.68 ? 85   CYS B C   1 
ATOM   348 O  O   . CYS A 1 47 ? 2.136   -5.108  -6.003  1.00 44.99 ? 85   CYS B O   1 
ATOM   349 C  CB  . CYS A 1 47 ? 0.712   -2.768  -7.729  1.00 40.27 ? 85   CYS B CB  1 
ATOM   350 S  SG  . CYS A 1 47 ? 0.338   -1.047  -8.117  1.00 38.86 ? 85   CYS B SG  1 
ATOM   351 N  N   . ALA A 1 48 ? -0.073  -5.349  -6.327  1.00 41.30 ? 86   ALA B N   1 
ATOM   352 C  CA  . ALA A 1 48 ? -0.014  -6.781  -6.600  1.00 43.33 ? 86   ALA B CA  1 
ATOM   353 C  C   . ALA A 1 48 ? 0.919   -7.018  -7.798  1.00 44.05 ? 86   ALA B C   1 
ATOM   354 O  O   . ALA A 1 48 ? 0.913   -6.223  -8.750  1.00 46.07 ? 86   ALA B O   1 
ATOM   355 C  CB  . ALA A 1 48 ? -1.419  -7.287  -6.924  1.00 41.56 ? 86   ALA B CB  1 
ATOM   356 N  N   . ASP A 1 49 ? 1.718   -8.093  -7.768  1.00 43.33 ? 87   ASP B N   1 
ATOM   357 C  CA  . ASP A 1 49 ? 2.497   -8.469  -8.954  1.00 41.62 ? 87   ASP B CA  1 
ATOM   358 C  C   . ASP A 1 49 ? 1.565   -8.821  -10.117 1.00 39.39 ? 87   ASP B C   1 
ATOM   359 O  O   . ASP A 1 49 ? 1.918   -8.627  -11.285 1.00 37.74 ? 87   ASP B O   1 
ATOM   360 C  CB  . ASP A 1 49 ? 3.495   -9.606  -8.656  1.00 47.28 ? 87   ASP B CB  1 
ATOM   361 C  CG  . ASP A 1 49 ? 4.849   -9.090  -8.114  1.00 53.46 ? 87   ASP B CG  1 
ATOM   362 O  OD1 . ASP A 1 49 ? 4.867   -8.105  -7.329  1.00 53.85 ? 87   ASP B OD1 1 
ATOM   363 O  OD2 . ASP A 1 49 ? 5.905   -9.675  -8.475  1.00 54.80 ? 87   ASP B OD2 1 
ATOM   364 N  N   . SER A 1 50 ? 0.360   -9.294  -9.775  1.00 39.31 ? 88   SER B N   1 
ATOM   365 C  CA  . SER A 1 50 ? -0.702  -9.645  -10.739 1.00 40.67 ? 88   SER B CA  1 
ATOM   366 C  C   . SER A 1 50 ? -1.479  -8.452  -11.331 1.00 40.60 ? 88   SER B C   1 
ATOM   367 O  O   . SER A 1 50 ? -2.088  -8.568  -12.399 1.00 39.35 ? 88   SER B O   1 
ATOM   368 C  CB  . SER A 1 50 ? -1.687  -10.593 -10.070 1.00 41.84 ? 88   SER B CB  1 
ATOM   369 O  OG  . SER A 1 50 ? -2.060  -10.087 -8.807  1.00 42.91 ? 88   SER B OG  1 
ATOM   370 N  N   . ASP A 1 51 ? -1.457  -7.321  -10.628 1.00 41.54 ? 89   ASP B N   1 
ATOM   371 C  CA  . ASP A 1 51 ? -1.989  -6.061  -11.144 1.00 43.10 ? 89   ASP B CA  1 
ATOM   372 C  C   . ASP A 1 51 ? -1.026  -5.393  -12.114 1.00 43.01 ? 89   ASP B C   1 
ATOM   373 O  O   . ASP A 1 51 ? 0.185   -5.617  -12.055 1.00 43.70 ? 89   ASP B O   1 
ATOM   374 C  CB  . ASP A 1 51 ? -2.209  -5.091  -9.989  1.00 46.38 ? 89   ASP B CB  1 
ATOM   375 C  CG  . ASP A 1 51 ? -3.502  -5.332  -9.266  1.00 48.68 ? 89   ASP B CG  1 
ATOM   376 O  OD1 . ASP A 1 51 ? -4.314  -6.166  -9.729  1.00 48.23 ? 89   ASP B OD1 1 
ATOM   377 O  OD2 . ASP A 1 51 ? -3.702  -4.672  -8.233  1.00 53.06 ? 89   ASP B OD2 1 
ATOM   378 N  N   . PHE A 1 52 ? -1.558  -4.546  -12.983 1.00 40.48 ? 90   PHE B N   1 
ATOM   379 C  CA  . PHE A 1 52 ? -0.725  -3.597  -13.697 1.00 35.82 ? 90   PHE B CA  1 
ATOM   380 C  C   . PHE A 1 52 ? -0.452  -2.381  -12.793 1.00 35.05 ? 90   PHE B C   1 
ATOM   381 O  O   . PHE A 1 52 ? -1.371  -1.828  -12.192 1.00 34.56 ? 90   PHE B O   1 
ATOM   382 C  CB  . PHE A 1 52 ? -1.373  -3.196  -15.012 1.00 32.36 ? 90   PHE B CB  1 
ATOM   383 C  CG  . PHE A 1 52 ? -0.617  -2.139  -15.767 1.00 33.70 ? 90   PHE B CG  1 
ATOM   384 C  CD1 . PHE A 1 52 ? 0.471   -2.476  -16.559 1.00 33.11 ? 90   PHE B CD1 1 
ATOM   385 C  CD2 . PHE A 1 52 ? -1.003  -0.798  -15.698 1.00 32.46 ? 90   PHE B CD2 1 
ATOM   386 C  CE1 . PHE A 1 52 ? 1.165   -1.510  -17.277 1.00 33.24 ? 90   PHE B CE1 1 
ATOM   387 C  CE2 . PHE A 1 52 ? -0.312  0.174   -16.403 1.00 34.18 ? 90   PHE B CE2 1 
ATOM   388 C  CZ  . PHE A 1 52 ? 0.782   -0.176  -17.195 1.00 34.62 ? 90   PHE B CZ  1 
ATOM   389 N  N   . THR A 1 53 ? 0.818   -2.006  -12.669 1.00 31.13 ? 91   THR B N   1 
ATOM   390 C  CA  . THR A 1 53 ? 1.190   -0.782  -12.002 1.00 28.39 ? 91   THR B CA  1 
ATOM   391 C  C   . THR A 1 53 ? 1.260   0.369   -13.012 1.00 28.56 ? 91   THR B C   1 
ATOM   392 O  O   . THR A 1 53 ? 2.103   0.385   -13.877 1.00 29.48 ? 91   THR B O   1 
ATOM   393 C  CB  . THR A 1 53 ? 2.544   -0.927  -11.283 1.00 27.74 ? 91   THR B CB  1 
ATOM   394 O  OG1 . THR A 1 53 ? 2.484   -1.999  -10.346 1.00 28.85 ? 91   THR B OG1 1 
ATOM   395 C  CG2 . THR A 1 53 ? 2.864   0.337   -10.513 1.00 26.11 ? 91   THR B CG2 1 
ATOM   396 N  N   . CYS A 1 54 ? 0.377   1.349   -12.897 1.00 28.49 ? 92   CYS B N   1 
ATOM   397 C  CA  . CYS A 1 54 ? 0.454   2.519   -13.763 1.00 27.47 ? 92   CYS B CA  1 
ATOM   398 C  C   . CYS A 1 54 ? 1.780   3.222   -13.507 1.00 26.77 ? 92   CYS B C   1 
ATOM   399 O  O   . CYS A 1 54 ? 2.387   3.033   -12.457 1.00 26.50 ? 92   CYS B O   1 
ATOM   400 C  CB  . CYS A 1 54 ? -0.681  3.482   -13.428 1.00 28.01 ? 92   CYS B CB  1 
ATOM   401 S  SG  . CYS A 1 54 ? -2.331  2.735   -13.528 1.00 28.86 ? 92   CYS B SG  1 
ATOM   402 N  N   . ASP A 1 55 ? 2.221   4.053   -14.436 1.00 25.86 ? 93   ASP B N   1 
ATOM   403 C  CA  . ASP A 1 55 ? 3.488   4.762   -14.245 1.00 27.67 ? 93   ASP B CA  1 
ATOM   404 C  C   . ASP A 1 55 ? 3.557   5.534   -12.923 1.00 25.25 ? 93   ASP B C   1 
ATOM   405 O  O   . ASP A 1 55 ? 4.559   5.513   -12.239 1.00 23.32 ? 93   ASP B O   1 
ATOM   406 C  CB  . ASP A 1 55 ? 3.762   5.686   -15.427 1.00 30.79 ? 93   ASP B CB  1 
ATOM   407 C  CG  . ASP A 1 55 ? 4.546   4.996   -16.528 1.00 34.70 ? 93   ASP B CG  1 
ATOM   408 O  OD1 . ASP A 1 55 ? 5.443   5.643   -17.119 1.00 43.47 ? 93   ASP B OD1 1 
ATOM   409 O  OD2 . ASP A 1 55 ? 4.290   3.813   -16.793 1.00 31.43 ? 93   ASP B OD2 1 
ATOM   410 N  N   . ASN A 1 56 ? 2.461   6.205   -12.575 1.00 25.86 ? 94   ASN B N   1 
ATOM   411 C  CA  . ASN A 1 56 ? 2.400   7.025   -11.355 1.00 25.20 ? 94   ASN B CA  1 
ATOM   412 C  C   . ASN A 1 56 ? 2.192   6.182   -10.122 1.00 25.82 ? 94   ASN B C   1 
ATOM   413 O  O   . ASN A 1 56 ? 2.161   6.715   -9.013  1.00 24.80 ? 94   ASN B O   1 
ATOM   414 C  CB  . ASN A 1 56 ? 1.299   8.122   -11.452 1.00 26.45 ? 94   ASN B CB  1 
ATOM   415 C  CG  . ASN A 1 56 ? -0.098  7.598   -11.118 1.00 27.56 ? 94   ASN B CG  1 
ATOM   416 O  OD1 . ASN A 1 56 ? -0.477  6.482   -11.490 1.00 25.80 ? 94   ASN B OD1 1 
ATOM   417 N  ND2 . ASN A 1 56 ? -0.868  8.415   -10.402 1.00 28.85 ? 94   ASN B ND2 1 
ATOM   418 N  N   . GLY A 1 57 ? 2.043   4.870   -10.314 1.00 23.91 ? 95   GLY B N   1 
ATOM   419 C  CA  . GLY A 1 57 ? 1.936   3.962   -9.192  1.00 25.70 ? 95   GLY B CA  1 
ATOM   420 C  C   . GLY A 1 57 ? 0.531   3.510   -8.825  1.00 25.87 ? 95   GLY B C   1 
ATOM   421 O  O   . GLY A 1 57 ? 0.363   2.672   -7.953  1.00 26.83 ? 95   GLY B O   1 
ATOM   422 N  N   . HIS A 1 58 ? -0.474  4.070   -9.470  1.00 24.90 ? 96   HIS B N   1 
ATOM   423 C  CA  . HIS A 1 58 ? -1.833  3.589   -9.293  1.00 27.13 ? 96   HIS B CA  1 
ATOM   424 C  C   . HIS A 1 58 ? -1.921  2.118   -9.753  1.00 27.65 ? 96   HIS B C   1 
ATOM   425 O  O   . HIS A 1 58 ? -1.348  1.764   -10.771 1.00 29.23 ? 96   HIS B O   1 
ATOM   426 C  CB  . HIS A 1 58 ? -2.733  4.481   -10.137 1.00 25.88 ? 96   HIS B CB  1 
ATOM   427 C  CG  . HIS A 1 58 ? -4.189  4.155   -10.041 1.00 26.89 ? 96   HIS B CG  1 
ATOM   428 N  ND1 . HIS A 1 58 ? -4.907  4.290   -8.875  1.00 28.60 ? 96   HIS B ND1 1 
ATOM   429 C  CD2 . HIS A 1 58 ? -5.063  3.720   -10.975 1.00 28.51 ? 96   HIS B CD2 1 
ATOM   430 C  CE1 . HIS A 1 58 ? -6.160  3.948   -9.095  1.00 29.11 ? 96   HIS B CE1 1 
ATOM   431 N  NE2 . HIS A 1 58 ? -6.282  3.596   -10.360 1.00 28.31 ? 96   HIS B NE2 1 
ATOM   432 N  N   . CYS A 1 59 ? -2.630  1.265   -9.001  1.00 31.78 ? 97   CYS B N   1 
ATOM   433 C  CA  . CYS A 1 59 ? -2.755  -0.176  -9.336  1.00 33.18 ? 97   CYS B CA  1 
ATOM   434 C  C   . CYS A 1 59 ? -4.078  -0.431  -9.979  1.00 33.89 ? 97   CYS B C   1 
ATOM   435 O  O   . CYS A 1 59 ? -5.087  0.048   -9.484  1.00 35.45 ? 97   CYS B O   1 
ATOM   436 C  CB  . CYS A 1 59 ? -2.688  -1.053  -8.095  1.00 33.32 ? 97   CYS B CB  1 
ATOM   437 S  SG  . CYS A 1 59 ? -1.311  -0.689  -6.997  1.00 39.43 ? 97   CYS B SG  1 
ATOM   438 N  N   . ILE A 1 60 ? -4.059  -1.139  -11.106 1.00 33.67 ? 98   ILE B N   1 
ATOM   439 C  CA  . ILE A 1 60 ? -5.261  -1.597  -11.794 1.00 32.78 ? 98   ILE B CA  1 
ATOM   440 C  C   . ILE A 1 60 ? -5.125  -3.099  -12.094 1.00 37.57 ? 98   ILE B C   1 
ATOM   441 O  O   . ILE A 1 60 ? -4.014  -3.626  -12.228 1.00 34.92 ? 98   ILE B O   1 
ATOM   442 C  CB  . ILE A 1 60 ? -5.556  -0.791  -13.091 1.00 33.21 ? 98   ILE B CB  1 
ATOM   443 C  CG1 . ILE A 1 60 ? -4.644  -1.234  -14.245 1.00 31.46 ? 98   ILE B CG1 1 
ATOM   444 C  CG2 . ILE A 1 60 ? -5.460  0.714   -12.833 1.00 30.21 ? 98   ILE B CG2 1 
ATOM   445 C  CD1 . ILE A 1 60 ? -4.935  -0.625  -15.599 1.00 29.30 ? 98   ILE B CD1 1 
ATOM   446 N  N   . HIS A 1 61 ? -6.253  -3.795  -12.193 1.00 39.76 ? 99   HIS B N   1 
ATOM   447 C  CA  . HIS A 1 61 ? -6.210  -5.215  -12.515 1.00 39.55 ? 99   HIS B CA  1 
ATOM   448 C  C   . HIS A 1 61 ? -5.700  -5.415  -13.924 1.00 40.53 ? 99   HIS B C   1 
ATOM   449 O  O   . HIS A 1 61 ? -5.985  -4.618  -14.808 1.00 40.82 ? 99   HIS B O   1 
ATOM   450 C  CB  . HIS A 1 61 ? -7.556  -5.897  -12.240 1.00 39.24 ? 99   HIS B CB  1 
ATOM   451 C  CG  . HIS A 1 61 ? -7.901  -5.939  -10.780 1.00 41.46 ? 99   HIS B CG  1 
ATOM   452 N  ND1 . HIS A 1 61 ? -6.969  -6.242  -9.805  1.00 42.78 ? 99   HIS B ND1 1 
ATOM   453 C  CD2 . HIS A 1 61 ? -9.061  -5.692  -10.121 1.00 42.78 ? 99   HIS B CD2 1 
ATOM   454 C  CE1 . HIS A 1 61 ? -7.540  -6.187  -8.612  1.00 44.11 ? 99   HIS B CE1 1 
ATOM   455 N  NE2 . HIS A 1 61 ? -8.808  -5.855  -8.775  1.00 44.59 ? 99   HIS B NE2 1 
ATOM   456 N  N   . GLU A 1 62 ? -4.897  -6.463  -14.110 1.00 46.26 ? 100  GLU B N   1 
ATOM   457 C  CA  . GLU A 1 62 ? -4.207  -6.722  -15.375 1.00 48.93 ? 100  GLU B CA  1 
ATOM   458 C  C   . GLU A 1 62 ? -5.119  -6.720  -16.584 1.00 46.99 ? 100  GLU B C   1 
ATOM   459 O  O   . GLU A 1 62 ? -4.713  -6.310  -17.673 1.00 42.08 ? 100  GLU B O   1 
ATOM   460 C  CB  . GLU A 1 62 ? -3.474  -8.069  -15.323 1.00 56.94 ? 100  GLU B CB  1 
ATOM   461 C  CG  . GLU A 1 62 ? -2.632  -8.371  -16.560 1.00 63.49 ? 100  GLU B CG  1 
ATOM   462 C  CD  . GLU A 1 62 ? -1.462  -7.409  -16.734 1.00 67.88 ? 100  GLU B CD  1 
ATOM   463 O  OE1 . GLU A 1 62 ? -0.778  -7.099  -15.726 1.00 68.94 ? 100  GLU B OE1 1 
ATOM   464 O  OE2 . GLU A 1 62 ? -1.231  -6.967  -17.883 1.00 68.46 ? 100  GLU B OE2 1 
ATOM   465 N  N   . ARG A 1 63 ? -6.343  -7.198  -16.395 1.00 47.96 ? 101  ARG B N   1 
ATOM   466 C  CA  . ARG A 1 63 ? -7.288  -7.289  -17.503 1.00 52.55 ? 101  ARG B CA  1 
ATOM   467 C  C   . ARG A 1 63 ? -7.533  -5.965  -18.251 1.00 52.78 ? 101  ARG B C   1 
ATOM   468 O  O   . ARG A 1 63 ? -7.756  -5.997  -19.474 1.00 53.14 ? 101  ARG B O   1 
ATOM   469 C  CB  . ARG A 1 63 ? -8.608  -7.981  -17.076 1.00 56.78 ? 101  ARG B CB  1 
ATOM   470 C  CG  . ARG A 1 63 ? -9.468  -7.265  -16.033 1.00 56.97 ? 101  ARG B CG  1 
ATOM   471 C  CD  . ARG A 1 63 ? -10.926 -7.694  -16.124 1.00 56.91 ? 101  ARG B CD  1 
ATOM   472 N  NE  . ARG A 1 63 ? -11.097 -9.138  -15.910 1.00 65.81 ? 101  ARG B NE  1 
ATOM   473 C  CZ  . ARG A 1 63 ? -11.428 -10.033 -16.853 1.00 67.43 ? 101  ARG B CZ  1 
ATOM   474 N  NH1 . ARG A 1 63 ? -11.646 -9.668  -18.122 1.00 66.67 ? 101  ARG B NH1 1 
ATOM   475 N  NH2 . ARG A 1 63 ? -11.550 -11.312 -16.522 1.00 64.25 ? 101  ARG B NH2 1 
ATOM   476 N  N   . TRP A 1 64 ? -7.464  -4.826  -17.532 1.00 49.28 ? 102  TRP B N   1 
ATOM   477 C  CA  . TRP A 1 64 ? -7.755  -3.479  -18.098 1.00 49.90 ? 102  TRP B CA  1 
ATOM   478 C  C   . TRP A 1 64 ? -6.572  -2.794  -18.777 1.00 50.87 ? 102  TRP B C   1 
ATOM   479 O  O   . TRP A 1 64 ? -6.708  -1.672  -19.290 1.00 47.07 ? 102  TRP B O   1 
ATOM   480 C  CB  . TRP A 1 64 ? -8.253  -2.517  -17.024 1.00 50.33 ? 102  TRP B CB  1 
ATOM   481 C  CG  . TRP A 1 64 ? -9.179  -3.108  -16.050 1.00 54.79 ? 102  TRP B CG  1 
ATOM   482 C  CD1 . TRP A 1 64 ? -8.919  -3.409  -14.732 1.00 56.63 ? 102  TRP B CD1 1 
ATOM   483 C  CD2 . TRP A 1 64 ? -10.533 -3.472  -16.288 1.00 55.54 ? 102  TRP B CD2 1 
ATOM   484 N  NE1 . TRP A 1 64 ? -10.036 -3.945  -14.138 1.00 56.54 ? 102  TRP B NE1 1 
ATOM   485 C  CE2 . TRP A 1 64 ? -11.043 -4.000  -15.071 1.00 58.44 ? 102  TRP B CE2 1 
ATOM   486 C  CE3 . TRP A 1 64 ? -11.368 -3.418  -17.415 1.00 56.16 ? 102  TRP B CE3 1 
ATOM   487 C  CZ2 . TRP A 1 64 ? -12.360 -4.471  -14.952 1.00 57.48 ? 102  TRP B CZ2 1 
ATOM   488 C  CZ3 . TRP A 1 64 ? -12.675 -3.883  -17.297 1.00 55.83 ? 102  TRP B CZ3 1 
ATOM   489 C  CH2 . TRP A 1 64 ? -13.157 -4.405  -16.073 1.00 56.37 ? 102  TRP B CH2 1 
ATOM   490 N  N   . LYS A 1 65 ? -5.407  -3.441  -18.729 1.00 52.00 ? 103  LYS B N   1 
ATOM   491 C  CA  . LYS A 1 65 ? -4.244  -2.976  -19.459 1.00 52.66 ? 103  LYS B CA  1 
ATOM   492 C  C   . LYS A 1 65 ? -4.557  -3.058  -20.962 1.00 50.54 ? 103  LYS B C   1 
ATOM   493 O  O   . LYS A 1 65 ? -5.073  -4.068  -21.449 1.00 55.19 ? 103  LYS B O   1 
ATOM   494 C  CB  . LYS A 1 65 ? -3.033  -3.819  -19.070 1.00 53.04 ? 103  LYS B CB  1 
ATOM   495 C  CG  . LYS A 1 65 ? -1.693  -3.301  -19.563 1.00 57.39 ? 103  LYS B CG  1 
ATOM   496 C  CD  . LYS A 1 65 ? -0.636  -4.366  -19.321 1.00 59.13 ? 103  LYS B CD  1 
ATOM   497 C  CE  . LYS A 1 65 ? 0.458   -4.357  -20.371 1.00 65.08 ? 103  LYS B CE  1 
ATOM   498 N  NZ  . LYS A 1 65 ? 1.426   -5.456  -20.090 1.00 72.29 ? 103  LYS B NZ  1 
ATOM   499 N  N   . CYS A 1 66 ? -4.331  -1.953  -21.659 1.00 48.36 ? 104  CYS B N   1 
ATOM   500 C  CA  . CYS A 1 66 ? -4.362  -1.880  -23.124 1.00 54.35 ? 104  CYS B CA  1 
ATOM   501 C  C   . CYS A 1 66 ? -5.701  -2.069  -23.844 1.00 59.63 ? 104  CYS B C   1 
ATOM   502 O  O   . CYS A 1 66 ? -5.728  -2.213  -25.074 1.00 62.83 ? 104  CYS B O   1 
ATOM   503 C  CB  . CYS A 1 66 ? -3.312  -2.819  -23.712 1.00 58.87 ? 104  CYS B CB  1 
ATOM   504 S  SG  . CYS A 1 66 ? -1.641  -2.321  -23.242 1.00 59.80 ? 104  CYS B SG  1 
ATOM   505 N  N   . ASP A 1 67 ? -6.795  -2.036  -23.084 1.00 57.12 ? 105  ASP B N   1 
ATOM   506 C  CA  . ASP A 1 67 ? -8.114  -2.355  -23.603 1.00 50.26 ? 105  ASP B CA  1 
ATOM   507 C  C   . ASP A 1 67 ? -8.927  -1.134  -24.013 1.00 48.88 ? 105  ASP B C   1 
ATOM   508 O  O   . ASP A 1 67 ? -10.146 -1.170  -23.961 1.00 52.22 ? 105  ASP B O   1 
ATOM   509 C  CB  . ASP A 1 67 ? -8.898  -3.189  -22.579 1.00 50.58 ? 105  ASP B CB  1 
ATOM   510 C  CG  . ASP A 1 67 ? -9.298  -2.389  -21.337 1.00 51.47 ? 105  ASP B CG  1 
ATOM   511 O  OD1 . ASP A 1 67 ? -9.696  -3.004  -20.324 1.00 58.19 ? 105  ASP B OD1 1 
ATOM   512 O  OD2 . ASP A 1 67 ? -9.218  -1.144  -21.361 1.00 50.55 ? 105  ASP B OD2 1 
ATOM   513 N  N   . GLY A 1 68 ? -8.271  -0.051  -24.401 1.00 47.02 ? 106  GLY B N   1 
ATOM   514 C  CA  . GLY A 1 68 ? -8.993  1.114   -24.931 1.00 44.48 ? 106  GLY B CA  1 
ATOM   515 C  C   . GLY A 1 68 ? -9.479  2.194   -23.963 1.00 39.72 ? 106  GLY B C   1 
ATOM   516 O  O   . GLY A 1 68 ? -9.671  3.325   -24.356 1.00 44.75 ? 106  GLY B O   1 
ATOM   517 N  N   . GLU A 1 69 ? -9.680  1.852   -22.703 1.00 38.05 ? 107  GLU B N   1 
ATOM   518 C  CA  . GLU A 1 69 ? -10.136 2.840   -21.729 1.00 38.27 ? 107  GLU B CA  1 
ATOM   519 C  C   . GLU A 1 69 ? -8.978  3.124   -20.769 1.00 38.37 ? 107  GLU B C   1 
ATOM   520 O  O   . GLU A 1 69 ? -8.288  2.172   -20.337 1.00 39.28 ? 107  GLU B O   1 
ATOM   521 C  CB  . GLU A 1 69 ? -11.367 2.324   -20.967 1.00 38.71 ? 107  GLU B CB  1 
ATOM   522 C  CG  . GLU A 1 69 ? -12.671 2.248   -21.776 1.00 38.24 ? 107  GLU B CG  1 
ATOM   523 C  CD  . GLU A 1 69 ? -13.226 3.608   -22.205 1.00 41.79 ? 107  GLU B CD  1 
ATOM   524 O  OE1 . GLU A 1 69 ? -12.686 4.668   -21.814 1.00 43.03 ? 107  GLU B OE1 1 
ATOM   525 O  OE2 . GLU A 1 69 ? -14.229 3.638   -22.953 1.00 43.81 ? 107  GLU B OE2 1 
ATOM   526 N  N   . GLU A 1 70 ? -8.749  4.399   -20.441 1.00 33.33 ? 108  GLU B N   1 
ATOM   527 C  CA  . GLU A 1 70 ? -7.659  4.739   -19.504 1.00 32.27 ? 108  GLU B CA  1 
ATOM   528 C  C   . GLU A 1 70 ? -8.086  4.599   -18.095 1.00 29.10 ? 108  GLU B C   1 
ATOM   529 O  O   . GLU A 1 70 ? -8.694  5.516   -17.539 1.00 28.46 ? 108  GLU B O   1 
ATOM   530 C  CB  . GLU A 1 70 ? -7.164  6.153   -19.686 1.00 33.83 ? 108  GLU B CB  1 
ATOM   531 C  CG  . GLU A 1 70 ? -6.267  6.349   -20.886 1.00 38.57 ? 108  GLU B CG  1 
ATOM   532 C  CD  . GLU A 1 70 ? -5.906  7.800   -21.098 1.00 40.69 ? 108  GLU B CD  1 
ATOM   533 O  OE1 . GLU A 1 70 ? -6.192  8.638   -20.218 1.00 40.17 ? 108  GLU B OE1 1 
ATOM   534 O  OE2 . GLU A 1 70 ? -5.319  8.097   -22.156 1.00 45.36 ? 108  GLU B OE2 1 
ATOM   535 N  N   . GLU A 1 71 ? -7.736  3.455   -17.514 1.00 31.07 ? 109  GLU B N   1 
ATOM   536 C  CA  . GLU A 1 71 ? -7.922  3.199   -16.072 1.00 32.40 ? 109  GLU B CA  1 
ATOM   537 C  C   . GLU A 1 71 ? -6.786  3.746   -15.225 1.00 29.38 ? 109  GLU B C   1 
ATOM   538 O  O   . GLU A 1 71 ? -6.888  3.763   -14.018 1.00 29.44 ? 109  GLU B O   1 
ATOM   539 C  CB  . GLU A 1 71 ? -8.066  1.711   -15.756 1.00 35.60 ? 109  GLU B CB  1 
ATOM   540 C  CG  . GLU A 1 71 ? -9.459  1.158   -15.963 1.00 36.72 ? 109  GLU B CG  1 
ATOM   541 C  CD  . GLU A 1 71 ? -9.657  0.667   -17.371 1.00 38.89 ? 109  GLU B CD  1 
ATOM   542 O  OE1 . GLU A 1 71 ? -8.671  0.293   -18.042 1.00 43.60 ? 109  GLU B OE1 1 
ATOM   543 O  OE2 . GLU A 1 71 ? -10.804 0.682   -17.826 1.00 41.92 ? 109  GLU B OE2 1 
ATOM   544 N  N   . CYS A 1 72 ? -5.699  4.151   -15.869 1.00 29.49 ? 110  CYS B N   1 
ATOM   545 C  CA  . CYS A 1 72 ? -4.625  4.840   -15.199 1.00 29.27 ? 110  CYS B CA  1 
ATOM   546 C  C   . CYS A 1 72 ? -4.851  6.330   -15.377 1.00 30.50 ? 110  CYS B C   1 
ATOM   547 O  O   . CYS A 1 72 ? -5.098  6.778   -16.495 1.00 29.26 ? 110  CYS B O   1 
ATOM   548 C  CB  . CYS A 1 72 ? -3.291  4.486   -15.843 1.00 29.56 ? 110  CYS B CB  1 
ATOM   549 S  SG  . CYS A 1 72 ? -2.678  2.818   -15.516 1.00 29.61 ? 110  CYS B SG  1 
ATOM   550 N  N   . PRO A 1 73 ? -4.706  7.117   -14.287 1.00 34.30 ? 111  PRO B N   1 
ATOM   551 C  CA  . PRO A 1 73 ? -4.931  8.580   -14.356 1.00 33.35 ? 111  PRO B CA  1 
ATOM   552 C  C   . PRO A 1 73 ? -3.938  9.286   -15.248 1.00 33.79 ? 111  PRO B C   1 
ATOM   553 O  O   . PRO A 1 73 ? -4.221  10.368  -15.745 1.00 34.06 ? 111  PRO B O   1 
ATOM   554 C  CB  . PRO A 1 73 ? -4.768  9.040   -12.909 1.00 33.38 ? 111  PRO B CB  1 
ATOM   555 C  CG  . PRO A 1 73 ? -3.929  7.984   -12.272 1.00 37.00 ? 111  PRO B CG  1 
ATOM   556 C  CD  . PRO A 1 73 ? -4.302  6.689   -12.931 1.00 34.93 ? 111  PRO B CD  1 
ATOM   557 N  N   . ASP A 1 74 ? -2.800  8.645   -15.474 1.00 32.14 ? 112  ASP B N   1 
ATOM   558 C  CA  . ASP A 1 74 ? -1.795  9.142   -16.367 1.00 31.42 ? 112  ASP B CA  1 
ATOM   559 C  C   . ASP A 1 74 ? -1.892  8.414   -17.719 1.00 33.06 ? 112  ASP B C   1 
ATOM   560 O  O   . ASP A 1 74 ? -1.018  8.560   -18.598 1.00 33.70 ? 112  ASP B O   1 
ATOM   561 C  CB  . ASP A 1 74 ? -0.419  8.944   -15.716 1.00 33.42 ? 112  ASP B CB  1 
ATOM   562 C  CG  . ASP A 1 74 ? -0.086  7.457   -15.415 1.00 33.08 ? 112  ASP B CG  1 
ATOM   563 O  OD1 . ASP A 1 74 ? -0.866  6.538   -15.748 1.00 31.99 ? 112  ASP B OD1 1 
ATOM   564 O  OD2 . ASP A 1 74 ? 0.984   7.213   -14.839 1.00 32.37 ? 112  ASP B OD2 1 
ATOM   565 N  N   . GLY A 1 75 ? -2.932  7.593   -17.863 1.00 30.90 ? 113  GLY B N   1 
ATOM   566 C  CA  . GLY A 1 75 ? -3.198  6.899   -19.111 1.00 32.15 ? 113  GLY B CA  1 
ATOM   567 C  C   . GLY A 1 75 ? -2.181  5.877   -19.564 1.00 30.53 ? 113  GLY B C   1 
ATOM   568 O  O   . GLY A 1 75 ? -2.274  5.375   -20.667 1.00 30.09 ? 113  GLY B O   1 
ATOM   569 N  N   . SER A 1 76 ? -1.229  5.544   -18.688 1.00 30.86 ? 114  SER B N   1 
ATOM   570 C  CA  . SER A 1 76 ? -0.148  4.618   -19.000 1.00 29.12 ? 114  SER B CA  1 
ATOM   571 C  C   . SER A 1 76 ? -0.578  3.176   -19.166 1.00 29.69 ? 114  SER B C   1 
ATOM   572 O  O   . SER A 1 76 ? 0.238   2.363   -19.549 1.00 32.88 ? 114  SER B O   1 
ATOM   573 C  CB  . SER A 1 76 ? 0.925   4.676   -17.929 1.00 27.84 ? 114  SER B CB  1 
ATOM   574 O  OG  . SER A 1 76 ? 0.348   4.357   -16.678 1.00 27.68 ? 114  SER B OG  1 
ATOM   575 N  N   . ASP A 1 77 ? -1.827  2.831   -18.862 1.00 30.07 ? 115  ASP B N   1 
ATOM   576 C  CA  . ASP A 1 77 ? -2.329  1.483   -19.181 1.00 31.03 ? 115  ASP B CA  1 
ATOM   577 C  C   . ASP A 1 77 ? -2.694  1.370   -20.643 1.00 31.64 ? 115  ASP B C   1 
ATOM   578 O  O   . ASP A 1 77 ? -2.937  0.272   -21.137 1.00 32.84 ? 115  ASP B O   1 
ATOM   579 C  CB  . ASP A 1 77 ? -3.522  1.068   -18.316 1.00 29.76 ? 115  ASP B CB  1 
ATOM   580 C  CG  . ASP A 1 77 ? -4.700  2.034   -18.422 1.00 31.30 ? 115  ASP B CG  1 
ATOM   581 O  OD1 . ASP A 1 77 ? -4.496  3.286   -18.457 1.00 30.06 ? 115  ASP B OD1 1 
ATOM   582 O  OD2 . ASP A 1 77 ? -5.843  1.520   -18.469 1.00 29.02 ? 115  ASP B OD2 1 
ATOM   583 N  N   . GLU A 1 78 ? -2.702  2.510   -21.324 1.00 33.43 ? 116  GLU B N   1 
ATOM   584 C  CA  . GLU A 1 78 ? -3.103  2.579   -22.717 1.00 38.24 ? 116  GLU B CA  1 
ATOM   585 C  C   . GLU A 1 78 ? -2.041  3.183   -23.611 1.00 41.91 ? 116  GLU B C   1 
ATOM   586 O  O   . GLU A 1 78 ? -2.305  3.421   -24.794 1.00 42.24 ? 116  GLU B O   1 
ATOM   587 C  CB  . GLU A 1 78 ? -4.378  3.424   -22.861 1.00 38.27 ? 116  GLU B CB  1 
ATOM   588 C  CG  . GLU A 1 78 ? -5.578  2.874   -22.134 1.00 34.06 ? 116  GLU B CG  1 
ATOM   589 C  CD  . GLU A 1 78 ? -5.919  1.480   -22.576 1.00 36.19 ? 116  GLU B CD  1 
ATOM   590 O  OE1 . GLU A 1 78 ? -5.795  1.193   -23.786 1.00 40.92 ? 116  GLU B OE1 1 
ATOM   591 O  OE2 . GLU A 1 78 ? -6.333  0.675   -21.716 1.00 34.29 ? 116  GLU B OE2 1 
ATOM   592 N  N   . SER A 1 79 ? -0.851  3.437   -23.067 1.00 44.82 ? 117  SER B N   1 
ATOM   593 C  CA  . SER A 1 79 ? 0.183   4.167   -23.819 1.00 47.68 ? 117  SER B CA  1 
ATOM   594 C  C   . SER A 1 79 ? 0.827   3.336   -24.935 1.00 51.48 ? 117  SER B C   1 
ATOM   595 O  O   . SER A 1 79 ? 0.795   2.090   -24.916 1.00 44.22 ? 117  SER B O   1 
ATOM   596 C  CB  . SER A 1 79 ? 1.258   4.696   -22.881 1.00 48.24 ? 117  SER B CB  1 
ATOM   597 O  OG  . SER A 1 79 ? 1.919   3.607   -22.267 1.00 51.92 ? 117  SER B OG  1 
ATOM   598 N  N   . GLU A 1 80 ? 1.406   4.043   -25.909 1.00 57.28 ? 118  GLU B N   1 
ATOM   599 C  CA  . GLU A 1 80 ? 2.138   3.394   -26.990 1.00 65.46 ? 118  GLU B CA  1 
ATOM   600 C  C   . GLU A 1 80 ? 3.178   2.470   -26.359 1.00 62.66 ? 118  GLU B C   1 
ATOM   601 O  O   . GLU A 1 80 ? 3.190   1.274   -26.634 1.00 66.54 ? 118  GLU B O   1 
ATOM   602 C  CB  . GLU A 1 80 ? 2.819   4.427   -27.891 1.00 72.18 ? 118  GLU B CB  1 
ATOM   603 C  CG  . GLU A 1 80 ? 2.957   4.012   -29.349 1.00 76.57 ? 118  GLU B CG  1 
ATOM   604 C  CD  . GLU A 1 80 ? 2.043   4.804   -30.267 1.00 85.93 ? 118  GLU B CD  1 
ATOM   605 O  OE1 . GLU A 1 80 ? 2.517   5.228   -31.348 1.00 88.15 ? 118  GLU B OE1 1 
ATOM   606 O  OE2 . GLU A 1 80 ? 0.859   5.016   -29.902 1.00 89.12 ? 118  GLU B OE2 1 
ATOM   607 N  N   . ALA A 1 81 ? 4.010   3.031   -25.476 1.00 57.81 ? 119  ALA B N   1 
ATOM   608 C  CA  . ALA A 1 81 ? 5.040   2.290   -24.742 1.00 49.93 ? 119  ALA B CA  1 
ATOM   609 C  C   . ALA A 1 81 ? 4.569   0.963   -24.121 1.00 53.12 ? 119  ALA B C   1 
ATOM   610 O  O   . ALA A 1 81 ? 5.257   -0.065  -24.215 1.00 53.93 ? 119  ALA B O   1 
ATOM   611 C  CB  . ALA A 1 81 ? 5.630   3.193   -23.673 1.00 47.88 ? 119  ALA B CB  1 
ATOM   612 N  N   . THR A 1 82 ? 3.385   0.991   -23.507 1.00 52.64 ? 120  THR B N   1 
ATOM   613 C  CA  . THR A 1 82 ? 2.877   -0.095  -22.660 1.00 50.85 ? 120  THR B CA  1 
ATOM   614 C  C   . THR A 1 82 ? 2.369   -1.270  -23.475 1.00 53.69 ? 120  THR B C   1 
ATOM   615 O  O   . THR A 1 82 ? 2.474   -2.438  -23.050 1.00 51.72 ? 120  THR B O   1 
ATOM   616 C  CB  . THR A 1 82 ? 1.755   0.432   -21.730 1.00 46.48 ? 120  THR B CB  1 
ATOM   617 O  OG1 . THR A 1 82 ? 2.296   1.484   -20.932 1.00 45.46 ? 120  THR B OG1 1 
ATOM   618 C  CG2 . THR A 1 82 ? 1.164   -0.664  -20.816 1.00 40.63 ? 120  THR B CG2 1 
ATOM   619 N  N   . CYS A 1 83 ? 1.802   -0.949  -24.634 1.00 57.29 ? 121  CYS B N   1 
ATOM   620 C  CA  . CYS A 1 83 ? 1.165   -1.957  -25.466 1.00 63.49 ? 121  CYS B CA  1 
ATOM   621 C  C   . CYS A 1 83 ? 2.064   -2.155  -26.690 1.00 66.11 ? 121  CYS B C   1 
ATOM   622 O  O   . CYS A 1 83 ? 2.344   -1.202  -27.408 1.00 70.86 ? 121  CYS B O   1 
ATOM   623 C  CB  . CYS A 1 83 ? -0.270  -1.516  -25.827 1.00 61.09 ? 121  CYS B CB  1 
ATOM   624 S  SG  . CYS A 1 83 ? -1.247  -0.752  -24.475 1.00 56.88 ? 121  CYS B SG  1 
ATOM   625 N  N   . THR A 1 84 ? 2.566   -3.375  -26.888 1.00 73.56 ? 122  THR B N   1 
ATOM   626 C  CA  . THR A 1 84 ? 3.514   -3.663  -27.988 1.00 76.80 ? 122  THR B CA  1 
ATOM   627 C  C   . THR A 1 84 ? 3.084   -4.857  -28.865 1.00 76.87 ? 122  THR B C   1 
ATOM   628 O  O   . THR A 1 84 ? 3.057   -6.011  -28.429 1.00 74.76 ? 122  THR B O   1 
ATOM   629 C  CB  . THR A 1 84 ? 4.969   -3.847  -27.476 1.00 76.24 ? 122  THR B CB  1 
ATOM   630 O  OG1 . THR A 1 84 ? 5.410   -2.636  -26.853 1.00 70.84 ? 122  THR B OG1 1 
ATOM   631 C  CG2 . THR A 1 84 ? 5.928   -4.199  -28.628 1.00 73.69 ? 122  THR B CG2 1 
HETATM 632 CA CA  . CA  B 2 .  ? 6.718   1.938   13.522  1.00 23.80 ? 3001 CA  B CA  1 
HETATM 633 CA CA  . CA  C 2 .  ? -7.417  0.383   -19.955 1.00 37.58 ? 3002 CA  B CA  1 
HETATM 634 O  O   . HOH D 3 .  ? 12.612  4.213   16.945  1.00 52.21 ? 3101 HOH B O   1 
HETATM 635 O  O   . HOH D 3 .  ? 3.088   -11.738 12.152  1.00 39.00 ? 3102 HOH B O   1 
HETATM 636 O  O   . HOH D 3 .  ? 0.968   -6.518  14.597  1.00 34.24 ? 3103 HOH B O   1 
HETATM 637 O  O   . HOH D 3 .  ? 5.427   -7.109  8.565   1.00 55.01 ? 3104 HOH B O   1 
HETATM 638 O  O   . HOH D 3 .  ? 7.683   -9.914  15.071  1.00 41.43 ? 3105 HOH B O   1 
HETATM 639 O  O   . HOH D 3 .  ? -11.860 -0.848  -19.741 1.00 42.00 ? 3106 HOH B O   1 
HETATM 640 O  O   . HOH D 3 .  ? -5.754  2.100   14.040  1.00 29.83 ? 3107 HOH B O   1 
HETATM 641 O  O   . HOH D 3 .  ? 12.219  2.972   5.338   1.00 28.05 ? 3108 HOH B O   1 
HETATM 642 O  O   . HOH D 3 .  ? 4.516   -7.377  23.835  1.00 33.95 ? 3109 HOH B O   1 
HETATM 643 O  O   . HOH D 3 .  ? 11.656  -6.015  18.091  1.00 47.83 ? 3110 HOH B O   1 
HETATM 644 O  O   . HOH D 3 .  ? -6.177  4.335   12.498  1.00 36.95 ? 3111 HOH B O   1 
HETATM 645 O  O   . HOH D 3 .  ? -9.317  5.144   23.810  1.00 49.63 ? 3112 HOH B O   1 
HETATM 646 O  O   . HOH D 3 .  ? 3.571   4.693   -20.355 1.00 47.31 ? 3113 HOH B O   1 
HETATM 647 O  O   . HOH D 3 .  ? -1.307  -10.194 -14.482 1.00 49.80 ? 3114 HOH B O   1 
HETATM 648 O  O   . HOH D 3 .  ? 3.479   -1.666  4.814   1.00 31.18 ? 3115 HOH B O   1 
HETATM 649 O  O   . HOH D 3 .  ? -3.559  -3.974  17.664  1.00 29.30 ? 3116 HOH B O   1 
HETATM 650 O  O   . HOH D 3 .  ? -6.279  -5.804  22.543  1.00 40.29 ? 3117 HOH B O   1 
HETATM 651 O  O   . HOH D 3 .  ? 7.273   -2.761  7.254   1.00 54.55 ? 3118 HOH B O   1 
HETATM 652 O  O   . HOH D 3 .  ? -4.239  1.738   -6.673  1.00 51.52 ? 3119 HOH B O   1 
HETATM 653 O  O   . HOH D 3 .  ? -0.373  -5.327  17.984  1.00 39.70 ? 3120 HOH B O   1 
HETATM 654 O  O   . HOH D 3 .  ? 4.495   5.470   25.440  1.00 42.17 ? 3121 HOH B O   1 
HETATM 655 O  O   . HOH D 3 .  ? 5.141   -10.370 9.446   1.00 56.27 ? 3122 HOH B O   1 
HETATM 656 O  O   . HOH D 3 .  ? -0.385  -9.530  16.694  1.00 35.43 ? 3123 HOH B O   1 
HETATM 657 O  O   . HOH D 3 .  ? -8.556  -2.141  -11.487 1.00 42.85 ? 3124 HOH B O   1 
HETATM 658 O  O   . HOH D 3 .  ? 0.708   4.367   8.882   1.00 46.77 ? 3125 HOH B O   1 
HETATM 659 O  O   . HOH D 3 .  ? 5.811   8.446   -16.194 1.00 28.59 ? 3126 HOH B O   1 
HETATM 660 O  O   . HOH D 3 .  ? 1.234   7.238   -20.203 1.00 52.36 ? 3127 HOH B O   1 
HETATM 661 O  O   . HOH D 3 .  ? 3.228   -3.172  -14.165 1.00 36.21 ? 3128 HOH B O   1 
HETATM 662 O  O   . HOH D 3 .  ? -2.052  8.894   13.649  1.00 34.02 ? 3129 HOH B O   1 
HETATM 663 O  O   . HOH D 3 .  ? -7.075  -9.109  -13.957 1.00 44.80 ? 3130 HOH B O   1 
HETATM 664 O  O   . HOH D 3 .  ? -5.756  11.096  19.779  1.00 62.55 ? 3131 HOH B O   1 
HETATM 665 O  O   . HOH D 3 .  ? 2.179   -8.650  -14.636 1.00 53.51 ? 3132 HOH B O   1 
HETATM 666 O  O   . HOH D 3 .  ? 9.252   5.009   19.638  1.00 43.05 ? 3133 HOH B O   1 
HETATM 667 O  O   . HOH D 3 .  ? 9.455   1.326   1.114   1.00 53.67 ? 3134 HOH B O   1 
HETATM 668 O  O   . HOH D 3 .  ? -0.758  -6.567  16.311  1.00 39.15 ? 3135 HOH B O   1 
# 
